data_5VEA
# 
_entry.id   5VEA 
# 
_audit_conform.dict_name       mmcif_pdbx.dic 
_audit_conform.dict_version    5.379 
_audit_conform.dict_location   http://mmcif.pdb.org/dictionaries/ascii/mmcif_pdbx.dic 
# 
loop_
_database_2.database_id 
_database_2.database_code 
_database_2.pdbx_database_accession 
_database_2.pdbx_DOI 
PDB   5VEA         pdb_00005vea 10.2210/pdb5vea/pdb 
WWPDB D_1000227229 ?            ?                   
# 
loop_
_pdbx_database_related.db_name 
_pdbx_database_related.details 
_pdbx_database_related.db_id 
_pdbx_database_related.content_type 
PDB 'This structure represents an initial structure on which compound design was built for 5TO9' 5TO9 unspecified 
PDB 'This structure represents an initial structure on which compound design was built for 5VCK' 5VCK unspecified 
# 
_pdbx_database_status.status_code                     REL 
_pdbx_database_status.status_code_sf                  REL 
_pdbx_database_status.status_code_mr                  ? 
_pdbx_database_status.entry_id                        5VEA 
_pdbx_database_status.recvd_initial_deposition_date   2017-04-04 
_pdbx_database_status.SG_entry                        N 
_pdbx_database_status.deposit_site                    RCSB 
_pdbx_database_status.process_site                    RCSB 
_pdbx_database_status.status_code_cs                  ? 
_pdbx_database_status.methods_development_category    ? 
_pdbx_database_status.pdb_format_compatible           Y 
_pdbx_database_status.status_code_nmr_data            ? 
# 
_audit_author.name               'Stout, C.D.' 
_audit_author.pdbx_ordinal       1 
_audit_author.identifier_ORCID   ? 
# 
_citation.abstract                  ? 
_citation.abstract_id_CAS           ? 
_citation.book_id_ISBN              ? 
_citation.book_publisher            ? 
_citation.book_publisher_city       ? 
_citation.book_title                ? 
_citation.coordinate_linkage        ? 
_citation.country                   ? 
_citation.database_id_Medline       ? 
_citation.details                   ? 
_citation.id                        primary 
_citation.journal_abbrev            'to be published' 
_citation.journal_id_ASTM           ? 
_citation.journal_id_CSD            0353 
_citation.journal_id_ISSN           ? 
_citation.journal_full              ? 
_citation.journal_issue             ? 
_citation.journal_volume            ? 
_citation.language                  ? 
_citation.page_first                ? 
_citation.page_last                 ? 
_citation.title                     'Fragment-based campaign for the identification of potential exosite binders of HIV-1 Protease' 
_citation.year                      ? 
_citation.database_id_CSD           ? 
_citation.pdbx_database_id_DOI      ? 
_citation.pdbx_database_id_PubMed   ? 
_citation.unpublished_flag          ? 
# 
loop_
_citation_author.citation_id 
_citation_author.name 
_citation_author.ordinal 
_citation_author.identifier_ORCID 
primary 'Forli, S.'       1  ? 
primary 'Tiefenbrunn, T.' 2  ? 
primary 'Baksh, M.M.'     3  ? 
primary 'Chang, M.W.'     4  ? 
primary 'Perryman, A.'    5  ? 
primary 'Garg, D.'        6  ? 
primary 'Happer, M.'      7  ? 
primary 'Lin, Y.-C.'      8  ? 
primary 'Goodsell, D.'    9  ? 
primary 'Angelina, E.L.'  10 ? 
primary 'De Vera, I.'     11 ? 
primary 'Kojetin, D.'     12 ? 
primary 'Torbett, B.E.'   13 ? 
primary 'Finn, M.G.'      14 ? 
primary 'Elder, J.'       15 ? 
primary 'Stout, C.D.'     16 ? 
primary 'Olson, A.'       17 ? 
# 
_cell.angle_alpha                  90.000 
_cell.angle_alpha_esd              ? 
_cell.angle_beta                   90.000 
_cell.angle_beta_esd               ? 
_cell.angle_gamma                  120.000 
_cell.angle_gamma_esd              ? 
_cell.entry_id                     5VEA 
_cell.details                      ? 
_cell.formula_units_Z              ? 
_cell.length_a                     62.763 
_cell.length_a_esd                 ? 
_cell.length_b                     62.763 
_cell.length_b_esd                 ? 
_cell.length_c                     82.238 
_cell.length_c_esd                 ? 
_cell.volume                       ? 
_cell.volume_esd                   ? 
_cell.Z_PDB                        12 
_cell.reciprocal_angle_alpha       ? 
_cell.reciprocal_angle_beta        ? 
_cell.reciprocal_angle_gamma       ? 
_cell.reciprocal_angle_alpha_esd   ? 
_cell.reciprocal_angle_beta_esd    ? 
_cell.reciprocal_angle_gamma_esd   ? 
_cell.reciprocal_length_a          ? 
_cell.reciprocal_length_b          ? 
_cell.reciprocal_length_c          ? 
_cell.reciprocal_length_a_esd      ? 
_cell.reciprocal_length_b_esd      ? 
_cell.reciprocal_length_c_esd      ? 
_cell.pdbx_unique_axis             ? 
# 
_symmetry.entry_id                         5VEA 
_symmetry.cell_setting                     ? 
_symmetry.Int_Tables_number                178 
_symmetry.space_group_name_Hall            ? 
_symmetry.space_group_name_H-M             'P 61 2 2' 
_symmetry.pdbx_full_space_group_name_H-M   ? 
# 
loop_
_entity.id 
_entity.type 
_entity.src_method 
_entity.pdbx_description 
_entity.formula_weight 
_entity.pdbx_number_of_molecules 
_entity.pdbx_ec 
_entity.pdbx_mutation 
_entity.pdbx_fragment 
_entity.details 
1 polymer     man 'HIV-1 protease' 10831.833 1  3.4.23.16 Q7K ? ? 
2 non-polymer syn 
;benzyl [(1S,4S,7S,8R,9R,10S,13S,16S)-7,10-dibenzyl-8,9-dihydroxy-1,16-dimethyl-4,13-bis(1-methylethyl)-2,5,12,15,18-pentaoxo-20-phenyl-19-oxa-3,6,11,14,17-pentaazaicos-1-yl]carbamate
;
909.077   1  ?         ?   ? ? 
3 non-polymer syn 4-methylbenzene-1,2-diamine 122.168   1  ?         ?   ? ? 
4 non-polymer syn 'DIMETHYL SULFOXIDE' 78.133    3  ?         ?   ? ? 
5 water       nat water 18.015    47 ?         ?   ? ? 
# 
_entity_poly.entity_id                      1 
_entity_poly.type                           'polypeptide(L)' 
_entity_poly.nstd_linkage                   no 
_entity_poly.nstd_monomer                   no 
_entity_poly.pdbx_seq_one_letter_code       
;PQITLWKRPLVTIKIGGQLKEALLDTGADDTVLEEMNLPGRWKPKMIGGIGGFIKVRQYDQILIEICGHKAIGTVLVGPT
PVNIIGRNLLTQIGCTLNF
;
_entity_poly.pdbx_seq_one_letter_code_can   
;PQITLWKRPLVTIKIGGQLKEALLDTGADDTVLEEMNLPGRWKPKMIGGIGGFIKVRQYDQILIEICGHKAIGTVLVGPT
PVNIIGRNLLTQIGCTLNF
;
_entity_poly.pdbx_strand_id                 A 
_entity_poly.pdbx_target_identifier         ? 
# 
loop_
_entity_poly_seq.entity_id 
_entity_poly_seq.num 
_entity_poly_seq.mon_id 
_entity_poly_seq.hetero 
1 1  PRO n 
1 2  GLN n 
1 3  ILE n 
1 4  THR n 
1 5  LEU n 
1 6  TRP n 
1 7  LYS n 
1 8  ARG n 
1 9  PRO n 
1 10 LEU n 
1 11 VAL n 
1 12 THR n 
1 13 ILE n 
1 14 LYS n 
1 15 ILE n 
1 16 GLY n 
1 17 GLY n 
1 18 GLN n 
1 19 LEU n 
1 20 LYS n 
1 21 GLU n 
1 22 ALA n 
1 23 LEU n 
1 24 LEU n 
1 25 ASP n 
1 26 THR n 
1 27 GLY n 
1 28 ALA n 
1 29 ASP n 
1 30 ASP n 
1 31 THR n 
1 32 VAL n 
1 33 LEU n 
1 34 GLU n 
1 35 GLU n 
1 36 MET n 
1 37 ASN n 
1 38 LEU n 
1 39 PRO n 
1 40 GLY n 
1 41 ARG n 
1 42 TRP n 
1 43 LYS n 
1 44 PRO n 
1 45 LYS n 
1 46 MET n 
1 47 ILE n 
1 48 GLY n 
1 49 GLY n 
1 50 ILE n 
1 51 GLY n 
1 52 GLY n 
1 53 PHE n 
1 54 ILE n 
1 55 LYS n 
1 56 VAL n 
1 57 ARG n 
1 58 GLN n 
1 59 TYR n 
1 60 ASP n 
1 61 GLN n 
1 62 ILE n 
1 63 LEU n 
1 64 ILE n 
1 65 GLU n 
1 66 ILE n 
1 67 CYS n 
1 68 GLY n 
1 69 HIS n 
1 70 LYS n 
1 71 ALA n 
1 72 ILE n 
1 73 GLY n 
1 74 THR n 
1 75 VAL n 
1 76 LEU n 
1 77 VAL n 
1 78 GLY n 
1 79 PRO n 
1 80 THR n 
1 81 PRO n 
1 82 VAL n 
1 83 ASN n 
1 84 ILE n 
1 85 ILE n 
1 86 GLY n 
1 87 ARG n 
1 88 ASN n 
1 89 LEU n 
1 90 LEU n 
1 91 THR n 
1 92 GLN n 
1 93 ILE n 
1 94 GLY n 
1 95 CYS n 
1 96 THR n 
1 97 LEU n 
1 98 ASN n 
1 99 PHE n 
# 
_entity_src_gen.entity_id                          1 
_entity_src_gen.pdbx_src_id                        1 
_entity_src_gen.pdbx_alt_source_flag               sample 
_entity_src_gen.pdbx_seq_type                      'Biological sequence' 
_entity_src_gen.pdbx_beg_seq_num                   1 
_entity_src_gen.pdbx_end_seq_num                   99 
_entity_src_gen.gene_src_common_name               ? 
_entity_src_gen.gene_src_genus                     ? 
_entity_src_gen.pdbx_gene_src_gene                 pol 
_entity_src_gen.gene_src_species                   ? 
_entity_src_gen.gene_src_strain                    R8 
_entity_src_gen.gene_src_tissue                    ? 
_entity_src_gen.gene_src_tissue_fraction           ? 
_entity_src_gen.gene_src_details                   ? 
_entity_src_gen.pdbx_gene_src_fragment             ? 
_entity_src_gen.pdbx_gene_src_scientific_name      'Human immunodeficiency virus 1' 
_entity_src_gen.pdbx_gene_src_ncbi_taxonomy_id     11676 
_entity_src_gen.pdbx_gene_src_variant              ? 
_entity_src_gen.pdbx_gene_src_cell_line            ? 
_entity_src_gen.pdbx_gene_src_atcc                 ? 
_entity_src_gen.pdbx_gene_src_organ                ? 
_entity_src_gen.pdbx_gene_src_organelle            ? 
_entity_src_gen.pdbx_gene_src_cell                 ? 
_entity_src_gen.pdbx_gene_src_cellular_location    ? 
_entity_src_gen.host_org_common_name               ? 
_entity_src_gen.pdbx_host_org_scientific_name      'Escherichia coli' 
_entity_src_gen.pdbx_host_org_ncbi_taxonomy_id     469008 
_entity_src_gen.host_org_genus                     ? 
_entity_src_gen.pdbx_host_org_gene                 ? 
_entity_src_gen.pdbx_host_org_organ                ? 
_entity_src_gen.host_org_species                   ? 
_entity_src_gen.pdbx_host_org_tissue               ? 
_entity_src_gen.pdbx_host_org_tissue_fraction      ? 
_entity_src_gen.pdbx_host_org_strain               'Bl21(DE3)' 
_entity_src_gen.pdbx_host_org_variant              ? 
_entity_src_gen.pdbx_host_org_cell_line            ? 
_entity_src_gen.pdbx_host_org_atcc                 ? 
_entity_src_gen.pdbx_host_org_culture_collection   ? 
_entity_src_gen.pdbx_host_org_cell                 ? 
_entity_src_gen.pdbx_host_org_organelle            ? 
_entity_src_gen.pdbx_host_org_cellular_location    ? 
_entity_src_gen.pdbx_host_org_vector_type          plasmid 
_entity_src_gen.pdbx_host_org_vector               ? 
_entity_src_gen.host_org_details                   ? 
_entity_src_gen.expression_system_id               ? 
_entity_src_gen.plasmid_name                       'PET 21A+' 
_entity_src_gen.plasmid_details                    ? 
_entity_src_gen.pdbx_description                   ? 
# 
_struct_ref.id                         1 
_struct_ref.db_name                    UNP 
_struct_ref.db_code                    Q72863_9HIV1 
_struct_ref.pdbx_db_accession          Q72863 
_struct_ref.pdbx_db_isoform            ? 
_struct_ref.entity_id                  1 
_struct_ref.pdbx_seq_one_letter_code   
;PQITLWQRPLVTIKIGGQLKEALLDTGADDTVLEEMNLPGRWKPKMIGGIGGFIKVRQYDQILIEICGHKAIGTVLVGPT
PVNIIGRNLLTQIGCTLNF
;
_struct_ref.pdbx_align_begin           9 
# 
_struct_ref_seq.align_id                      1 
_struct_ref_seq.ref_id                        1 
_struct_ref_seq.pdbx_PDB_id_code              5VEA 
_struct_ref_seq.pdbx_strand_id                A 
_struct_ref_seq.seq_align_beg                 1 
_struct_ref_seq.pdbx_seq_align_beg_ins_code   ? 
_struct_ref_seq.seq_align_end                 99 
_struct_ref_seq.pdbx_seq_align_end_ins_code   ? 
_struct_ref_seq.pdbx_db_accession             Q72863 
_struct_ref_seq.db_align_beg                  9 
_struct_ref_seq.pdbx_db_align_beg_ins_code    ? 
_struct_ref_seq.db_align_end                  107 
_struct_ref_seq.pdbx_db_align_end_ins_code    ? 
_struct_ref_seq.pdbx_auth_seq_align_beg       1 
_struct_ref_seq.pdbx_auth_seq_align_end       99 
# 
_struct_ref_seq_dif.align_id                     1 
_struct_ref_seq_dif.pdbx_pdb_id_code             5VEA 
_struct_ref_seq_dif.mon_id                       LYS 
_struct_ref_seq_dif.pdbx_pdb_strand_id           A 
_struct_ref_seq_dif.seq_num                      7 
_struct_ref_seq_dif.pdbx_pdb_ins_code            ? 
_struct_ref_seq_dif.pdbx_seq_db_name             UNP 
_struct_ref_seq_dif.pdbx_seq_db_accession_code   Q72863 
_struct_ref_seq_dif.db_mon_id                    GLN 
_struct_ref_seq_dif.pdbx_seq_db_seq_num          15 
_struct_ref_seq_dif.details                      'engineered mutation' 
_struct_ref_seq_dif.pdbx_auth_seq_num            7 
_struct_ref_seq_dif.pdbx_ordinal                 1 
# 
loop_
_chem_comp.id 
_chem_comp.type 
_chem_comp.mon_nstd_flag 
_chem_comp.name 
_chem_comp.pdbx_synonyms 
_chem_comp.formula 
_chem_comp.formula_weight 
3TL peptide-like        . 
;benzyl [(1S,4S,7S,8R,9R,10S,13S,16S)-7,10-dibenzyl-8,9-dihydroxy-1,16-dimethyl-4,13-bis(1-methylethyl)-2,5,12,15,18-pentaoxo-20-phenyl-19-oxa-3,6,11,14,17-pentaazaicos-1-yl]carbamate
;
'TL-3, C2 symmetric inhibitor' 'C50 H64 N6 O10' 909.077 
9AY non-polymer         . 4-methylbenzene-1,2-diamine ?                              'C7 H10 N2'      122.168 
ALA 'L-peptide linking' y ALANINE ?                              'C3 H7 N O2'     89.093  
ARG 'L-peptide linking' y ARGININE ?                              'C6 H15 N4 O2 1' 175.209 
ASN 'L-peptide linking' y ASPARAGINE ?                              'C4 H8 N2 O3'    132.118 
ASP 'L-peptide linking' y 'ASPARTIC ACID' ?                              'C4 H7 N O4'     133.103 
CYS 'L-peptide linking' y CYSTEINE ?                              'C3 H7 N O2 S'   121.158 
DMS non-polymer         . 'DIMETHYL SULFOXIDE' ?                              'C2 H6 O S'      78.133  
GLN 'L-peptide linking' y GLUTAMINE ?                              'C5 H10 N2 O3'   146.144 
GLU 'L-peptide linking' y 'GLUTAMIC ACID' ?                              'C5 H9 N O4'     147.129 
GLY 'peptide linking'   y GLYCINE ?                              'C2 H5 N O2'     75.067  
HIS 'L-peptide linking' y HISTIDINE ?                              'C6 H10 N3 O2 1' 156.162 
HOH non-polymer         . WATER ?                              'H2 O'           18.015  
ILE 'L-peptide linking' y ISOLEUCINE ?                              'C6 H13 N O2'    131.173 
LEU 'L-peptide linking' y LEUCINE ?                              'C6 H13 N O2'    131.173 
LYS 'L-peptide linking' y LYSINE ?                              'C6 H15 N2 O2 1' 147.195 
MET 'L-peptide linking' y METHIONINE ?                              'C5 H11 N O2 S'  149.211 
PHE 'L-peptide linking' y PHENYLALANINE ?                              'C9 H11 N O2'    165.189 
PRO 'L-peptide linking' y PROLINE ?                              'C5 H9 N O2'     115.130 
THR 'L-peptide linking' y THREONINE ?                              'C4 H9 N O3'     119.119 
TRP 'L-peptide linking' y TRYPTOPHAN ?                              'C11 H12 N2 O2'  204.225 
TYR 'L-peptide linking' y TYROSINE ?                              'C9 H11 N O3'    181.189 
VAL 'L-peptide linking' y VALINE ?                              'C5 H11 N O2'    117.146 
# 
_exptl.absorpt_coefficient_mu     ? 
_exptl.absorpt_correction_T_max   ? 
_exptl.absorpt_correction_T_min   ? 
_exptl.absorpt_correction_type    ? 
_exptl.absorpt_process_details    ? 
_exptl.entry_id                   5VEA 
_exptl.crystals_number            1 
_exptl.details                    ? 
_exptl.method                     'X-RAY DIFFRACTION' 
_exptl.method_details             ? 
# 
_exptl_crystal.colour                      ? 
_exptl_crystal.density_diffrn              ? 
_exptl_crystal.density_Matthews            2.16 
_exptl_crystal.density_method              ? 
_exptl_crystal.density_percent_sol         43.01 
_exptl_crystal.description                 ? 
_exptl_crystal.F_000                       ? 
_exptl_crystal.id                          1 
_exptl_crystal.preparation                 ? 
_exptl_crystal.size_max                    ? 
_exptl_crystal.size_mid                    ? 
_exptl_crystal.size_min                    ? 
_exptl_crystal.size_rad                    ? 
_exptl_crystal.colour_lustre               ? 
_exptl_crystal.colour_modifier             ? 
_exptl_crystal.colour_primary              ? 
_exptl_crystal.density_meas                ? 
_exptl_crystal.density_meas_esd            ? 
_exptl_crystal.density_meas_gt             ? 
_exptl_crystal.density_meas_lt             ? 
_exptl_crystal.density_meas_temp           ? 
_exptl_crystal.density_meas_temp_esd       ? 
_exptl_crystal.density_meas_temp_gt        ? 
_exptl_crystal.density_meas_temp_lt        ? 
_exptl_crystal.pdbx_crystal_image_url      ? 
_exptl_crystal.pdbx_crystal_image_format   ? 
_exptl_crystal.pdbx_mosaicity              ? 
_exptl_crystal.pdbx_mosaicity_esd          ? 
# 
_exptl_crystal_grow.apparatus       ? 
_exptl_crystal_grow.atmosphere      ? 
_exptl_crystal_grow.crystal_id      1 
_exptl_crystal_grow.details         ? 
_exptl_crystal_grow.method          'VAPOR DIFFUSION, SITTING DROP' 
_exptl_crystal_grow.method_ref      ? 
_exptl_crystal_grow.pH              5.8 
_exptl_crystal_grow.pressure        ? 
_exptl_crystal_grow.pressure_esd    ? 
_exptl_crystal_grow.seeding         ? 
_exptl_crystal_grow.seeding_ref     ? 
_exptl_crystal_grow.temp            298 
_exptl_crystal_grow.temp_details    ? 
_exptl_crystal_grow.temp_esd        ? 
_exptl_crystal_grow.time            ? 
_exptl_crystal_grow.pdbx_details    '0.5M KSCN, 0.1 M MES-HCl pH 5.8, 10% DMSO' 
_exptl_crystal_grow.pdbx_pH_range   ? 
# 
_diffrn.ambient_environment    ? 
_diffrn.ambient_temp           100 
_diffrn.ambient_temp_details   ? 
_diffrn.ambient_temp_esd       ? 
_diffrn.crystal_id             1 
_diffrn.crystal_support        ? 
_diffrn.crystal_treatment      ? 
_diffrn.details                ? 
_diffrn.id                     1 
_diffrn.ambient_pressure       ? 
_diffrn.ambient_pressure_esd   ? 
_diffrn.ambient_pressure_gt    ? 
_diffrn.ambient_pressure_lt    ? 
_diffrn.ambient_temp_gt        ? 
_diffrn.ambient_temp_lt        ? 
# 
_diffrn_detector.details                      ? 
_diffrn_detector.detector                     CCD 
_diffrn_detector.diffrn_id                    1 
_diffrn_detector.type                         'ADSC QUANTUM 315r' 
_diffrn_detector.area_resol_mean              ? 
_diffrn_detector.dtime                        ? 
_diffrn_detector.pdbx_frames_total            ? 
_diffrn_detector.pdbx_collection_time_total   ? 
_diffrn_detector.pdbx_collection_date         2008-02-12 
# 
_diffrn_radiation.collimation                      ? 
_diffrn_radiation.diffrn_id                        1 
_diffrn_radiation.filter_edge                      ? 
_diffrn_radiation.inhomogeneity                    ? 
_diffrn_radiation.monochromator                    ? 
_diffrn_radiation.polarisn_norm                    ? 
_diffrn_radiation.polarisn_ratio                   ? 
_diffrn_radiation.probe                            ? 
_diffrn_radiation.type                             ? 
_diffrn_radiation.xray_symbol                      ? 
_diffrn_radiation.wavelength_id                    1 
_diffrn_radiation.pdbx_monochromatic_or_laue_m_l   M 
_diffrn_radiation.pdbx_wavelength_list             ? 
_diffrn_radiation.pdbx_wavelength                  ? 
_diffrn_radiation.pdbx_diffrn_protocol             'SINGLE WAVELENGTH' 
_diffrn_radiation.pdbx_analyzer                    ? 
_diffrn_radiation.pdbx_scattering_type             x-ray 
# 
_diffrn_radiation_wavelength.id           1 
_diffrn_radiation_wavelength.wavelength   0.9794 
_diffrn_radiation_wavelength.wt           1.0 
# 
_diffrn_source.current                     ? 
_diffrn_source.details                     ? 
_diffrn_source.diffrn_id                   1 
_diffrn_source.power                       ? 
_diffrn_source.size                        ? 
_diffrn_source.source                      SYNCHROTRON 
_diffrn_source.target                      ? 
_diffrn_source.type                        'SSRL BEAMLINE BL7-1' 
_diffrn_source.voltage                     ? 
_diffrn_source.take-off_angle              ? 
_diffrn_source.pdbx_wavelength_list        0.9794 
_diffrn_source.pdbx_wavelength             ? 
_diffrn_source.pdbx_synchrotron_beamline   BL7-1 
_diffrn_source.pdbx_synchrotron_site       SSRL 
# 
_reflns.B_iso_Wilson_estimate            ? 
_reflns.entry_id                         5VEA 
_reflns.data_reduction_details           ? 
_reflns.data_reduction_method            ? 
_reflns.d_resolution_high                2.000 
_reflns.d_resolution_low                 32.793 
_reflns.details                          ? 
_reflns.limit_h_max                      ? 
_reflns.limit_h_min                      ? 
_reflns.limit_k_max                      ? 
_reflns.limit_k_min                      ? 
_reflns.limit_l_max                      ? 
_reflns.limit_l_min                      ? 
_reflns.number_all                       ? 
_reflns.number_obs                       6945 
_reflns.observed_criterion               ? 
_reflns.observed_criterion_F_max         ? 
_reflns.observed_criterion_F_min         ? 
_reflns.observed_criterion_I_max         ? 
_reflns.observed_criterion_I_min         ? 
_reflns.observed_criterion_sigma_F       ? 
_reflns.observed_criterion_sigma_I       ? 
_reflns.percent_possible_obs             100.000 
_reflns.R_free_details                   ? 
_reflns.Rmerge_F_all                     ? 
_reflns.Rmerge_F_obs                     ? 
_reflns.Friedel_coverage                 ? 
_reflns.number_gt                        ? 
_reflns.threshold_expression             ? 
_reflns.pdbx_redundancy                  9.400 
_reflns.pdbx_Rmerge_I_obs                0.097 
_reflns.pdbx_Rmerge_I_all                ? 
_reflns.pdbx_Rsym_value                  0.097 
_reflns.pdbx_netI_over_av_sigmaI         5.100 
_reflns.pdbx_netI_over_sigmaI            14.600 
_reflns.pdbx_res_netI_over_av_sigmaI_2   ? 
_reflns.pdbx_res_netI_over_sigmaI_2      ? 
_reflns.pdbx_chi_squared                 ? 
_reflns.pdbx_scaling_rejects             ? 
_reflns.pdbx_d_res_high_opt              ? 
_reflns.pdbx_d_res_low_opt               ? 
_reflns.pdbx_d_res_opt_method            ? 
_reflns.phase_calculation_details        ? 
_reflns.pdbx_Rrim_I_all                  0.103 
_reflns.pdbx_Rpim_I_all                  0.033 
_reflns.pdbx_d_opt                       ? 
_reflns.pdbx_number_measured_all         ? 
_reflns.pdbx_diffrn_id                   1 
_reflns.pdbx_ordinal                     1 
_reflns.pdbx_CC_half                     ? 
_reflns.pdbx_R_split                     ? 
# 
loop_
_reflns_shell.d_res_high 
_reflns_shell.d_res_low 
_reflns_shell.meanI_over_sigI_all 
_reflns_shell.meanI_over_sigI_obs 
_reflns_shell.number_measured_all 
_reflns_shell.number_measured_obs 
_reflns_shell.number_possible 
_reflns_shell.number_unique_all 
_reflns_shell.number_unique_obs 
_reflns_shell.percent_possible_all 
_reflns_shell.percent_possible_obs 
_reflns_shell.Rmerge_F_all 
_reflns_shell.Rmerge_F_obs 
_reflns_shell.Rmerge_I_all 
_reflns_shell.Rmerge_I_obs 
_reflns_shell.meanI_over_sigI_gt 
_reflns_shell.meanI_over_uI_all 
_reflns_shell.meanI_over_uI_gt 
_reflns_shell.number_measured_gt 
_reflns_shell.number_unique_gt 
_reflns_shell.percent_possible_gt 
_reflns_shell.Rmerge_F_gt 
_reflns_shell.Rmerge_I_gt 
_reflns_shell.pdbx_redundancy 
_reflns_shell.pdbx_Rsym_value 
_reflns_shell.pdbx_chi_squared 
_reflns_shell.pdbx_netI_over_sigmaI_all 
_reflns_shell.pdbx_netI_over_sigmaI_obs 
_reflns_shell.pdbx_Rrim_I_all 
_reflns_shell.pdbx_Rpim_I_all 
_reflns_shell.pdbx_rejects 
_reflns_shell.pdbx_ordinal 
_reflns_shell.pdbx_diffrn_id 
_reflns_shell.pdbx_CC_half 
_reflns_shell.pdbx_R_split 
2.000 2.050  ? 1.000  ? ? ? ? ? 100.000 ? ? ? ? 0.670 ? ? ? ? ? ? ? ? 9.800 0.670 ? ? ? 0.709 0.226 ? 1  1 ? ? 
2.050 2.110  ? 1.200  ? ? ? ? ? 100.000 ? ? ? ? 0.578 ? ? ? ? ? ? ? ? 9.700 0.578 ? ? ? 0.611 0.195 ? 2  1 ? ? 
2.110 2.170  ? 1.500  ? ? ? ? ? 100.000 ? ? ? ? 0.466 ? ? ? ? ? ? ? ? 9.800 0.466 ? ? ? 0.492 0.156 ? 3  1 ? ? 
2.170 2.240  ? 2.000  ? ? ? ? ? 100.000 ? ? ? ? 0.346 ? ? ? ? ? ? ? ? 9.700 0.346 ? ? ? 0.365 0.114 ? 4  1 ? ? 
2.240 2.310  ? 2.300  ? ? ? ? ? 100.000 ? ? ? ? 0.312 ? ? ? ? ? ? ? ? 9.700 0.312 ? ? ? 0.329 0.104 ? 5  1 ? ? 
2.310 2.390  ? 2.400  ? ? ? ? ? 100.000 ? ? ? ? 0.307 ? ? ? ? ? ? ? ? 9.600 0.307 ? ? ? 0.325 0.103 ? 6  1 ? ? 
2.390 2.480  ? 2.700  ? ? ? ? ? 100.000 ? ? ? ? 0.260 ? ? ? ? ? ? ? ? 9.600 0.260 ? ? ? 0.274 0.086 ? 7  1 ? ? 
2.480 2.580  ? 3.300  ? ? ? ? ? 100.000 ? ? ? ? 0.207 ? ? ? ? ? ? ? ? 9.600 0.207 ? ? ? 0.218 0.068 ? 8  1 ? ? 
2.580 2.700  ? 3.800  ? ? ? ? ? 100.000 ? ? ? ? 0.174 ? ? ? ? ? ? ? ? 9.500 0.174 ? ? ? 0.184 0.057 ? 9  1 ? ? 
2.700 2.830  ? 4.100  ? ? ? ? ? 100.000 ? ? ? ? 0.146 ? ? ? ? ? ? ? ? 9.500 0.146 ? ? ? 0.154 0.048 ? 10 1 ? ? 
2.830 2.980  ? 4.900  ? ? ? ? ? 100.000 ? ? ? ? 0.124 ? ? ? ? ? ? ? ? 9.300 0.124 ? ? ? 0.131 0.042 ? 11 1 ? ? 
2.980 3.160  ? 5.900  ? ? ? ? ? 100.000 ? ? ? ? 0.104 ? ? ? ? ? ? ? ? 9.300 0.104 ? ? ? 0.110 0.034 ? 12 1 ? ? 
3.160 3.380  ? 6.700  ? ? ? ? ? 100.000 ? ? ? ? 0.088 ? ? ? ? ? ? ? ? 9.300 0.088 ? ? ? 0.093 0.029 ? 13 1 ? ? 
3.380 3.650  ? 6.700  ? ? ? ? ? 99.900  ? ? ? ? 0.077 ? ? ? ? ? ? ? ? 9.100 0.077 ? ? ? 0.082 0.027 ? 14 1 ? ? 
3.650 4.000  ? 8.400  ? ? ? ? ? 100.000 ? ? ? ? 0.063 ? ? ? ? ? ? ? ? 8.800 0.063 ? ? ? 0.067 0.022 ? 15 1 ? ? 
4.000 4.470  ? 11.700 ? ? ? ? ? 100.000 ? ? ? ? 0.047 ? ? ? ? ? ? ? ? 8.500 0.047 ? ? ? 0.051 0.017 ? 16 1 ? ? 
4.470 5.160  ? 12.100 ? ? ? ? ? 99.700  ? ? ? ? 0.045 ? ? ? ? ? ? ? ? 8.400 0.045 ? ? ? 0.048 0.016 ? 17 1 ? ? 
5.160 6.320  ? 12.300 ? ? ? ? ? 100.000 ? ? ? ? 0.048 ? ? ? ? ? ? ? ? 8.900 0.048 ? ? ? 0.050 0.016 ? 18 1 ? ? 
6.320 8.940  ? 9.000  ? ? ? ? ? 100.000 ? ? ? ? 0.056 ? ? ? ? ? ? ? ? 8.400 0.056 ? ? ? 0.060 0.022 ? 19 1 ? ? 
8.940 41.119 ? 7.400  ? ? ? ? ? 98.300  ? ? ? ? 0.062 ? ? ? ? ? ? ? ? 6.600 0.062 ? ? ? 0.066 0.023 ? 20 1 ? ? 
# 
_refine.aniso_B[1][1]                            0.0200 
_refine.aniso_B[1][2]                            0.0100 
_refine.aniso_B[1][3]                            0.0000 
_refine.aniso_B[2][2]                            0.0200 
_refine.aniso_B[2][3]                            0.0000 
_refine.aniso_B[3][3]                            -0.0300 
_refine.B_iso_max                                80.660 
_refine.B_iso_mean                               33.4390 
_refine.B_iso_min                                14.690 
_refine.correlation_coeff_Fo_to_Fc               0.9470 
_refine.correlation_coeff_Fo_to_Fc_free          0.9360 
_refine.details                                  'HYDROGENS HAVE BEEN ADDED IN THE RIDING POSITIONS' 
_refine.diff_density_max                         ? 
_refine.diff_density_max_esd                     ? 
_refine.diff_density_min                         ? 
_refine.diff_density_min_esd                     ? 
_refine.diff_density_rms                         ? 
_refine.diff_density_rms_esd                     ? 
_refine.entry_id                                 5VEA 
_refine.pdbx_refine_id                           'X-RAY DIFFRACTION' 
_refine.ls_abs_structure_details                 ? 
_refine.ls_abs_structure_Flack                   ? 
_refine.ls_abs_structure_Flack_esd               ? 
_refine.ls_abs_structure_Rogers                  ? 
_refine.ls_abs_structure_Rogers_esd              ? 
_refine.ls_d_res_high                            2.0000 
_refine.ls_d_res_low                             31.3900 
_refine.ls_extinction_coef                       ? 
_refine.ls_extinction_coef_esd                   ? 
_refine.ls_extinction_expression                 ? 
_refine.ls_extinction_method                     ? 
_refine.ls_goodness_of_fit_all                   ? 
_refine.ls_goodness_of_fit_all_esd               ? 
_refine.ls_goodness_of_fit_obs                   ? 
_refine.ls_goodness_of_fit_obs_esd               ? 
_refine.ls_hydrogen_treatment                    ? 
_refine.ls_matrix_type                           ? 
_refine.ls_number_constraints                    ? 
_refine.ls_number_parameters                     ? 
_refine.ls_number_reflns_all                     ? 
_refine.ls_number_reflns_obs                     6578 
_refine.ls_number_reflns_R_free                  328 
_refine.ls_number_reflns_R_work                  ? 
_refine.ls_number_restraints                     ? 
_refine.ls_percent_reflns_obs                    100.0000 
_refine.ls_percent_reflns_R_free                 4.7000 
_refine.ls_R_factor_all                          ? 
_refine.ls_R_factor_obs                          0.2178 
_refine.ls_R_factor_R_free                       0.2799 
_refine.ls_R_factor_R_free_error                 ? 
_refine.ls_R_factor_R_free_error_details         ? 
_refine.ls_R_factor_R_work                       0.2148 
_refine.ls_R_Fsqd_factor_obs                     ? 
_refine.ls_R_I_factor_obs                        ? 
_refine.ls_redundancy_reflns_all                 ? 
_refine.ls_redundancy_reflns_obs                 ? 
_refine.ls_restrained_S_all                      ? 
_refine.ls_restrained_S_obs                      ? 
_refine.ls_shift_over_esd_max                    ? 
_refine.ls_shift_over_esd_mean                   ? 
_refine.ls_structure_factor_coef                 ? 
_refine.ls_weighting_details                     ? 
_refine.ls_weighting_scheme                      ? 
_refine.ls_wR_factor_all                         ? 
_refine.ls_wR_factor_obs                         ? 
_refine.ls_wR_factor_R_free                      ? 
_refine.ls_wR_factor_R_work                      ? 
_refine.occupancy_max                            ? 
_refine.occupancy_min                            ? 
_refine.solvent_model_details                    ? 
_refine.solvent_model_param_bsol                 ? 
_refine.solvent_model_param_ksol                 ? 
_refine.ls_R_factor_gt                           ? 
_refine.ls_goodness_of_fit_gt                    ? 
_refine.ls_goodness_of_fit_ref                   ? 
_refine.ls_shift_over_su_max                     ? 
_refine.ls_shift_over_su_max_lt                  ? 
_refine.ls_shift_over_su_mean                    ? 
_refine.ls_shift_over_su_mean_lt                 ? 
_refine.pdbx_ls_sigma_I                          ? 
_refine.pdbx_ls_sigma_F                          0.000 
_refine.pdbx_ls_sigma_Fsqd                       ? 
_refine.pdbx_data_cutoff_high_absF               ? 
_refine.pdbx_data_cutoff_high_rms_absF           ? 
_refine.pdbx_data_cutoff_low_absF                ? 
_refine.pdbx_isotropic_thermal_model             ? 
_refine.pdbx_ls_cross_valid_method               THROUGHOUT 
_refine.pdbx_method_to_determine_struct          'MOLECULAR REPLACEMENT' 
_refine.pdbx_starting_model                      2AZ8 
_refine.pdbx_stereochemistry_target_values       ? 
_refine.pdbx_R_Free_selection_details            RANDOM 
_refine.pdbx_stereochem_target_val_spec_case     ? 
_refine.pdbx_overall_ESU_R                       0.2320 
_refine.pdbx_overall_ESU_R_Free                  0.2070 
_refine.pdbx_solvent_vdw_probe_radii             1.2000 
_refine.pdbx_solvent_ion_probe_radii             0.8000 
_refine.pdbx_solvent_shrinkage_radii             0.8000 
_refine.pdbx_real_space_R                        ? 
_refine.pdbx_density_correlation                 ? 
_refine.pdbx_pd_number_of_powder_patterns        ? 
_refine.pdbx_pd_number_of_points                 ? 
_refine.pdbx_pd_meas_number_of_points            ? 
_refine.pdbx_pd_proc_ls_prof_R_factor            ? 
_refine.pdbx_pd_proc_ls_prof_wR_factor           ? 
_refine.pdbx_pd_Marquardt_correlation_coeff      ? 
_refine.pdbx_pd_Fsqrd_R_factor                   ? 
_refine.pdbx_pd_ls_matrix_band_width             ? 
_refine.pdbx_overall_phase_error                 ? 
_refine.pdbx_overall_SU_R_free_Cruickshank_DPI   ? 
_refine.pdbx_overall_SU_R_free_Blow_DPI          ? 
_refine.pdbx_overall_SU_R_Blow_DPI               ? 
_refine.pdbx_TLS_residual_ADP_flag               ? 
_refine.pdbx_diffrn_id                           1 
_refine.overall_SU_B                             6.2440 
_refine.overall_SU_ML                            0.1720 
_refine.overall_SU_R_Cruickshank_DPI             0.2317 
_refine.overall_SU_R_free                        ? 
_refine.overall_FOM_free_R_set                   ? 
_refine.overall_FOM_work_R_set                   ? 
_refine.pdbx_average_fsc_overall                 ? 
_refine.pdbx_average_fsc_work                    ? 
_refine.pdbx_average_fsc_free                    ? 
# 
_refine_hist.cycle_id                         final 
_refine_hist.pdbx_refine_id                   'X-RAY DIFFRACTION' 
_refine_hist.d_res_high                       2.0000 
_refine_hist.d_res_low                        31.3900 
_refine_hist.pdbx_number_atoms_ligand         54 
_refine_hist.number_atoms_solvent             47 
_refine_hist.number_atoms_total               860 
_refine_hist.pdbx_number_residues_total       99 
_refine_hist.pdbx_B_iso_mean_ligand           44.96 
_refine_hist.pdbx_B_iso_mean_solvent          41.80 
_refine_hist.pdbx_number_atoms_protein        759 
_refine_hist.pdbx_number_atoms_nucleic_acid   0 
# 
loop_
_refine_ls_restr.pdbx_refine_id 
_refine_ls_restr.criterion 
_refine_ls_restr.dev_ideal 
_refine_ls_restr.dev_ideal_target 
_refine_ls_restr.number 
_refine_ls_restr.rejects 
_refine_ls_restr.type 
_refine_ls_restr.weight 
_refine_ls_restr.pdbx_restraint_function 
'X-RAY DIFFRACTION' ? 0.027  0.021  937  ? r_bond_refined_d         ? ? 
'X-RAY DIFFRACTION' ? 2.195  1.995  1434 ? r_angle_refined_deg      ? ? 
'X-RAY DIFFRACTION' ? 7.061  7.500  200  ? r_dihedral_angle_1_deg   ? ? 
'X-RAY DIFFRACTION' ? 43.250 24.643 28   ? r_dihedral_angle_2_deg   ? ? 
'X-RAY DIFFRACTION' ? 17.103 15.000 145  ? r_dihedral_angle_3_deg   ? ? 
'X-RAY DIFFRACTION' ? 15.719 15.000 4    ? r_dihedral_angle_4_deg   ? ? 
'X-RAY DIFFRACTION' ? 0.148  0.200  129  ? r_chiral_restr           ? ? 
'X-RAY DIFFRACTION' ? 0.008  0.020  1018 ? r_gen_planes_refined     ? ? 
'X-RAY DIFFRACTION' ? 0.277  0.200  359  ? r_nbd_refined            ? ? 
'X-RAY DIFFRACTION' ? 0.319  0.200  538  ? r_nbtor_refined          ? ? 
'X-RAY DIFFRACTION' ? 0.230  0.200  34   ? r_xyhbond_nbd_refined    ? ? 
'X-RAY DIFFRACTION' ? 0.357  0.200  80   ? r_symmetry_vdw_refined   ? ? 
'X-RAY DIFFRACTION' ? 0.296  0.200  7    ? r_symmetry_hbond_refined ? ? 
# 
_refine_ls_shell.pdbx_refine_id                   'X-RAY DIFFRACTION' 
_refine_ls_shell.d_res_high                       2.0010 
_refine_ls_shell.d_res_low                        2.0520 
_refine_ls_shell.number_reflns_all                486 
_refine_ls_shell.number_reflns_obs                ? 
_refine_ls_shell.number_reflns_R_free             22 
_refine_ls_shell.number_reflns_R_work             464 
_refine_ls_shell.percent_reflns_obs               100.0000 
_refine_ls_shell.percent_reflns_R_free            ? 
_refine_ls_shell.R_factor_all                     ? 
_refine_ls_shell.R_factor_obs                     ? 
_refine_ls_shell.R_factor_R_free                  0.3740 
_refine_ls_shell.R_factor_R_free_error            0.0000 
_refine_ls_shell.R_factor_R_work                  0.2780 
_refine_ls_shell.redundancy_reflns_all            ? 
_refine_ls_shell.redundancy_reflns_obs            ? 
_refine_ls_shell.wR_factor_all                    ? 
_refine_ls_shell.wR_factor_obs                    ? 
_refine_ls_shell.wR_factor_R_free                 ? 
_refine_ls_shell.wR_factor_R_work                 ? 
_refine_ls_shell.pdbx_total_number_of_bins_used   20 
_refine_ls_shell.pdbx_phase_error                 ? 
_refine_ls_shell.pdbx_fsc_work                    ? 
_refine_ls_shell.pdbx_fsc_free                    ? 
# 
_struct.entry_id                     5VEA 
_struct.title                        'HIV Protease (PR) with TL-3 in active site and 4-methylbenzene-1,2-diamine in exosite' 
_struct.pdbx_model_details           ? 
_struct.pdbx_formula_weight          ? 
_struct.pdbx_formula_weight_method   ? 
_struct.pdbx_model_type_details      ? 
_struct.pdbx_CASP_flag               N 
# 
_struct_keywords.entry_id        5VEA 
_struct_keywords.text            'protease, allostery, fragment binding, exosite, HYDROLASE' 
_struct_keywords.pdbx_keywords   HYDROLASE 
# 
loop_
_struct_asym.id 
_struct_asym.pdbx_blank_PDB_chainid_flag 
_struct_asym.pdbx_modified 
_struct_asym.entity_id 
_struct_asym.details 
A N N 1 ? 
B N N 2 ? 
C N N 3 ? 
D N N 4 ? 
E N N 4 ? 
F N N 4 ? 
G N N 5 ? 
# 
_struct_conf.conf_type_id            HELX_P 
_struct_conf.id                      HELX_P1 
_struct_conf.pdbx_PDB_helix_id       AA1 
_struct_conf.beg_label_comp_id       GLY 
_struct_conf.beg_label_asym_id       A 
_struct_conf.beg_label_seq_id        86 
_struct_conf.pdbx_beg_PDB_ins_code   ? 
_struct_conf.end_label_comp_id       THR 
_struct_conf.end_label_asym_id       A 
_struct_conf.end_label_seq_id        91 
_struct_conf.pdbx_end_PDB_ins_code   ? 
_struct_conf.beg_auth_comp_id        GLY 
_struct_conf.beg_auth_asym_id        A 
_struct_conf.beg_auth_seq_id         86 
_struct_conf.end_auth_comp_id        THR 
_struct_conf.end_auth_asym_id        A 
_struct_conf.end_auth_seq_id         91 
_struct_conf.pdbx_PDB_helix_class    1 
_struct_conf.details                 ? 
_struct_conf.pdbx_PDB_helix_length   6 
# 
_struct_conf_type.id          HELX_P 
_struct_conf_type.criteria    ? 
_struct_conf_type.reference   ? 
# 
_struct_sheet.id               AA1 
_struct_sheet.type             ? 
_struct_sheet.number_strands   8 
_struct_sheet.details          ? 
# 
loop_
_struct_sheet_order.sheet_id 
_struct_sheet_order.range_id_1 
_struct_sheet_order.range_id_2 
_struct_sheet_order.offset 
_struct_sheet_order.sense 
AA1 1 2 ? anti-parallel 
AA1 2 3 ? anti-parallel 
AA1 3 4 ? parallel      
AA1 4 5 ? anti-parallel 
AA1 5 6 ? parallel      
AA1 6 7 ? anti-parallel 
AA1 7 8 ? anti-parallel 
# 
loop_
_struct_sheet_range.sheet_id 
_struct_sheet_range.id 
_struct_sheet_range.beg_label_comp_id 
_struct_sheet_range.beg_label_asym_id 
_struct_sheet_range.beg_label_seq_id 
_struct_sheet_range.pdbx_beg_PDB_ins_code 
_struct_sheet_range.end_label_comp_id 
_struct_sheet_range.end_label_asym_id 
_struct_sheet_range.end_label_seq_id 
_struct_sheet_range.pdbx_end_PDB_ins_code 
_struct_sheet_range.beg_auth_comp_id 
_struct_sheet_range.beg_auth_asym_id 
_struct_sheet_range.beg_auth_seq_id 
_struct_sheet_range.end_auth_comp_id 
_struct_sheet_range.end_auth_asym_id 
_struct_sheet_range.end_auth_seq_id 
AA1 1 TRP A 42 ? GLY A 49 ? TRP A 42 GLY A 49 
AA1 2 GLY A 52 ? ILE A 66 ? GLY A 52 ILE A 66 
AA1 3 HIS A 69 ? VAL A 77 ? HIS A 69 VAL A 77 
AA1 4 VAL A 32 ? LEU A 33 ? VAL A 32 LEU A 33 
AA1 5 ILE A 84 ? ILE A 85 ? ILE A 84 ILE A 85 
AA1 6 GLN A 18 ? LEU A 24 ? GLN A 18 LEU A 24 
AA1 7 LEU A 10 ? ILE A 15 ? LEU A 10 ILE A 15 
AA1 8 GLY A 52 ? ILE A 66 ? GLY A 52 ILE A 66 
# 
loop_
_pdbx_struct_sheet_hbond.sheet_id 
_pdbx_struct_sheet_hbond.range_id_1 
_pdbx_struct_sheet_hbond.range_id_2 
_pdbx_struct_sheet_hbond.range_1_label_atom_id 
_pdbx_struct_sheet_hbond.range_1_label_comp_id 
_pdbx_struct_sheet_hbond.range_1_label_asym_id 
_pdbx_struct_sheet_hbond.range_1_label_seq_id 
_pdbx_struct_sheet_hbond.range_1_PDB_ins_code 
_pdbx_struct_sheet_hbond.range_1_auth_atom_id 
_pdbx_struct_sheet_hbond.range_1_auth_comp_id 
_pdbx_struct_sheet_hbond.range_1_auth_asym_id 
_pdbx_struct_sheet_hbond.range_1_auth_seq_id 
_pdbx_struct_sheet_hbond.range_2_label_atom_id 
_pdbx_struct_sheet_hbond.range_2_label_comp_id 
_pdbx_struct_sheet_hbond.range_2_label_asym_id 
_pdbx_struct_sheet_hbond.range_2_label_seq_id 
_pdbx_struct_sheet_hbond.range_2_PDB_ins_code 
_pdbx_struct_sheet_hbond.range_2_auth_atom_id 
_pdbx_struct_sheet_hbond.range_2_auth_comp_id 
_pdbx_struct_sheet_hbond.range_2_auth_asym_id 
_pdbx_struct_sheet_hbond.range_2_auth_seq_id 
AA1 1 2 N LYS A 45 ? N LYS A 45 O VAL A 56 ? O VAL A 56 
AA1 2 3 N ILE A 66 ? N ILE A 66 O HIS A 69 ? O HIS A 69 
AA1 3 4 O LEU A 76 ? O LEU A 76 N LEU A 33 ? N LEU A 33 
AA1 4 5 N VAL A 32 ? N VAL A 32 O ILE A 84 ? O ILE A 84 
AA1 5 6 O ILE A 85 ? O ILE A 85 N LEU A 23 ? N LEU A 23 
AA1 6 7 O ALA A 22 ? O ALA A 22 N VAL A 11 ? N VAL A 11 
AA1 7 8 N LYS A 14 ? N LYS A 14 O GLU A 65 ? O GLU A 65 
# 
loop_
_struct_site.id 
_struct_site.pdbx_evidence_code 
_struct_site.pdbx_auth_asym_id 
_struct_site.pdbx_auth_comp_id 
_struct_site.pdbx_auth_seq_id 
_struct_site.pdbx_auth_ins_code 
_struct_site.pdbx_num_residues 
_struct_site.details 
AC1 Software A 3TL 101 ? 17 'binding site for residue 3TL A 101' 
AC2 Software A 9AY 102 ? 6  'binding site for residue 9AY A 102' 
AC3 Software A DMS 103 ? 9  'binding site for residue DMS A 103' 
AC4 Software A DMS 104 ? 8  'binding site for residue DMS A 104' 
AC5 Software A DMS 105 ? 2  'binding site for residue DMS A 105' 
# 
loop_
_struct_site_gen.id 
_struct_site_gen.site_id 
_struct_site_gen.pdbx_num_res 
_struct_site_gen.label_comp_id 
_struct_site_gen.label_asym_id 
_struct_site_gen.label_seq_id 
_struct_site_gen.pdbx_auth_ins_code 
_struct_site_gen.auth_comp_id 
_struct_site_gen.auth_asym_id 
_struct_site_gen.auth_seq_id 
_struct_site_gen.label_atom_id 
_struct_site_gen.label_alt_id 
_struct_site_gen.symmetry 
_struct_site_gen.details 
1  AC1 17 ARG A 8  ? ARG A 8   . ? 7_555  ? 
2  AC1 17 ASP A 25 ? ASP A 25  . ? 7_555  ? 
3  AC1 17 ASP A 25 ? ASP A 25  . ? 1_555  ? 
4  AC1 17 GLY A 27 ? GLY A 27  . ? 1_555  ? 
5  AC1 17 ALA A 28 ? ALA A 28  . ? 1_555  ? 
6  AC1 17 ASP A 29 ? ASP A 29  . ? 1_555  ? 
7  AC1 17 ASP A 30 ? ASP A 30  . ? 1_555  ? 
8  AC1 17 MET A 46 ? MET A 46  . ? 1_555  ? 
9  AC1 17 ILE A 47 ? ILE A 47  . ? 1_555  ? 
10 AC1 17 GLY A 48 ? GLY A 48  . ? 1_555  ? 
11 AC1 17 GLY A 49 ? GLY A 49  . ? 1_555  ? 
12 AC1 17 ILE A 50 ? ILE A 50  . ? 7_555  ? 
13 AC1 17 ILE A 50 ? ILE A 50  . ? 1_555  ? 
14 AC1 17 PRO A 81 ? PRO A 81  . ? 7_555  ? 
15 AC1 17 ILE A 84 ? ILE A 84  . ? 1_555  ? 
16 AC1 17 HOH G .  ? HOH A 205 . ? 7_555  ? 
17 AC1 17 HOH G .  ? HOH A 205 . ? 1_555  ? 
18 AC2 6  PRO A 39 ? PRO A 39  . ? 1_555  ? 
19 AC2 6  ASP A 60 ? ASP A 60  . ? 1_555  ? 
20 AC2 6  GLN A 61 ? GLN A 61  . ? 1_555  ? 
21 AC2 6  ILE A 62 ? ILE A 62  . ? 1_555  ? 
22 AC2 6  DMS E .  ? DMS A 104 . ? 1_555  ? 
23 AC2 6  HOH G .  ? HOH A 247 . ? 3_564  ? 
24 AC3 9  THR A 12 ? THR A 12  . ? 1_555  ? 
25 AC3 9  THR A 12 ? THR A 12  . ? 12_565 ? 
26 AC3 9  ILE A 13 ? ILE A 13  . ? 1_555  ? 
27 AC3 9  LYS A 14 ? LYS A 14  . ? 1_555  ? 
28 AC3 9  LEU A 19 ? LEU A 19  . ? 1_555  ? 
29 AC3 9  GLU A 65 ? GLU A 65  . ? 1_555  ? 
30 AC3 9  ILE A 66 ? ILE A 66  . ? 1_555  ? 
31 AC3 9  CYS A 67 ? CYS A 67  . ? 1_555  ? 
32 AC3 9  GLY A 68 ? GLY A 68  . ? 1_555  ? 
33 AC4 8  PRO A 39 ? PRO A 39  . ? 1_555  ? 
34 AC4 8  GLN A 61 ? GLN A 61  . ? 1_555  ? 
35 AC4 8  ILE A 62 ? ILE A 62  . ? 1_555  ? 
36 AC4 8  LEU A 63 ? LEU A 63  . ? 1_555  ? 
37 AC4 8  LYS A 70 ? LYS A 70  . ? 10_664 ? 
38 AC4 8  9AY C .  ? 9AY A 102 . ? 1_555  ? 
39 AC4 8  HOH G .  ? HOH A 209 . ? 1_555  ? 
40 AC4 8  HOH G .  ? HOH A 233 . ? 10_664 ? 
41 AC5 2  GLY A 51 ? GLY A 51  . ? 12_555 ? 
42 AC5 2  ILE A 54 ? ILE A 54  . ? 5_554  ? 
# 
_atom_sites.entry_id                    5VEA 
_atom_sites.fract_transf_matrix[1][1]   0.00877837 
_atom_sites.fract_transf_matrix[1][2]   -0.01069294 
_atom_sites.fract_transf_matrix[1][3]   -0.01212779 
_atom_sites.fract_transf_matrix[2][1]   0.01339591 
_atom_sites.fract_transf_matrix[2][2]   0.00703819 
_atom_sites.fract_transf_matrix[2][3]   -0.01046422 
_atom_sites.fract_transf_matrix[3][1]   0.00818247 
_atom_sites.fract_transf_matrix[3][2]   -0.00292884 
_atom_sites.fract_transf_matrix[3][3]   0.00850498 
_atom_sites.fract_transf_vector[1]      0.304872 
_atom_sites.fract_transf_vector[2]      0.417733 
_atom_sites.fract_transf_vector[3]      0.057858 
# 
loop_
_atom_type.symbol 
C 
N 
O 
S 
# 
loop_
_atom_site.group_PDB 
_atom_site.id 
_atom_site.type_symbol 
_atom_site.label_atom_id 
_atom_site.label_alt_id 
_atom_site.label_comp_id 
_atom_site.label_asym_id 
_atom_site.label_entity_id 
_atom_site.label_seq_id 
_atom_site.pdbx_PDB_ins_code 
_atom_site.Cartn_x 
_atom_site.Cartn_y 
_atom_site.Cartn_z 
_atom_site.occupancy 
_atom_site.B_iso_or_equiv 
_atom_site.pdbx_formal_charge 
_atom_site.auth_seq_id 
_atom_site.auth_comp_id 
_atom_site.auth_asym_id 
_atom_site.auth_atom_id 
_atom_site.pdbx_PDB_model_num 
ATOM   1   N N   . PRO A 1 1  ? 15.334  -1.118  -7.891  1.00 49.93 ? 1   PRO A N   1 
ATOM   2   C CA  . PRO A 1 1  ? 16.491  -1.268  -6.983  1.00 49.54 ? 1   PRO A CA  1 
ATOM   3   C C   . PRO A 1 1  ? 16.530  -2.646  -6.246  1.00 49.59 ? 1   PRO A C   1 
ATOM   4   O O   . PRO A 1 1  ? 15.643  -3.499  -6.437  1.00 49.33 ? 1   PRO A O   1 
ATOM   5   C CB  . PRO A 1 1  ? 16.335  -0.094  -6.012  1.00 49.45 ? 1   PRO A CB  1 
ATOM   6   C CG  . PRO A 1 1  ? 14.861  0.428   -6.185  1.00 50.47 ? 1   PRO A CG  1 
ATOM   7   C CD  . PRO A 1 1  ? 14.208  -0.391  -7.282  1.00 49.22 ? 1   PRO A CD  1 
ATOM   8   N N   . GLN A 1 2  ? 17.572  -2.861  -5.450  1.00 49.67 ? 2   GLN A N   1 
ATOM   9   C CA  . GLN A 1 2  ? 17.659  -4.053  -4.607  1.00 49.20 ? 2   GLN A CA  1 
ATOM   10  C C   . GLN A 1 2  ? 17.622  -3.560  -3.183  1.00 47.40 ? 2   GLN A C   1 
ATOM   11  O O   . GLN A 1 2  ? 18.489  -2.806  -2.802  1.00 48.46 ? 2   GLN A O   1 
ATOM   12  C CB  . GLN A 1 2  ? 18.962  -4.828  -4.839  1.00 50.88 ? 2   GLN A CB  1 
ATOM   13  C CG  . GLN A 1 2  ? 19.127  -6.021  -3.865  1.00 51.40 ? 2   GLN A CG  1 
ATOM   14  C CD  . GLN A 1 2  ? 20.566  -6.472  -3.684  1.00 53.50 ? 2   GLN A CD  1 
ATOM   15  O OE1 . GLN A 1 2  ? 21.015  -7.437  -4.348  1.00 52.28 ? 2   GLN A OE1 1 
ATOM   16  N NE2 . GLN A 1 2  ? 21.321  -5.758  -2.787  1.00 56.07 ? 2   GLN A NE2 1 
ATOM   17  N N   . ILE A 1 3  ? 16.613  -3.973  -2.411  1.00 44.93 ? 3   ILE A N   1 
ATOM   18  C CA  . ILE A 1 3  ? 16.466  -3.517  -1.014  1.00 41.57 ? 3   ILE A CA  1 
ATOM   19  C C   . ILE A 1 3  ? 16.782  -4.669  -0.002  1.00 41.54 ? 3   ILE A C   1 
ATOM   20  O O   . ILE A 1 3  ? 16.278  -5.803  -0.142  1.00 39.49 ? 3   ILE A O   1 
ATOM   21  C CB  . ILE A 1 3  ? 15.072  -2.937  -0.787  1.00 41.47 ? 3   ILE A CB  1 
ATOM   22  C CG1 . ILE A 1 3  ? 14.833  -1.788  -1.797  1.00 40.03 ? 3   ILE A CG1 1 
ATOM   23  C CG2 . ILE A 1 3  ? 14.875  -2.539  0.652   1.00 38.28 ? 3   ILE A CG2 1 
ATOM   24  C CD1 . ILE A 1 3  ? 13.429  -1.289  -1.818  1.00 40.95 ? 3   ILE A CD1 1 
ATOM   25  N N   . THR A 1 4  ? 17.642  -4.374  0.981   1.00 40.30 ? 4   THR A N   1 
ATOM   26  C CA  . THR A 1 4  ? 18.014  -5.375  1.984   1.00 37.19 ? 4   THR A CA  1 
ATOM   27  C C   . THR A 1 4  ? 17.151  -5.126  3.206   1.00 35.75 ? 4   THR A C   1 
ATOM   28  O O   . THR A 1 4  ? 16.459  -4.113  3.293   1.00 36.48 ? 4   THR A O   1 
ATOM   29  C CB  . THR A 1 4  ? 19.557  -5.398  2.283   1.00 38.12 ? 4   THR A CB  1 
ATOM   30  O OG1 . THR A 1 4  ? 20.036  -4.077  2.259   1.00 31.62 ? 4   THR A OG1 1 
ATOM   31  C CG2 . THR A 1 4  ? 20.319  -6.215  1.212   1.00 39.44 ? 4   THR A CG2 1 
ATOM   32  N N   . LEU A 1 5  ? 17.155  -6.061  4.143   1.00 33.03 ? 5   LEU A N   1 
ATOM   33  C CA  . LEU A 1 5  ? 16.135  -6.035  5.188   1.00 31.15 ? 5   LEU A CA  1 
ATOM   34  C C   . LEU A 1 5  ? 16.621  -5.719  6.613   1.00 29.92 ? 5   LEU A C   1 
ATOM   35  O O   . LEU A 1 5  ? 15.873  -5.906  7.587   1.00 29.80 ? 5   LEU A O   1 
ATOM   36  C CB  . LEU A 1 5  ? 15.198  -7.270  5.049   1.00 29.11 ? 5   LEU A CB  1 
ATOM   37  C CG  . LEU A 1 5  ? 14.487  -7.339  3.661   1.00 25.57 ? 5   LEU A CG  1 
ATOM   38  C CD1 . LEU A 1 5  ? 14.080  -8.777  3.231   1.00 19.39 ? 5   LEU A CD1 1 
ATOM   39  C CD2 . LEU A 1 5  ? 13.266  -6.390  3.640   1.00 19.35 ? 5   LEU A CD2 1 
ATOM   40  N N   . TRP A 1 6  ? 17.845  -5.167  6.718   1.00 29.91 ? 6   TRP A N   1 
ATOM   41  C CA  . TRP A 1 6  ? 18.385  -4.742  8.043   1.00 28.71 ? 6   TRP A CA  1 
ATOM   42  C C   . TRP A 1 6  ? 17.510  -3.713  8.657   1.00 29.90 ? 6   TRP A C   1 
ATOM   43  O O   . TRP A 1 6  ? 17.317  -3.752  9.855   1.00 29.58 ? 6   TRP A O   1 
ATOM   44  C CB  . TRP A 1 6  ? 19.857  -4.259  7.991   1.00 29.19 ? 6   TRP A CB  1 
ATOM   45  C CG  . TRP A 1 6  ? 20.674  -5.232  7.333   1.00 27.40 ? 6   TRP A CG  1 
ATOM   46  C CD1 . TRP A 1 6  ? 20.968  -5.268  6.049   1.00 26.94 ? 6   TRP A CD1 1 
ATOM   47  C CD2 . TRP A 1 6  ? 21.196  -6.455  7.911   1.00 30.20 ? 6   TRP A CD2 1 
ATOM   48  N NE1 . TRP A 1 6  ? 21.633  -6.429  5.755   1.00 29.59 ? 6   TRP A NE1 1 
ATOM   49  C CE2 . TRP A 1 6  ? 21.798  -7.160  6.896   1.00 25.85 ? 6   TRP A CE2 1 
ATOM   50  C CE3 . TRP A 1 6  ? 21.221  -6.989  9.195   1.00 32.89 ? 6   TRP A CE3 1 
ATOM   51  C CZ2 . TRP A 1 6  ? 22.446  -8.371  7.103   1.00 30.77 ? 6   TRP A CZ2 1 
ATOM   52  C CZ3 . TRP A 1 6  ? 21.881  -8.245  9.388   1.00 30.60 ? 6   TRP A CZ3 1 
ATOM   53  C CH2 . TRP A 1 6  ? 22.506  -8.866  8.365   1.00 25.97 ? 6   TRP A CH2 1 
ATOM   54  N N   . LYS A 1 7  ? 16.962  -2.786  7.857   1.00 30.03 ? 7   LYS A N   1 
ATOM   55  C CA  . LYS A 1 7  ? 15.886  -1.943  8.340   1.00 31.46 ? 7   LYS A CA  1 
ATOM   56  C C   . LYS A 1 7  ? 14.595  -2.270  7.602   1.00 29.50 ? 7   LYS A C   1 
ATOM   57  O O   . LYS A 1 7  ? 14.620  -2.980  6.623   1.00 27.50 ? 7   LYS A O   1 
ATOM   58  C CB  . LYS A 1 7  ? 16.097  -0.427  8.102   1.00 34.27 ? 7   LYS A CB  1 
ATOM   59  C CG  . LYS A 1 7  ? 14.963  0.385   8.909   1.00 34.40 ? 7   LYS A CG  1 
ATOM   60  C CD  . LYS A 1 7  ? 14.612  1.943   8.386   1.00 37.07 ? 7   LYS A CD  1 
ATOM   61  C CE  . LYS A 1 7  ? 14.232  2.178   6.835   1.00 31.71 ? 7   LYS A CE  1 
ATOM   62  N NZ  . LYS A 1 7  ? 15.381  2.302   5.743   1.00 38.07 ? 7   LYS A NZ  1 
ATOM   63  N N   . ARG A 1 8  ? 13.507  -1.734  8.113   1.00 28.35 ? 8   ARG A N   1 
ATOM   64  C CA  . ARG A 1 8  ? 12.200  -1.832  7.489   1.00 29.19 ? 8   ARG A CA  1 
ATOM   65  C C   . ARG A 1 8  ? 12.296  -1.248  6.084   1.00 28.90 ? 8   ARG A C   1 
ATOM   66  O O   . ARG A 1 8  ? 12.936  -0.165  5.874   1.00 26.97 ? 8   ARG A O   1 
ATOM   67  C CB  . ARG A 1 8  ? 11.155  -1.084  8.283   1.00 29.28 ? 8   ARG A CB  1 
ATOM   68  C CG  . ARG A 1 8  ? 10.781  -1.697  9.555   1.00 31.24 ? 8   ARG A CG  1 
ATOM   69  C CD  . ARG A 1 8  ? 9.741   -0.851  10.257  1.00 34.79 ? 8   ARG A CD  1 
ATOM   70  N NE  . ARG A 1 8  ? 9.512   -1.337  11.640  1.00 40.87 ? 8   ARG A NE  1 
ATOM   71  C CZ  . ARG A 1 8  ? 8.814   -0.724  12.615  1.00 42.54 ? 8   ARG A CZ  1 
ATOM   72  N NH1 . ARG A 1 8  ? 8.208   0.450   12.429  1.00 45.30 ? 8   ARG A NH1 1 
ATOM   73  N NH2 . ARG A 1 8  ? 8.673   -1.315  13.795  1.00 42.56 ? 8   ARG A NH2 1 
ATOM   74  N N   . PRO A 1 9  ? 11.701  -1.956  5.111   1.00 27.93 ? 9   PRO A N   1 
ATOM   75  C CA  . PRO A 1 9  ? 11.819  -1.552  3.667   1.00 27.55 ? 9   PRO A CA  1 
ATOM   76  C C   . PRO A 1 9  ? 10.861  -0.392  3.301   1.00 28.02 ? 9   PRO A C   1 
ATOM   77  O O   . PRO A 1 9  ? 9.919   -0.535  2.419   1.00 24.11 ? 9   PRO A O   1 
ATOM   78  C CB  . PRO A 1 9  ? 11.571  -2.887  2.913   1.00 27.50 ? 9   PRO A CB  1 
ATOM   79  C CG  . PRO A 1 9  ? 10.535  -3.618  3.834   1.00 25.50 ? 9   PRO A CG  1 
ATOM   80  C CD  . PRO A 1 9  ? 10.908  -3.216  5.300   1.00 27.06 ? 9   PRO A CD  1 
ATOM   81  N N   . LEU A 1 10 ? 11.094  0.743   3.955   1.00 28.56 ? 10  LEU A N   1 
ATOM   82  C CA  . LEU A 1 10 ? 10.264  1.963   3.778   1.00 30.38 ? 10  LEU A CA  1 
ATOM   83  C C   . LEU A 1 10 ? 10.788  2.699   2.617   1.00 27.78 ? 10  LEU A C   1 
ATOM   84  O O   . LEU A 1 10 ? 11.932  3.050   2.634   1.00 30.19 ? 10  LEU A O   1 
ATOM   85  C CB  . LEU A 1 10 ? 10.403  2.941   4.943   1.00 31.77 ? 10  LEU A CB  1 
ATOM   86  C CG  . LEU A 1 10 ? 9.290   2.693   5.946   1.00 37.92 ? 10  LEU A CG  1 
ATOM   87  C CD1 . LEU A 1 10 ? 9.907   2.864   7.379   1.00 45.31 ? 10  LEU A CD1 1 
ATOM   88  C CD2 . LEU A 1 10 ? 8.075   3.601   5.718   1.00 35.57 ? 10  LEU A CD2 1 
ATOM   89  N N   . VAL A 1 11 ? 9.960   2.943   1.602   1.00 24.85 ? 11  VAL A N   1 
ATOM   90  C CA  . VAL A 1 11 ? 10.366  3.714   0.443   1.00 21.12 ? 11  VAL A CA  1 
ATOM   91  C C   . VAL A 1 11 ? 9.476   4.923   0.178   1.00 19.98 ? 11  VAL A C   1 
ATOM   92  O O   . VAL A 1 11 ? 8.433   5.076   0.764   1.00 17.69 ? 11  VAL A O   1 
ATOM   93  C CB  . VAL A 1 11 ? 10.335  2.850   -0.878  1.00 21.81 ? 11  VAL A CB  1 
ATOM   94  C CG1 . VAL A 1 11 ? 11.431  1.655   -0.822  1.00 25.26 ? 11  VAL A CG1 1 
ATOM   95  C CG2 . VAL A 1 11 ? 8.943   2.377   -1.211  1.00 21.11 ? 11  VAL A CG2 1 
ATOM   96  N N   . THR A 1 12 ? 9.875   5.760   -0.762  1.00 18.80 ? 12  THR A N   1 
ATOM   97  C CA  . THR A 1 12 ? 9.065   6.938   -1.103  1.00 20.17 ? 12  THR A CA  1 
ATOM   98  C C   . THR A 1 12 ? 7.975   6.609   -2.124  1.00 18.64 ? 12  THR A C   1 
ATOM   99  O O   . THR A 1 12 ? 8.246   5.898   -3.149  1.00 19.44 ? 12  THR A O   1 
ATOM   100 C CB  . THR A 1 12 ? 9.955   8.038   -1.663  1.00 19.39 ? 12  THR A CB  1 
ATOM   101 O OG1 . THR A 1 12 ? 10.912  8.349   -0.649  1.00 22.12 ? 12  THR A OG1 1 
ATOM   102 C CG2 . THR A 1 12 ? 9.102   9.270   -1.834  1.00 25.33 ? 12  THR A CG2 1 
ATOM   103 N N   . ILE A 1 13 ? 6.765   7.065   -1.835  1.00 18.44 ? 13  ILE A N   1 
ATOM   104 C CA  . ILE A 1 13 ? 5.643   6.930   -2.731  1.00 18.36 ? 13  ILE A CA  1 
ATOM   105 C C   . ILE A 1 13 ? 5.079   8.331   -3.037  1.00 20.37 ? 13  ILE A C   1 
ATOM   106 O O   . ILE A 1 13 ? 5.299   9.282   -2.272  1.00 19.03 ? 13  ILE A O   1 
ATOM   107 C CB  . ILE A 1 13 ? 4.540   5.942   -2.187  1.00 19.32 ? 13  ILE A CB  1 
ATOM   108 C CG1 . ILE A 1 13 ? 3.786   6.493   -0.913  1.00 14.69 ? 13  ILE A CG1 1 
ATOM   109 C CG2 . ILE A 1 13 ? 5.202   4.541   -1.876  1.00 19.92 ? 13  ILE A CG2 1 
ATOM   110 C CD1 . ILE A 1 13 ? 2.446   5.902   -0.698  1.00 18.20 ? 13  ILE A CD1 1 
ATOM   111 N N   . LYS A 1 14 ? 4.329   8.433   -4.132  1.00 22.66 ? 14  LYS A N   1 
ATOM   112 C CA  . LYS A 1 14 ? 3.595   9.654   -4.460  1.00 25.60 ? 14  LYS A CA  1 
ATOM   113 C C   . LYS A 1 14 ? 2.182   9.195   -4.856  1.00 25.39 ? 14  LYS A C   1 
ATOM   114 O O   . LYS A 1 14 ? 2.052   8.274   -5.688  1.00 25.28 ? 14  LYS A O   1 
ATOM   115 C CB  . LYS A 1 14 ? 4.298   10.355  -5.607  1.00 25.69 ? 14  LYS A CB  1 
ATOM   116 C CG  . LYS A 1 14 ? 3.895   11.781  -5.728  1.00 31.31 ? 14  LYS A CG  1 
ATOM   117 C CD  . LYS A 1 14 ? 4.511   12.403  -6.970  1.00 37.34 ? 14  LYS A CD  1 
ATOM   118 C CE  . LYS A 1 14 ? 4.114   13.925  -6.935  1.00 44.76 ? 14  LYS A CE  1 
ATOM   119 N NZ  . LYS A 1 14 ? 2.632   14.015  -6.958  1.00 47.80 ? 14  LYS A NZ  1 
ATOM   120 N N   . ILE A 1 15 ? 1.169   9.786   -4.213  1.00 24.24 ? 15  ILE A N   1 
ATOM   121 C CA  . ILE A 1 15 ? -0.212  9.470   -4.430  1.00 26.14 ? 15  ILE A CA  1 
ATOM   122 C C   . ILE A 1 15 ? -1.045  10.761  -4.230  1.00 28.16 ? 15  ILE A C   1 
ATOM   123 O O   . ILE A 1 15 ? -0.823  11.545  -3.312  1.00 28.05 ? 15  ILE A O   1 
ATOM   124 C CB  . ILE A 1 15 ? -0.726  8.331   -3.445  1.00 26.59 ? 15  ILE A CB  1 
ATOM   125 C CG1 . ILE A 1 15 ? -2.265  8.114   -3.577  1.00 27.82 ? 15  ILE A CG1 1 
ATOM   126 C CG2 . ILE A 1 15 ? -0.318  8.617   -2.039  1.00 26.49 ? 15  ILE A CG2 1 
ATOM   127 C CD1 . ILE A 1 15 ? -2.651  6.656   -3.732  1.00 21.34 ? 15  ILE A CD1 1 
ATOM   128 N N   . GLY A 1 16 ? -1.982  10.966  -5.134  1.00 30.03 ? 16  GLY A N   1 
ATOM   129 C CA  . GLY A 1 16 ? -2.869  12.126  -5.102  1.00 30.30 ? 16  GLY A CA  1 
ATOM   130 C C   . GLY A 1 16 ? -2.130  13.405  -4.837  1.00 30.99 ? 16  GLY A C   1 
ATOM   131 O O   . GLY A 1 16 ? -2.648  14.269  -4.101  1.00 30.79 ? 16  GLY A O   1 
ATOM   132 N N   . GLY A 1 17 ? -0.936  13.542  -5.423  1.00 29.56 ? 17  GLY A N   1 
ATOM   133 C CA  . GLY A 1 17 ? -0.185  14.785  -5.347  1.00 27.55 ? 17  GLY A CA  1 
ATOM   134 C C   . GLY A 1 17 ? 0.699   14.936  -4.107  1.00 26.48 ? 17  GLY A C   1 
ATOM   135 O O   . GLY A 1 17 ? 1.387   15.947  -3.956  1.00 24.26 ? 17  GLY A O   1 
ATOM   136 N N   . GLN A 1 18 ? 0.690   13.941  -3.219  1.00 23.22 ? 18  GLN A N   1 
ATOM   137 C CA  . GLN A 1 18 ? 1.442   14.040  -1.961  1.00 22.50 ? 18  GLN A CA  1 
ATOM   138 C C   . GLN A 1 18 ? 2.548   13.001  -1.937  1.00 23.09 ? 18  GLN A C   1 
ATOM   139 O O   . GLN A 1 18 ? 2.391   11.863  -2.510  1.00 22.63 ? 18  GLN A O   1 
ATOM   140 C CB  . GLN A 1 18 ? 0.558   13.798  -0.749  1.00 22.04 ? 18  GLN A CB  1 
ATOM   141 C CG  . GLN A 1 18 ? -0.655  14.743  -0.675  1.00 25.82 ? 18  GLN A CG  1 
ATOM   142 C CD  . GLN A 1 18 ? -1.684  14.143  0.294   1.00 27.33 ? 18  GLN A CD  1 
ATOM   143 O OE1 . GLN A 1 18 ? -2.799  13.846  -0.077  1.00 36.20 ? 18  GLN A OE1 1 
ATOM   144 N NE2 . GLN A 1 18 ? -1.279  13.959  1.517   1.00 31.70 ? 18  GLN A NE2 1 
ATOM   145 N N   . LEU A 1 19 ? 3.625   13.352  -1.247  1.00 21.55 ? 19  LEU A N   1 
ATOM   146 C CA  . LEU A 1 19 ? 4.761   12.494  -1.050  1.00 22.11 ? 19  LEU A CA  1 
ATOM   147 C C   . LEU A 1 19 ? 4.564   11.830  0.297   1.00 21.79 ? 19  LEU A C   1 
ATOM   148 O O   . LEU A 1 19 ? 4.221   12.511  1.245   1.00 22.07 ? 19  LEU A O   1 
ATOM   149 C CB  . LEU A 1 19 ? 6.048   13.361  -0.989  1.00 22.22 ? 19  LEU A CB  1 
ATOM   150 C CG  . LEU A 1 19 ? 6.544   13.852  -2.387  1.00 27.62 ? 19  LEU A CG  1 
ATOM   151 C CD1 . LEU A 1 19 ? 7.801   14.707  -2.183  1.00 21.60 ? 19  LEU A CD1 1 
ATOM   152 C CD2 . LEU A 1 19 ? 6.749   12.715  -3.514  1.00 28.59 ? 19  LEU A CD2 1 
ATOM   153 N N   . LYS A 1 20 ? 4.779   10.512  0.363   1.00 21.07 ? 20  LYS A N   1 
ATOM   154 C CA  . LYS A 1 20 ? 4.669   9.725   1.611   1.00 20.48 ? 20  LYS A CA  1 
ATOM   155 C C   . LYS A 1 20 ? 5.722   8.702   1.639   1.00 20.37 ? 20  LYS A C   1 
ATOM   156 O O   . LYS A 1 20 ? 6.396   8.531   0.687   1.00 19.01 ? 20  LYS A O   1 
ATOM   157 C CB  . LYS A 1 20 ? 3.321   9.038   1.766   1.00 21.69 ? 20  LYS A CB  1 
ATOM   158 C CG  . LYS A 1 20 ? 2.259   10.038  2.030   1.00 24.18 ? 20  LYS A CG  1 
ATOM   159 C CD  . LYS A 1 20 ? 0.798   9.666   1.706   1.00 27.28 ? 20  LYS A CD  1 
ATOM   160 C CE  . LYS A 1 20 ? -0.046  10.623  2.656   1.00 29.88 ? 20  LYS A CE  1 
ATOM   161 N NZ  . LYS A 1 20 ? -1.305  10.644  2.014   1.00 37.21 ? 20  LYS A NZ  1 
ATOM   162 N N   . GLU A 1 21 ? 5.890   8.038   2.780   1.00 19.78 ? 21  GLU A N   1 
ATOM   163 C CA  . GLU A 1 21 ? 6.739   6.858   2.841   1.00 23.58 ? 21  GLU A CA  1 
ATOM   164 C C   . GLU A 1 21 ? 5.865   5.666   3.227   1.00 22.42 ? 21  GLU A C   1 
ATOM   165 O O   . GLU A 1 21 ? 4.861   5.812   3.967   1.00 22.55 ? 21  GLU A O   1 
ATOM   166 C CB  . GLU A 1 21 ? 7.886   7.033   3.835   1.00 25.02 ? 21  GLU A CB  1 
ATOM   167 C CG  . GLU A 1 21 ? 8.793   8.125   3.388   1.00 31.60 ? 21  GLU A CG  1 
ATOM   168 C CD  . GLU A 1 21 ? 10.028  8.107   4.157   1.00 43.23 ? 21  GLU A CD  1 
ATOM   169 O OE1 . GLU A 1 21 ? 11.101  7.701   3.619   1.00 44.93 ? 21  GLU A OE1 1 
ATOM   170 O OE2 . GLU A 1 21 ? 9.873   8.448   5.341   1.00 47.22 ? 21  GLU A OE2 1 
ATOM   171 N N   . ALA A 1 22 ? 6.259   4.505   2.707   1.00 21.82 ? 22  ALA A N   1 
ATOM   172 C CA  . ALA A 1 22 ? 5.405   3.287   2.704   1.00 20.47 ? 22  ALA A CA  1 
ATOM   173 C C   . ALA A 1 22 ? 6.304   2.105   2.735   1.00 20.45 ? 22  ALA A C   1 
ATOM   174 O O   . ALA A 1 22 ? 7.380   2.128   2.120   1.00 20.44 ? 22  ALA A O   1 
ATOM   175 C CB  . ALA A 1 22 ? 4.593   3.229   1.483   1.00 16.89 ? 22  ALA A CB  1 
ATOM   176 N N   . LEU A 1 23 ? 5.843   1.060   3.422   1.00 20.27 ? 23  LEU A N   1 
ATOM   177 C CA  . LEU A 1 23 ? 6.553   -0.143  3.609   1.00 21.00 ? 23  LEU A CA  1 
ATOM   178 C C   . LEU A 1 23 ? 6.226   -1.136  2.457   1.00 19.92 ? 23  LEU A C   1 
ATOM   179 O O   . LEU A 1 23 ? 5.050   -1.439  2.206   1.00 19.86 ? 23  LEU A O   1 
ATOM   180 C CB  . LEU A 1 23 ? 6.004   -0.652  4.934   1.00 21.79 ? 23  LEU A CB  1 
ATOM   181 C CG  . LEU A 1 23 ? 6.486   -1.924  5.639   1.00 25.66 ? 23  LEU A CG  1 
ATOM   182 C CD1 . LEU A 1 23 ? 7.953   -1.931  5.835   1.00 29.84 ? 23  LEU A CD1 1 
ATOM   183 C CD2 . LEU A 1 23 ? 5.722   -1.970  6.987   1.00 26.71 ? 23  LEU A CD2 1 
ATOM   184 N N   . LEU A 1 24 ? 7.250   -1.650  1.794   1.00 18.66 ? 24  LEU A N   1 
ATOM   185 C CA  . LEU A 1 24 ? 7.091   -2.708  0.742   1.00 18.55 ? 24  LEU A CA  1 
ATOM   186 C C   . LEU A 1 24 ? 6.883   -4.015  1.531   1.00 18.88 ? 24  LEU A C   1 
ATOM   187 O O   . LEU A 1 24 ? 7.801   -4.519  2.200   1.00 22.17 ? 24  LEU A O   1 
ATOM   188 C CB  . LEU A 1 24 ? 8.387   -2.735  -0.002  1.00 19.00 ? 24  LEU A CB  1 
ATOM   189 C CG  . LEU A 1 24 ? 8.719   -1.475  -0.844  1.00 19.24 ? 24  LEU A CG  1 
ATOM   190 C CD1 . LEU A 1 24 ? 9.758   -1.717  -1.827  1.00 16.34 ? 24  LEU A CD1 1 
ATOM   191 C CD2 . LEU A 1 24 ? 7.477   -1.026  -1.675  1.00 18.12 ? 24  LEU A CD2 1 
ATOM   192 N N   . ASP A 1 25 ? 5.670   -4.530  1.508   1.00 17.87 ? 25  ASP A N   1 
ATOM   193 C CA  . ASP A 1 25 ? 5.265   -5.530  2.494   1.00 19.21 ? 25  ASP A CA  1 
ATOM   194 C C   . ASP A 1 25 ? 4.846   -6.803  1.774   1.00 18.20 ? 25  ASP A C   1 
ATOM   195 O O   . ASP A 1 25 ? 3.757   -6.868  1.249   1.00 20.30 ? 25  ASP A O   1 
ATOM   196 C CB  . ASP A 1 25 ? 4.141   -4.951  3.321   1.00 19.01 ? 25  ASP A CB  1 
ATOM   197 C CG  . ASP A 1 25 ? 3.686   -5.871  4.385   1.00 22.44 ? 25  ASP A CG  1 
ATOM   198 O OD1 . ASP A 1 25 ? 4.294   -6.941  4.564   1.00 22.05 ? 25  ASP A OD1 1 
ATOM   199 O OD2 . ASP A 1 25 ? 2.783   -5.499  5.139   1.00 27.28 ? 25  ASP A OD2 1 
ATOM   200 N N   . THR A 1 26 ? 5.721   -7.798  1.731   1.00 17.28 ? 26  THR A N   1 
ATOM   201 C CA  . THR A 1 26 ? 5.403   -9.042  1.020   1.00 18.58 ? 26  THR A CA  1 
ATOM   202 C C   . THR A 1 26 ? 4.310   -9.826  1.773   1.00 20.07 ? 26  THR A C   1 
ATOM   203 O O   . THR A 1 26 ? 3.651   -10.673 1.156   1.00 18.88 ? 26  THR A O   1 
ATOM   204 C CB  . THR A 1 26 ? 6.621   -9.947  0.803   1.00 16.96 ? 26  THR A CB  1 
ATOM   205 O OG1 . THR A 1 26 ? 7.285   -10.175 2.056   1.00 18.34 ? 26  THR A OG1 1 
ATOM   206 C CG2 . THR A 1 26 ? 7.638   -9.316  -0.158  1.00 19.71 ? 26  THR A CG2 1 
ATOM   207 N N   . GLY A 1 27 ? 4.122   -9.529  3.058   1.00 17.16 ? 27  GLY A N   1 
ATOM   208 C CA  . GLY A 1 27 ? 3.042   -10.097 3.872   1.00 19.86 ? 27  GLY A CA  1 
ATOM   209 C C   . GLY A 1 27 ? 1.624   -9.424  3.802   1.00 20.59 ? 27  GLY A C   1 
ATOM   210 O O   . GLY A 1 27 ? 0.705   -9.816  4.536   1.00 21.54 ? 27  GLY A O   1 
ATOM   211 N N   . ALA A 1 28 ? 1.457   -8.442  2.914   1.00 21.01 ? 28  ALA A N   1 
ATOM   212 C CA  . ALA A 1 28 ? 0.167   -7.717  2.732   1.00 19.22 ? 28  ALA A CA  1 
ATOM   213 C C   . ALA A 1 28 ? -0.391  -8.100  1.363   1.00 20.63 ? 28  ALA A C   1 
ATOM   214 O O   . ALA A 1 28 ? 0.254   -7.843  0.311   1.00 19.51 ? 28  ALA A O   1 
ATOM   215 C CB  . ALA A 1 28 ? 0.391   -6.173  2.786   1.00 19.45 ? 28  ALA A CB  1 
ATOM   216 N N   . ASP A 1 29 ? -1.600  -8.686  1.359   1.00 21.52 ? 29  ASP A N   1 
ATOM   217 C CA  . ASP A 1 29 ? -2.316  -9.000  0.071   1.00 22.40 ? 29  ASP A CA  1 
ATOM   218 C C   . ASP A 1 29 ? -2.634  -7.722  -0.622  1.00 21.47 ? 29  ASP A C   1 
ATOM   219 O O   . ASP A 1 29 ? -2.559  -7.627  -1.853  1.00 22.69 ? 29  ASP A O   1 
ATOM   220 C CB  . ASP A 1 29 ? -3.682  -9.662  0.336   1.00 21.78 ? 29  ASP A CB  1 
ATOM   221 C CG  . ASP A 1 29 ? -3.598  -10.971 1.179   1.00 24.48 ? 29  ASP A CG  1 
ATOM   222 O OD1 . ASP A 1 29 ? -2.598  -11.693 1.149   1.00 29.20 ? 29  ASP A OD1 1 
ATOM   223 O OD2 . ASP A 1 29 ? -4.564  -11.250 1.872   1.00 29.06 ? 29  ASP A OD2 1 
ATOM   224 N N   . ASP A 1 30 ? -2.965  -6.734  0.194   1.00 20.28 ? 30  ASP A N   1 
ATOM   225 C CA  . ASP A 1 30 ? -3.493  -5.434  -0.222  1.00 23.24 ? 30  ASP A CA  1 
ATOM   226 C C   . ASP A 1 30 ? -2.635  -4.236  0.190   1.00 22.93 ? 30  ASP A C   1 
ATOM   227 O O   . ASP A 1 30 ? -1.806  -4.298  1.120   1.00 20.52 ? 30  ASP A O   1 
ATOM   228 C CB  . ASP A 1 30 ? -4.880  -5.227  0.471   1.00 23.45 ? 30  ASP A CB  1 
ATOM   229 C CG  . ASP A 1 30 ? -5.891  -6.388  0.131   1.00 26.75 ? 30  ASP A CG  1 
ATOM   230 O OD1 . ASP A 1 30 ? -5.960  -6.749  -1.068  1.00 29.00 ? 30  ASP A OD1 1 
ATOM   231 O OD2 . ASP A 1 30 ? -6.545  -6.949  1.041   1.00 31.39 ? 30  ASP A OD2 1 
ATOM   232 N N   . THR A 1 31 ? -2.903  -3.114  -0.481  1.00 22.77 ? 31  THR A N   1 
ATOM   233 C CA  . THR A 1 31 ? -2.246  -1.843  -0.177  1.00 20.85 ? 31  THR A CA  1 
ATOM   234 C C   . THR A 1 31 ? -3.056  -0.996  0.748   1.00 21.95 ? 31  THR A C   1 
ATOM   235 O O   . THR A 1 31 ? -4.236  -0.713  0.479   1.00 22.46 ? 31  THR A O   1 
ATOM   236 C CB  . THR A 1 31 ? -1.950  -1.132  -1.450  1.00 20.84 ? 31  THR A CB  1 
ATOM   237 O OG1 . THR A 1 31 ? -0.898  -1.882  -2.037  1.00 19.11 ? 31  THR A OG1 1 
ATOM   238 C CG2 . THR A 1 31 ? -1.423  0.341   -1.200  1.00 17.13 ? 31  THR A CG2 1 
ATOM   239 N N   . VAL A 1 32 ? -2.448  -0.595  1.843   1.00 21.54 ? 32  VAL A N   1 
ATOM   240 C CA  . VAL A 1 32 ? -3.189  0.126   2.818   1.00 23.45 ? 32  VAL A CA  1 
ATOM   241 C C   . VAL A 1 32 ? -2.487  1.356   3.323   1.00 23.22 ? 32  VAL A C   1 
ATOM   242 O O   . VAL A 1 32 ? -1.393  1.292   3.881   1.00 22.33 ? 32  VAL A O   1 
ATOM   243 C CB  . VAL A 1 32 ? -3.720  -0.758  4.044   1.00 23.76 ? 32  VAL A CB  1 
ATOM   244 C CG1 . VAL A 1 32 ? -2.621  -1.224  4.884   1.00 25.11 ? 32  VAL A CG1 1 
ATOM   245 C CG2 . VAL A 1 32 ? -4.652  0.065   4.887   1.00 22.79 ? 32  VAL A CG2 1 
ATOM   246 N N   . LEU A 1 33 ? -3.176  2.487   3.192   1.00 24.79 ? 33  LEU A N   1 
ATOM   247 C CA  . LEU A 1 33 ? -2.594  3.800   3.580   1.00 25.98 ? 33  LEU A CA  1 
ATOM   248 C C   . LEU A 1 33 ? -3.307  4.454   4.727   1.00 26.33 ? 33  LEU A C   1 
ATOM   249 O O   . LEU A 1 33 ? -4.514  4.335   4.832   1.00 26.59 ? 33  LEU A O   1 
ATOM   250 C CB  . LEU A 1 33 ? -2.670  4.746   2.336   1.00 25.63 ? 33  LEU A CB  1 
ATOM   251 C CG  . LEU A 1 33 ? -1.980  4.310   1.053   1.00 25.27 ? 33  LEU A CG  1 
ATOM   252 C CD1 . LEU A 1 33 ? -2.070  5.498   0.066   1.00 29.90 ? 33  LEU A CD1 1 
ATOM   253 C CD2 . LEU A 1 33 ? -0.594  3.829   1.223   1.00 21.93 ? 33  LEU A CD2 1 
ATOM   254 N N   . GLU A 1 34 ? -2.561  5.145   5.582   1.00 29.22 ? 34  GLU A N   1 
ATOM   255 C CA  . GLU A 1 34 ? -3.148  6.038   6.596   1.00 33.90 ? 34  GLU A CA  1 
ATOM   256 C C   . GLU A 1 34 ? -4.237  6.935   5.987   1.00 35.72 ? 34  GLU A C   1 
ATOM   257 O O   . GLU A 1 34 ? -4.226  7.264   4.751   1.00 35.72 ? 34  GLU A O   1 
ATOM   258 C CB  . GLU A 1 34 ? -2.038  6.901   7.278   1.00 33.49 ? 34  GLU A CB  1 
ATOM   259 C CG  . GLU A 1 34 ? -0.928  6.077   7.968   1.00 35.43 ? 34  GLU A CG  1 
ATOM   260 C CD  . GLU A 1 34 ? 0.070   6.876   8.837   1.00 39.13 ? 34  GLU A CD  1 
ATOM   261 O OE1 . GLU A 1 34 ? 1.266   6.975   8.447   1.00 45.55 ? 34  GLU A OE1 1 
ATOM   262 O OE2 . GLU A 1 34 ? -0.276  7.352   9.973   1.00 41.48 ? 34  GLU A OE2 1 
ATOM   263 N N   . GLU A 1 35 ? -5.208  7.316   6.812   1.00 39.10 ? 35  GLU A N   1 
ATOM   264 C CA  . GLU A 1 35 ? -6.237  8.359   6.418   1.00 40.32 ? 35  GLU A CA  1 
ATOM   265 C C   . GLU A 1 35 ? -5.769  9.488   5.412   1.00 40.96 ? 35  GLU A C   1 
ATOM   266 O O   . GLU A 1 35 ? -4.737  10.158  5.619   1.00 39.69 ? 35  GLU A O   1 
ATOM   267 C CB  . GLU A 1 35 ? -6.783  9.018   7.719   1.00 41.12 ? 35  GLU A CB  1 
ATOM   268 C CG  . GLU A 1 35 ? -8.188  9.549   7.689   1.00 42.87 ? 35  GLU A CG  1 
ATOM   269 C CD  . GLU A 1 35 ? -9.099  8.687   6.842   1.00 48.08 ? 35  GLU A CD  1 
ATOM   270 O OE1 . GLU A 1 35 ? -9.578  7.605   7.343   1.00 46.20 ? 35  GLU A OE1 1 
ATOM   271 O OE2 . GLU A 1 35 ? -9.319  9.094   5.665   1.00 47.45 ? 35  GLU A OE2 1 
ATOM   272 N N   . MET A 1 36 ? -6.551  9.676   4.352   1.00 42.71 ? 36  MET A N   1 
ATOM   273 C CA  . MET A 1 36 ? -6.297  10.713  3.361   1.00 43.15 ? 36  MET A CA  1 
ATOM   274 C C   . MET A 1 36 ? -7.473  10.703  2.390   1.00 46.57 ? 36  MET A C   1 
ATOM   275 O O   . MET A 1 36 ? -8.095  9.638   2.135   1.00 46.85 ? 36  MET A O   1 
ATOM   276 C CB  . MET A 1 36 ? -5.006  10.456  2.588   1.00 44.13 ? 36  MET A CB  1 
ATOM   277 C CG  . MET A 1 36 ? -5.159  9.316   1.492   1.00 41.42 ? 36  MET A CG  1 
ATOM   278 S SD  . MET A 1 36 ? -3.678  8.969   0.528   1.00 39.00 ? 36  MET A SD  1 
ATOM   279 C CE  . MET A 1 36 ? -3.601  10.473  -0.504  1.00 39.29 ? 36  MET A CE  1 
ATOM   280 N N   . ASN A 1 37 ? -7.766  11.881  1.827   1.00 48.91 ? 37  ASN A N   1 
ATOM   281 C CA  . ASN A 1 37 ? -8.907  12.074  0.928   1.00 50.48 ? 37  ASN A CA  1 
ATOM   282 C C   . ASN A 1 37 ? -8.367  11.597  -0.408  1.00 49.78 ? 37  ASN A C   1 
ATOM   283 O O   . ASN A 1 37 ? -7.182  11.780  -0.669  1.00 50.35 ? 37  ASN A O   1 
ATOM   284 C CB  . ASN A 1 37 ? -9.291  13.575  0.919   1.00 51.18 ? 37  ASN A CB  1 
ATOM   285 C CG  . ASN A 1 37 ? -10.574 13.881  0.124   1.00 55.69 ? 37  ASN A CG  1 
ATOM   286 O OD1 . ASN A 1 37 ? -11.256 12.974  -0.413  1.00 59.97 ? 37  ASN A OD1 1 
ATOM   287 N ND2 . ASN A 1 37 ? -10.918 15.184  0.054   1.00 59.17 ? 37  ASN A ND2 1 
ATOM   288 N N   . LEU A 1 38 ? -9.220  10.961  -1.214  1.00 48.49 ? 38  LEU A N   1 
ATOM   289 C CA  . LEU A 1 38 ? -8.834  10.409  -2.504  1.00 48.27 ? 38  LEU A CA  1 
ATOM   290 C C   . LEU A 1 38 ? -10.073 10.387  -3.353  1.00 50.03 ? 38  LEU A C   1 
ATOM   291 O O   . LEU A 1 38 ? -11.170 10.255  -2.829  1.00 50.01 ? 38  LEU A O   1 
ATOM   292 C CB  . LEU A 1 38 ? -8.363  8.962   -2.412  1.00 46.58 ? 38  LEU A CB  1 
ATOM   293 C CG  . LEU A 1 38 ? -6.945  8.477   -2.149  1.00 44.35 ? 38  LEU A CG  1 
ATOM   294 C CD1 . LEU A 1 38 ? -7.022  6.978   -2.348  1.00 37.88 ? 38  LEU A CD1 1 
ATOM   295 C CD2 . LEU A 1 38 ? -5.881  9.060   -3.095  1.00 41.79 ? 38  LEU A CD2 1 
ATOM   296 N N   . PRO A 1 39 ? -9.904  10.420  -4.672  1.00 51.39 ? 39  PRO A N   1 
ATOM   297 C CA  . PRO A 1 39 ? -10.985 10.805  -5.541  1.00 53.04 ? 39  PRO A CA  1 
ATOM   298 C C   . PRO A 1 39 ? -12.179 9.814   -5.621  1.00 54.70 ? 39  PRO A C   1 
ATOM   299 O O   . PRO A 1 39 ? -12.051 8.646   -6.070  1.00 54.09 ? 39  PRO A O   1 
ATOM   300 C CB  . PRO A 1 39 ? -10.302 10.987  -6.915  1.00 53.44 ? 39  PRO A CB  1 
ATOM   301 C CG  . PRO A 1 39 ? -8.823  10.674  -6.697  1.00 51.77 ? 39  PRO A CG  1 
ATOM   302 C CD  . PRO A 1 39 ? -8.695  10.002  -5.416  1.00 50.97 ? 39  PRO A CD  1 
ATOM   303 N N   . GLY A 1 40 ? -13.333 10.292  -5.171  1.00 55.96 ? 40  GLY A N   1 
ATOM   304 C CA  . GLY A 1 40 ? -14.584 9.714   -5.595  1.00 57.44 ? 40  GLY A CA  1 
ATOM   305 C C   . GLY A 1 40 ? -15.035 8.445   -4.943  1.00 57.41 ? 40  GLY A C   1 
ATOM   306 O O   . GLY A 1 40 ? -15.255 8.410   -3.751  1.00 59.13 ? 40  GLY A O   1 
ATOM   307 N N   . ARG A 1 41 ? -15.181 7.399   -5.745  1.00 57.35 ? 41  ARG A N   1 
ATOM   308 C CA  . ARG A 1 41 ? -16.008 6.256   -5.377  1.00 56.97 ? 41  ARG A CA  1 
ATOM   309 C C   . ARG A 1 41 ? -15.253 5.201   -4.554  1.00 55.01 ? 41  ARG A C   1 
ATOM   310 O O   . ARG A 1 41 ? -14.199 4.719   -4.983  1.00 54.57 ? 41  ARG A O   1 
ATOM   311 C CB  . ARG A 1 41 ? -16.510 5.637   -6.668  1.00 58.11 ? 41  ARG A CB  1 
ATOM   312 C CG  . ARG A 1 41 ? -18.019 5.450   -6.760  1.00 62.76 ? 41  ARG A CG  1 
ATOM   313 C CD  . ARG A 1 41 ? -18.413 5.329   -8.249  1.00 69.57 ? 41  ARG A CD  1 
ATOM   314 N NE  . ARG A 1 41 ? -19.505 4.376   -8.490  1.00 74.01 ? 41  ARG A NE  1 
ATOM   315 C CZ  . ARG A 1 41 ? -19.731 3.752   -9.657  1.00 77.96 ? 41  ARG A CZ  1 
ATOM   316 N NH1 . ARG A 1 41 ? -18.926 3.950   -10.709 1.00 78.58 ? 41  ARG A NH1 1 
ATOM   317 N NH2 . ARG A 1 41 ? -20.760 2.911   -9.784  1.00 78.59 ? 41  ARG A NH2 1 
ATOM   318 N N   . TRP A 1 42 ? -15.787 4.878   -3.378  1.00 53.11 ? 42  TRP A N   1 
ATOM   319 C CA  . TRP A 1 42 ? -15.257 3.770   -2.516  1.00 51.71 ? 42  TRP A CA  1 
ATOM   320 C C   . TRP A 1 42 ? -16.344 2.802   -2.044  1.00 51.35 ? 42  TRP A C   1 
ATOM   321 O O   . TRP A 1 42 ? -17.511 3.128   -2.063  1.00 50.60 ? 42  TRP A O   1 
ATOM   322 C CB  . TRP A 1 42 ? -14.518 4.293   -1.295  1.00 50.80 ? 42  TRP A CB  1 
ATOM   323 C CG  . TRP A 1 42 ? -15.289 5.230   -0.457  1.00 51.56 ? 42  TRP A CG  1 
ATOM   324 C CD1 . TRP A 1 42 ? -15.504 6.552   -0.719  1.00 51.31 ? 42  TRP A CD1 1 
ATOM   325 C CD2 . TRP A 1 42 ? -15.947 4.949   0.803   1.00 50.68 ? 42  TRP A CD2 1 
ATOM   326 N NE1 . TRP A 1 42 ? -16.260 7.110   0.294   1.00 54.98 ? 42  TRP A NE1 1 
ATOM   327 C CE2 . TRP A 1 42 ? -16.537 6.154   1.241   1.00 51.85 ? 42  TRP A CE2 1 
ATOM   328 C CE3 . TRP A 1 42 ? -16.101 3.796   1.588   1.00 50.78 ? 42  TRP A CE3 1 
ATOM   329 C CZ2 . TRP A 1 42 ? -17.258 6.253   2.436   1.00 50.61 ? 42  TRP A CZ2 1 
ATOM   330 C CZ3 . TRP A 1 42 ? -16.820 3.891   2.784   1.00 52.09 ? 42  TRP A CZ3 1 
ATOM   331 C CH2 . TRP A 1 42 ? -17.389 5.123   3.196   1.00 50.41 ? 42  TRP A CH2 1 
ATOM   332 N N   . LYS A 1 43 ? -15.935 1.610   -1.622  1.00 50.83 ? 43  LYS A N   1 
ATOM   333 C CA  . LYS A 1 43 ? -16.872 0.563   -1.160  1.00 50.68 ? 43  LYS A CA  1 
ATOM   334 C C   . LYS A 1 43 ? -16.183 -0.075  0.033   1.00 49.31 ? 43  LYS A C   1 
ATOM   335 O O   . LYS A 1 43 ? -14.983 -0.346  -0.046  1.00 49.30 ? 43  LYS A O   1 
ATOM   336 C CB  . LYS A 1 43 ? -17.204 -0.454  -2.270  1.00 49.97 ? 43  LYS A CB  1 
ATOM   337 C CG  . LYS A 1 43 ? -16.060 -0.656  -3.269  1.00 51.26 ? 43  LYS A CG  1 
ATOM   338 C CD  . LYS A 1 43 ? -16.296 -1.796  -4.288  1.00 52.86 ? 43  LYS A CD  1 
ATOM   339 C CE  . LYS A 1 43 ? -15.680 -3.182  -3.827  1.00 53.64 ? 43  LYS A CE  1 
ATOM   340 N NZ  . LYS A 1 43 ? -16.187 -4.313  -4.621  1.00 49.56 ? 43  LYS A NZ  1 
ATOM   341 N N   . PRO A 1 44 ? -16.918 -0.298  1.133   1.00 48.07 ? 44  PRO A N   1 
ATOM   342 C CA  . PRO A 1 44 ? -16.287 -0.626  2.422   1.00 47.10 ? 44  PRO A CA  1 
ATOM   343 C C   . PRO A 1 44 ? -15.506 -1.941  2.331   1.00 44.98 ? 44  PRO A C   1 
ATOM   344 O O   . PRO A 1 44 ? -15.706 -2.745  1.420   1.00 44.89 ? 44  PRO A O   1 
ATOM   345 C CB  . PRO A 1 44 ? -17.461 -0.642  3.432   1.00 47.53 ? 44  PRO A CB  1 
ATOM   346 C CG  . PRO A 1 44 ? -18.686 -0.826  2.594   1.00 48.04 ? 44  PRO A CG  1 
ATOM   347 C CD  . PRO A 1 44 ? -18.391 -0.283  1.219   1.00 49.00 ? 44  PRO A CD  1 
ATOM   348 N N   . LYS A 1 45 ? -14.560 -2.115  3.231   1.00 43.87 ? 45  LYS A N   1 
ATOM   349 C CA  . LYS A 1 45 ? -13.796 -3.344  3.256   1.00 43.09 ? 45  LYS A CA  1 
ATOM   350 C C   . LYS A 1 45 ? -13.237 -3.589  4.642   1.00 42.44 ? 45  LYS A C   1 
ATOM   351 O O   . LYS A 1 45 ? -13.036 -2.648  5.442   1.00 42.39 ? 45  LYS A O   1 
ATOM   352 C CB  . LYS A 1 45 ? -12.722 -3.327  2.175   1.00 43.40 ? 45  LYS A CB  1 
ATOM   353 C CG  . LYS A 1 45 ? -11.843 -4.572  2.204   1.00 45.24 ? 45  LYS A CG  1 
ATOM   354 C CD  . LYS A 1 45 ? -11.069 -4.869  0.950   1.00 49.38 ? 45  LYS A CD  1 
ATOM   355 C CE  . LYS A 1 45 ? -10.373 -6.234  1.155   1.00 48.43 ? 45  LYS A CE  1 
ATOM   356 N NZ  . LYS A 1 45 ? -10.348 -6.979  -0.119  1.00 49.56 ? 45  LYS A NZ  1 
ATOM   357 N N   . MET A 1 46 ? -13.003 -4.854  4.956   1.00 41.80 ? 46  MET A N   1 
ATOM   358 C CA  . MET A 1 46 ? -12.371 -5.200  6.221   1.00 42.33 ? 46  MET A CA  1 
ATOM   359 C C   . MET A 1 46 ? -11.029 -5.869  5.921   1.00 38.52 ? 46  MET A C   1 
ATOM   360 O O   . MET A 1 46 ? -10.898 -6.591  4.945   1.00 37.33 ? 46  MET A O   1 
ATOM   361 C CB  . MET A 1 46 ? -13.323 -6.086  7.033   1.00 42.72 ? 46  MET A CB  1 
ATOM   362 C CG  . MET A 1 46 ? -14.598 -5.276  7.530   1.00 46.67 ? 46  MET A CG  1 
ATOM   363 S SD  . MET A 1 46 ? -14.846 -4.885  9.331   1.00 51.00 ? 46  MET A SD  1 
ATOM   364 C CE  . MET A 1 46 ? -13.170 -4.735  9.912   1.00 53.07 ? 46  MET A CE  1 
ATOM   365 N N   . ILE A 1 47 ? -10.017 -5.591  6.732   1.00 35.97 ? 47  ILE A N   1 
ATOM   366 C CA  . ILE A 1 47 ? -8.769  -6.290  6.569   1.00 34.76 ? 47  ILE A CA  1 
ATOM   367 C C   . ILE A 1 47 ? -8.347  -6.779  7.909   1.00 32.67 ? 47  ILE A C   1 
ATOM   368 O O   . ILE A 1 47 ? -8.529  -6.099  8.899   1.00 31.90 ? 47  ILE A O   1 
ATOM   369 C CB  . ILE A 1 47 ? -7.613  -5.415  5.991   1.00 33.66 ? 47  ILE A CB  1 
ATOM   370 C CG1 . ILE A 1 47 ? -7.464  -4.123  6.782   1.00 36.24 ? 47  ILE A CG1 1 
ATOM   371 C CG2 . ILE A 1 47 ? -7.732  -5.211  4.525   1.00 34.33 ? 47  ILE A CG2 1 
ATOM   372 C CD1 . ILE A 1 47 ? -6.191  -3.344  6.463   1.00 38.40 ? 47  ILE A CD1 1 
ATOM   373 N N   . GLY A 1 48 ? -7.730  -7.947  7.957   1.00 32.50 ? 48  GLY A N   1 
ATOM   374 C CA  . GLY A 1 48 ? -7.152  -8.388  9.235   1.00 31.75 ? 48  GLY A CA  1 
ATOM   375 C C   . GLY A 1 48 ? -5.675  -8.647  9.276   1.00 32.48 ? 48  GLY A C   1 
ATOM   376 O O   . GLY A 1 48 ? -4.982  -8.814  8.254   1.00 31.57 ? 48  GLY A O   1 
ATOM   377 N N   . GLY A 1 49 ? -5.164  -8.709  10.494  1.00 35.26 ? 49  GLY A N   1 
ATOM   378 C CA  . GLY A 1 49 ? -3.775  -9.048  10.671  1.00 36.18 ? 49  GLY A CA  1 
ATOM   379 C C   . GLY A 1 49 ? -3.581  -9.502  12.067  1.00 37.54 ? 49  GLY A C   1 
ATOM   380 O O   . GLY A 1 49 ? -4.516  -10.034 12.699  1.00 38.54 ? 49  GLY A O   1 
ATOM   381 N N   . ILE A 1 50 ? -2.374  -9.286  12.576  1.00 38.31 ? 50  ILE A N   1 
ATOM   382 C CA  . ILE A 1 50 ? -2.048  -9.577  13.946  1.00 39.64 ? 50  ILE A CA  1 
ATOM   383 C C   . ILE A 1 50 ? -2.956  -8.689  14.873  1.00 41.13 ? 50  ILE A C   1 
ATOM   384 O O   . ILE A 1 50 ? -3.122  -7.488  14.634  1.00 43.38 ? 50  ILE A O   1 
ATOM   385 C CB  . ILE A 1 50 ? -0.510  -9.312  14.148  1.00 37.67 ? 50  ILE A CB  1 
ATOM   386 C CG1 . ILE A 1 50 ? 0.367   -10.375 13.423  1.00 38.84 ? 50  ILE A CG1 1 
ATOM   387 C CG2 . ILE A 1 50 ? -0.141  -9.147  15.618  1.00 40.56 ? 50  ILE A CG2 1 
ATOM   388 C CD1 . ILE A 1 50 ? 0.746   -11.733 14.197  1.00 28.87 ? 50  ILE A CD1 1 
ATOM   389 N N   . GLY A 1 51 ? -3.541  -9.254  15.915  1.00 41.92 ? 51  GLY A N   1 
ATOM   390 C CA  . GLY A 1 51 ? -4.361  -8.403  16.811  1.00 42.36 ? 51  GLY A CA  1 
ATOM   391 C C   . GLY A 1 51 ? -5.817  -8.157  16.430  1.00 42.04 ? 51  GLY A C   1 
ATOM   392 O O   . GLY A 1 51 ? -6.633  -7.774  17.247  1.00 43.20 ? 51  GLY A O   1 
ATOM   393 N N   . GLY A 1 52 ? -6.169  -8.419  15.191  1.00 42.47 ? 52  GLY A N   1 
ATOM   394 C CA  . GLY A 1 52 ? -7.525  -8.158  14.783  1.00 41.13 ? 52  GLY A CA  1 
ATOM   395 C C   . GLY A 1 52 ? -7.782  -7.625  13.389  1.00 40.68 ? 52  GLY A C   1 
ATOM   396 O O   . GLY A 1 52 ? -6.984  -7.833  12.447  1.00 40.44 ? 52  GLY A O   1 
ATOM   397 N N   A PHE A 1 53 ? -8.957  -7.005  13.222  0.50 39.89 ? 53  PHE A N   1 
ATOM   398 N N   B PHE A 1 53 ? -8.881  -6.893  13.268  0.50 40.64 ? 53  PHE A N   1 
ATOM   399 C CA  A PHE A 1 53 ? -9.468  -6.569  11.908  0.50 38.13 ? 53  PHE A CA  1 
ATOM   400 C CA  B PHE A 1 53 ? -9.315  -6.419  12.006  0.50 39.54 ? 53  PHE A CA  1 
ATOM   401 C C   A PHE A 1 53 ? -9.872  -5.073  12.021  0.50 38.43 ? 53  PHE A C   1 
ATOM   402 C C   B PHE A 1 53 ? -9.546  -4.935  12.100  0.50 39.31 ? 53  PHE A C   1 
ATOM   403 O O   A PHE A 1 53 ? -10.327 -4.628  13.082  0.50 37.97 ? 53  PHE A O   1 
ATOM   404 O O   B PHE A 1 53 ? -9.596  -4.345  13.204  0.50 38.65 ? 53  PHE A O   1 
ATOM   405 C CB  A PHE A 1 53 ? -10.714 -7.381  11.498  0.50 37.30 ? 53  PHE A CB  1 
ATOM   406 C CB  B PHE A 1 53 ? -10.613 -7.088  11.660  0.50 39.65 ? 53  PHE A CB  1 
ATOM   407 C CG  A PHE A 1 53 ? -10.446 -8.727  10.802  0.50 34.64 ? 53  PHE A CG  1 
ATOM   408 C CG  B PHE A 1 53 ? -11.735 -6.701  12.571  0.50 39.09 ? 53  PHE A CG  1 
ATOM   409 C CD1 A PHE A 1 53 ? -10.462 -8.820  9.409   0.50 32.78 ? 53  PHE A CD1 1 
ATOM   410 C CD1 B PHE A 1 53 ? -12.061 -7.478  13.650  0.50 37.66 ? 53  PHE A CD1 1 
ATOM   411 C CD2 A PHE A 1 53 ? -10.313 -9.910  11.541  0.50 29.46 ? 53  PHE A CD2 1 
ATOM   412 C CD2 B PHE A 1 53 ? -12.461 -5.553  12.341  0.50 40.75 ? 53  PHE A CD2 1 
ATOM   413 C CE1 A PHE A 1 53 ? -10.240 -10.060 8.743   0.50 32.98 ? 53  PHE A CE1 1 
ATOM   414 C CE1 B PHE A 1 53 ? -13.101 -7.128  14.453  0.50 38.26 ? 53  PHE A CE1 1 
ATOM   415 C CE2 A PHE A 1 53 ? -10.113 -11.152 10.906  0.50 32.14 ? 53  PHE A CE2 1 
ATOM   416 C CE2 B PHE A 1 53 ? -13.502 -5.190  13.168  0.50 40.86 ? 53  PHE A CE2 1 
ATOM   417 C CZ  A PHE A 1 53 ? -10.078 -11.235 9.497   0.50 33.03 ? 53  PHE A CZ  1 
ATOM   418 C CZ  B PHE A 1 53 ? -13.820 -5.990  14.212  0.50 38.53 ? 53  PHE A CZ  1 
ATOM   419 N N   . ILE A 1 54 ? -9.690  -4.317  10.931  1.00 38.42 ? 54  ILE A N   1 
ATOM   420 C CA  . ILE A 1 54 ? -10.023 -2.888  10.863  1.00 36.16 ? 54  ILE A CA  1 
ATOM   421 C C   . ILE A 1 54 ? -10.910 -2.680  9.639   1.00 36.48 ? 54  ILE A C   1 
ATOM   422 O O   . ILE A 1 54 ? -10.903 -3.481  8.699   1.00 34.23 ? 54  ILE A O   1 
ATOM   423 C CB  . ILE A 1 54 ? -8.798  -1.961  10.767  1.00 35.99 ? 54  ILE A CB  1 
ATOM   424 C CG1 . ILE A 1 54 ? -7.911  -2.278  9.538   1.00 33.03 ? 54  ILE A CG1 1 
ATOM   425 C CG2 . ILE A 1 54 ? -8.024  -2.031  12.045  1.00 38.13 ? 54  ILE A CG2 1 
ATOM   426 C CD1 . ILE A 1 54 ? -6.802  -1.200  9.214   1.00 35.11 ? 54  ILE A CD1 1 
ATOM   427 N N   . LYS A 1 55 ? -11.700 -1.607  9.671   1.00 37.38 ? 55  LYS A N   1 
ATOM   428 C CA  . LYS A 1 55 ? -12.550 -1.236  8.556   1.00 37.21 ? 55  LYS A CA  1 
ATOM   429 C C   . LYS A 1 55 ? -11.761 -0.254  7.710   1.00 34.97 ? 55  LYS A C   1 
ATOM   430 O O   . LYS A 1 55 ? -11.117 0.645   8.228   1.00 34.40 ? 55  LYS A O   1 
ATOM   431 C CB  . LYS A 1 55 ? -13.846 -0.544  9.082   1.00 38.45 ? 55  LYS A CB  1 
ATOM   432 C CG  . LYS A 1 55 ? -14.574 -1.298  10.230  1.00 41.88 ? 55  LYS A CG  1 
ATOM   433 C CD  . LYS A 1 55 ? -16.173 -1.060  10.188  1.00 41.72 ? 55  LYS A CD  1 
ATOM   434 C CE  . LYS A 1 55 ? -16.968 -2.126  11.041  1.00 44.29 ? 55  LYS A CE  1 
ATOM   435 N NZ  . LYS A 1 55 ? -18.463 -1.935  11.317  1.00 42.25 ? 55  LYS A NZ  1 
ATOM   436 N N   . VAL A 1 56 ? -11.815 -0.424  6.397   1.00 34.47 ? 56  VAL A N   1 
ATOM   437 C CA  . VAL A 1 56 ? -11.120 0.492   5.500   1.00 34.34 ? 56  VAL A CA  1 
ATOM   438 C C   . VAL A 1 56 ? -12.026 0.899   4.376   1.00 34.06 ? 56  VAL A C   1 
ATOM   439 O O   . VAL A 1 56 ? -13.057 0.236   4.140   1.00 34.00 ? 56  VAL A O   1 
ATOM   440 C CB  . VAL A 1 56 ? -9.772  -0.130  4.920   1.00 32.41 ? 56  VAL A CB  1 
ATOM   441 C CG1 . VAL A 1 56 ? -8.808  -0.494  6.004   1.00 32.48 ? 56  VAL A CG1 1 
ATOM   442 C CG2 . VAL A 1 56 ? -10.029 -1.326  3.953   1.00 34.15 ? 56  VAL A CG2 1 
ATOM   443 N N   . ARG A 1 57 ? -11.643 1.943   3.641   1.00 34.85 ? 57  ARG A N   1 
ATOM   444 C CA  . ARG A 1 57 ? -12.352 2.308   2.399   1.00 35.31 ? 57  ARG A CA  1 
ATOM   445 C C   . ARG A 1 57 ? -11.566 1.835   1.202   1.00 34.08 ? 57  ARG A C   1 
ATOM   446 O O   . ARG A 1 57 ? -10.392 2.182   1.082   1.00 32.74 ? 57  ARG A O   1 
ATOM   447 C CB  . ARG A 1 57 ? -12.514 3.847   2.281   1.00 34.81 ? 57  ARG A CB  1 
ATOM   448 C CG  . ARG A 1 57 ? -13.015 4.496   3.553   1.00 36.34 ? 57  ARG A CG  1 
ATOM   449 C CD  . ARG A 1 57 ? -13.451 5.977   3.368   1.00 38.61 ? 57  ARG A CD  1 
ATOM   450 N NE  . ARG A 1 57 ? -12.398 6.912   2.968   1.00 39.58 ? 57  ARG A NE  1 
ATOM   451 C CZ  . ARG A 1 57 ? -11.508 7.506   3.779   1.00 40.62 ? 57  ARG A CZ  1 
ATOM   452 N NH1 . ARG A 1 57 ? -11.456 7.255   5.072   1.00 45.58 ? 57  ARG A NH1 1 
ATOM   453 N NH2 . ARG A 1 57 ? -10.629 8.351   3.279   1.00 43.37 ? 57  ARG A NH2 1 
ATOM   454 N N   . GLN A 1 58 ? -12.212 1.087   0.305   1.00 33.12 ? 58  GLN A N   1 
ATOM   455 C CA  . GLN A 1 58 ? -11.561 0.614   -0.869  1.00 33.66 ? 58  GLN A CA  1 
ATOM   456 C C   . GLN A 1 58 ? -11.738 1.565   -2.071  1.00 34.55 ? 58  GLN A C   1 
ATOM   457 O O   . GLN A 1 58 ? -12.891 1.933   -2.391  1.00 33.15 ? 58  GLN A O   1 
ATOM   458 C CB  . GLN A 1 58 ? -12.094 -0.762  -1.255  1.00 34.23 ? 58  GLN A CB  1 
ATOM   459 C CG  . GLN A 1 58 ? -11.537 -1.247  -2.645  1.00 33.88 ? 58  GLN A CG  1 
ATOM   460 C CD  . GLN A 1 58 ? -12.019 -2.638  -3.042  1.00 37.61 ? 58  GLN A CD  1 
ATOM   461 O OE1 . GLN A 1 58 ? -12.501 -3.394  -2.179  1.00 42.99 ? 58  GLN A OE1 1 
ATOM   462 N NE2 . GLN A 1 58 ? -11.887 -3.003  -4.374  1.00 35.22 ? 58  GLN A NE2 1 
ATOM   463 N N   . TYR A 1 59 ? -10.626 1.928   -2.725  1.00 32.09 ? 59  TYR A N   1 
ATOM   464 C CA  . TYR A 1 59 ? -10.651 2.770   -3.902  1.00 33.20 ? 59  TYR A CA  1 
ATOM   465 C C   . TYR A 1 59 ? -10.001 2.041   -5.041  1.00 33.20 ? 59  TYR A C   1 
ATOM   466 O O   . TYR A 1 59 ? -8.918  1.586   -4.892  1.00 32.27 ? 59  TYR A O   1 
ATOM   467 C CB  . TYR A 1 59 ? -9.823  4.047   -3.683  1.00 33.38 ? 59  TYR A CB  1 
ATOM   468 C CG  . TYR A 1 59 ? -10.360 5.026   -2.715  1.00 34.66 ? 59  TYR A CG  1 
ATOM   469 C CD1 . TYR A 1 59 ? -10.097 4.900   -1.369  1.00 32.57 ? 59  TYR A CD1 1 
ATOM   470 C CD2 . TYR A 1 59 ? -11.139 6.167   -3.174  1.00 34.29 ? 59  TYR A CD2 1 
ATOM   471 C CE1 . TYR A 1 59 ? -10.601 5.849   -0.455  1.00 34.37 ? 59  TYR A CE1 1 
ATOM   472 C CE2 . TYR A 1 59 ? -11.613 7.124   -2.270  1.00 32.11 ? 59  TYR A CE2 1 
ATOM   473 C CZ  . TYR A 1 59 ? -11.378 6.963   -0.917  1.00 36.53 ? 59  TYR A CZ  1 
ATOM   474 O OH  . TYR A 1 59 ? -11.895 7.851   0.036   1.00 34.81 ? 59  TYR A OH  1 
ATOM   475 N N   . ASP A 1 60 ? -10.651 2.008   -6.203  1.00 33.79 ? 60  ASP A N   1 
ATOM   476 C CA  . ASP A 1 60 ? -10.145 1.287   -7.338  1.00 33.94 ? 60  ASP A CA  1 
ATOM   477 C C   . ASP A 1 60 ? -9.471  2.166   -8.388  1.00 32.34 ? 60  ASP A C   1 
ATOM   478 O O   . ASP A 1 60 ? -9.700  3.356   -8.446  1.00 33.50 ? 60  ASP A O   1 
ATOM   479 C CB  . ASP A 1 60 ? -11.265 0.400   -7.942  1.00 34.94 ? 60  ASP A CB  1 
ATOM   480 C CG  . ASP A 1 60 ? -11.811 -0.682  -6.949  1.00 39.54 ? 60  ASP A CG  1 
ATOM   481 O OD1 . ASP A 1 60 ? -11.031 -1.554  -6.483  1.00 40.11 ? 60  ASP A OD1 1 
ATOM   482 O OD2 . ASP A 1 60 ? -13.029 -0.672  -6.634  1.00 41.93 ? 60  ASP A OD2 1 
ATOM   483 N N   . GLN A 1 61 ? -8.608  1.559   -9.195  1.00 32.23 ? 61  GLN A N   1 
ATOM   484 C CA  . GLN A 1 61 ? -7.833  2.253   -10.248 1.00 32.42 ? 61  GLN A CA  1 
ATOM   485 C C   . GLN A 1 61 ? -7.170  3.581   -9.799  1.00 31.12 ? 61  GLN A C   1 
ATOM   486 O O   . GLN A 1 61 ? -7.298  4.661   -10.435 1.00 29.72 ? 61  GLN A O   1 
ATOM   487 C CB  . GLN A 1 61 ? -8.675  2.371   -11.505 1.00 33.88 ? 61  GLN A CB  1 
ATOM   488 C CG  . GLN A 1 61 ? -9.377  1.071   -11.812 1.00 41.90 ? 61  GLN A CG  1 
ATOM   489 C CD  . GLN A 1 61 ? -10.805 1.278   -12.350 1.00 52.36 ? 61  GLN A CD  1 
ATOM   490 O OE1 . GLN A 1 61 ? -11.623 2.046   -11.794 1.00 55.33 ? 61  GLN A OE1 1 
ATOM   491 N NE2 . GLN A 1 61 ? -11.117 0.557   -13.425 1.00 55.91 ? 61  GLN A NE2 1 
ATOM   492 N N   . ILE A 1 62 ? -6.477  3.500   -8.666  1.00 28.35 ? 62  ILE A N   1 
ATOM   493 C CA  . ILE A 1 62 ? -5.764  4.662   -8.099  1.00 26.57 ? 62  ILE A CA  1 
ATOM   494 C C   . ILE A 1 62 ? -4.371  4.601   -8.613  1.00 25.26 ? 62  ILE A C   1 
ATOM   495 O O   . ILE A 1 62 ? -3.750  3.539   -8.556  1.00 22.48 ? 62  ILE A O   1 
ATOM   496 C CB  . ILE A 1 62 ? -5.789  4.575   -6.562  1.00 26.59 ? 62  ILE A CB  1 
ATOM   497 C CG1 . ILE A 1 62 ? -7.244  4.730   -6.074  1.00 25.98 ? 62  ILE A CG1 1 
ATOM   498 C CG2 . ILE A 1 62 ? -4.844  5.529   -5.930  1.00 26.22 ? 62  ILE A CG2 1 
ATOM   499 C CD1 . ILE A 1 62 ? -8.009  6.083   -6.567  1.00 31.40 ? 62  ILE A CD1 1 
ATOM   500 N N   . LEU A 1 63 ? -3.872  5.732   -9.115  1.00 22.88 ? 63  LEU A N   1 
ATOM   501 C CA  . LEU A 1 63 ? -2.448  5.892   -9.524  1.00 21.92 ? 63  LEU A CA  1 
ATOM   502 C C   . LEU A 1 63 ? -1.529  6.150   -8.329  1.00 20.97 ? 63  LEU A C   1 
ATOM   503 O O   . LEU A 1 63 ? -1.824  6.995   -7.482  1.00 23.11 ? 63  LEU A O   1 
ATOM   504 C CB  . LEU A 1 63 ? -2.342  7.149   -10.447 1.00 18.85 ? 63  LEU A CB  1 
ATOM   505 C CG  . LEU A 1 63 ? -0.948  7.411   -11.018 1.00 20.37 ? 63  LEU A CG  1 
ATOM   506 C CD1 . LEU A 1 63 ? -0.278  6.227   -11.734 1.00 22.12 ? 63  LEU A CD1 1 
ATOM   507 C CD2 . LEU A 1 63 ? -0.820  8.593   -11.876 1.00 24.94 ? 63  LEU A CD2 1 
ATOM   508 N N   . ILE A 1 64 ? -0.405  5.467   -8.287  1.00 23.15 ? 64  ILE A N   1 
ATOM   509 C CA  . ILE A 1 64 ? 0.534   5.573   -7.172  1.00 26.03 ? 64  ILE A CA  1 
ATOM   510 C C   . ILE A 1 64 ? 1.904   5.331   -7.769  1.00 26.46 ? 64  ILE A C   1 
ATOM   511 O O   . ILE A 1 64 ? 2.083   4.445   -8.604  1.00 26.30 ? 64  ILE A O   1 
ATOM   512 C CB  . ILE A 1 64 ? 0.101   4.612   -5.995  1.00 25.66 ? 64  ILE A CB  1 
ATOM   513 C CG1 . ILE A 1 64 ? 1.032   4.676   -4.778  1.00 27.67 ? 64  ILE A CG1 1 
ATOM   514 C CG2 . ILE A 1 64 ? 0.003   3.172   -6.515  1.00 28.32 ? 64  ILE A CG2 1 
ATOM   515 C CD1 . ILE A 1 64 ? 0.360   3.964   -3.621  1.00 29.73 ? 64  ILE A CD1 1 
ATOM   516 N N   . GLU A 1 65 ? 2.861   6.179   -7.415  1.00 26.30 ? 65  GLU A N   1 
ATOM   517 C CA  . GLU A 1 65 ? 4.238   5.998   -7.837  1.00 27.17 ? 65  GLU A CA  1 
ATOM   518 C C   . GLU A 1 65 ? 4.989   5.392   -6.641  1.00 27.24 ? 65  GLU A C   1 
ATOM   519 O O   . GLU A 1 65 ? 4.867   5.897   -5.524  1.00 27.55 ? 65  GLU A O   1 
ATOM   520 C CB  . GLU A 1 65 ? 4.882   7.349   -8.154  1.00 28.42 ? 65  GLU A CB  1 
ATOM   521 C CG  . GLU A 1 65 ? 6.125   7.262   -8.991  1.00 29.81 ? 65  GLU A CG  1 
ATOM   522 C CD  . GLU A 1 65 ? 6.159   8.358   -9.993  1.00 40.87 ? 65  GLU A CD  1 
ATOM   523 O OE1 . GLU A 1 65 ? 5.150   9.104   -10.101 1.00 44.43 ? 65  GLU A OE1 1 
ATOM   524 O OE2 . GLU A 1 65 ? 7.200   8.518   -10.666 1.00 45.90 ? 65  GLU A OE2 1 
ATOM   525 N N   . ILE A 1 66 ? 5.744   4.324   -6.878  1.00 27.37 ? 66  ILE A N   1 
ATOM   526 C CA  . ILE A 1 66 ? 6.505   3.641   -5.790  1.00 25.81 ? 66  ILE A CA  1 
ATOM   527 C C   . ILE A 1 66 ? 7.974   3.677   -6.220  1.00 26.55 ? 66  ILE A C   1 
ATOM   528 O O   . ILE A 1 66 ? 8.356   3.010   -7.144  1.00 25.55 ? 66  ILE A O   1 
ATOM   529 C CB  . ILE A 1 66 ? 5.978   2.243   -5.556  1.00 25.42 ? 66  ILE A CB  1 
ATOM   530 C CG1 . ILE A 1 66 ? 4.441   2.298   -5.253  1.00 23.27 ? 66  ILE A CG1 1 
ATOM   531 C CG2 . ILE A 1 66 ? 6.809   1.441   -4.491  1.00 22.69 ? 66  ILE A CG2 1 
ATOM   532 C CD1 . ILE A 1 66 ? 3.710   0.956   -5.564  1.00 23.95 ? 66  ILE A CD1 1 
ATOM   533 N N   . CYS A 1 67 ? 8.782   4.463   -5.515  1.00 27.10 ? 67  CYS A N   1 
ATOM   534 C CA  . CYS A 1 67 ? 10.169  4.754   -5.932  1.00 29.94 ? 67  CYS A CA  1 
ATOM   535 C C   . CYS A 1 67 ? 10.301  4.984   -7.435  1.00 29.05 ? 67  CYS A C   1 
ATOM   536 O O   . CYS A 1 67 ? 11.158  4.371   -8.064  1.00 31.86 ? 67  CYS A O   1 
ATOM   537 C CB  . CYS A 1 67 ? 11.140  3.601   -5.615  1.00 31.42 ? 67  CYS A CB  1 
ATOM   538 S SG  . CYS A 1 67 ? 11.401  3.324   -3.961  1.00 43.23 ? 67  CYS A SG  1 
ATOM   539 N N   . GLY A 1 68 ? 9.482   5.836   -8.025  1.00 27.66 ? 68  GLY A N   1 
ATOM   540 C CA  . GLY A 1 68 ? 9.618   6.088   -9.474  1.00 28.18 ? 68  GLY A CA  1 
ATOM   541 C C   . GLY A 1 68 ? 8.873   5.113   -10.362 1.00 29.06 ? 68  GLY A C   1 
ATOM   542 O O   . GLY A 1 68 ? 8.803   5.326   -11.559 1.00 28.46 ? 68  GLY A O   1 
ATOM   543 N N   . HIS A 1 69 ? 8.335   4.045   -9.778  1.00 27.03 ? 69  HIS A N   1 
ATOM   544 C CA  . HIS A 1 69 ? 7.587   3.060   -10.542 1.00 28.47 ? 69  HIS A CA  1 
ATOM   545 C C   . HIS A 1 69 ? 6.090   3.292   -10.376 1.00 27.10 ? 69  HIS A C   1 
ATOM   546 O O   . HIS A 1 69 ? 5.563   3.236   -9.248  1.00 26.50 ? 69  HIS A O   1 
ATOM   547 C CB  . HIS A 1 69 ? 7.954   1.634   -10.067 1.00 28.30 ? 69  HIS A CB  1 
ATOM   548 C CG  . HIS A 1 69 ? 9.352   1.254   -10.407 1.00 28.32 ? 69  HIS A CG  1 
ATOM   549 N ND1 . HIS A 1 69 ? 9.647   0.259   -11.330 1.00 32.07 ? 69  HIS A ND1 1 
ATOM   550 C CD2 . HIS A 1 69 ? 10.541  1.754   -9.979  1.00 26.35 ? 69  HIS A CD2 1 
ATOM   551 C CE1 . HIS A 1 69 ? 10.961  0.181   -11.460 1.00 34.96 ? 69  HIS A CE1 1 
ATOM   552 N NE2 . HIS A 1 69 ? 11.520  1.082   -10.662 1.00 33.29 ? 69  HIS A NE2 1 
ATOM   553 N N   . LYS A 1 70 ? 5.417   3.535   -11.498 1.00 25.78 ? 70  LYS A N   1 
ATOM   554 C CA  . LYS A 1 70 ? 4.044   3.918   -11.495 1.00 26.73 ? 70  LYS A CA  1 
ATOM   555 C C   . LYS A 1 70 ? 3.237   2.629   -11.516 1.00 25.36 ? 70  LYS A C   1 
ATOM   556 O O   . LYS A 1 70 ? 3.657   1.665   -12.142 1.00 25.98 ? 70  LYS A O   1 
ATOM   557 C CB  . LYS A 1 70 ? 3.763   4.756   -12.757 1.00 27.35 ? 70  LYS A CB  1 
ATOM   558 C CG  . LYS A 1 70 ? 4.261   6.184   -12.710 1.00 27.53 ? 70  LYS A CG  1 
ATOM   559 C CD  . LYS A 1 70 ? 4.047   6.739   -14.080 1.00 35.30 ? 70  LYS A CD  1 
ATOM   560 C CE  . LYS A 1 70 ? 5.141   7.703   -14.405 1.00 43.92 ? 70  LYS A CE  1 
ATOM   561 N NZ  . LYS A 1 70 ? 4.863   8.981   -13.790 1.00 40.34 ? 70  LYS A NZ  1 
ATOM   562 N N   . ALA A 1 71 ? 2.112   2.608   -10.802 1.00 24.17 ? 71  ALA A N   1 
ATOM   563 C CA  . ALA A 1 71 ? 1.177   1.485   -10.832 1.00 25.05 ? 71  ALA A CA  1 
ATOM   564 C C   . ALA A 1 71 ? -0.241  2.025   -10.656 1.00 24.01 ? 71  ALA A C   1 
ATOM   565 O O   . ALA A 1 71 ? -0.430  3.101   -10.082 1.00 24.15 ? 71  ALA A O   1 
ATOM   566 C CB  . ALA A 1 71 ? 1.574   0.417   -9.748  1.00 25.64 ? 71  ALA A CB  1 
ATOM   567 N N   . ILE A 1 72 ? -1.241  1.324   -11.173 1.00 25.20 ? 72  ILE A N   1 
ATOM   568 C CA  . ILE A 1 72 ? -2.638  1.747   -10.996 1.00 24.87 ? 72  ILE A CA  1 
ATOM   569 C C   . ILE A 1 72 ? -3.307  0.583   -10.338 1.00 25.39 ? 72  ILE A C   1 
ATOM   570 O O   . ILE A 1 72 ? -3.220  -0.588  -10.816 1.00 24.16 ? 72  ILE A O   1 
ATOM   571 C CB  . ILE A 1 72 ? -3.394  2.183   -12.308 1.00 26.87 ? 72  ILE A CB  1 
ATOM   572 C CG1 . ILE A 1 72 ? -2.969  3.585   -12.768 1.00 28.03 ? 72  ILE A CG1 1 
ATOM   573 C CG2 . ILE A 1 72 ? -4.881  2.320   -12.077 1.00 24.69 ? 72  ILE A CG2 1 
ATOM   574 C CD1 . ILE A 1 72 ? -3.362  3.839   -14.208 1.00 28.56 ? 72  ILE A CD1 1 
ATOM   575 N N   . GLY A 1 73 ? -4.009  0.855   -9.250  1.00 23.19 ? 73  GLY A N   1 
ATOM   576 C CA  . GLY A 1 73 ? -4.809  -0.194  -8.723  1.00 24.18 ? 73  GLY A CA  1 
ATOM   577 C C   . GLY A 1 73 ? -5.477  0.141   -7.487  1.00 24.30 ? 73  GLY A C   1 
ATOM   578 O O   . GLY A 1 73 ? -5.675  1.318   -7.187  1.00 23.97 ? 73  GLY A O   1 
ATOM   579 N N   . THR A 1 74 ? -5.860  -0.897  -6.756  1.00 23.99 ? 74  THR A N   1 
ATOM   580 C CA  . THR A 1 74 ? -6.681  -0.747  -5.604  1.00 25.08 ? 74  THR A CA  1 
ATOM   581 C C   . THR A 1 74 ? -5.904  -0.221  -4.392  1.00 25.26 ? 74  THR A C   1 
ATOM   582 O O   . THR A 1 74 ? -4.848  -0.769  -3.994  1.00 26.85 ? 74  THR A O   1 
ATOM   583 C CB  . THR A 1 74 ? -7.370  -2.101  -5.333  1.00 27.08 ? 74  THR A CB  1 
ATOM   584 O OG1 . THR A 1 74 ? -8.247  -2.397  -6.414  1.00 28.31 ? 74  THR A OG1 1 
ATOM   585 C CG2 . THR A 1 74 ? -8.166  -2.121  -3.975  1.00 24.24 ? 74  THR A CG2 1 
ATOM   586 N N   . VAL A 1 75 ? -6.416  0.827   -3.777  1.00 23.94 ? 75  VAL A N   1 
ATOM   587 C CA  . VAL A 1 75 ? -5.765  1.348   -2.580  1.00 23.67 ? 75  VAL A CA  1 
ATOM   588 C C   . VAL A 1 75 ? -6.827  1.381   -1.514  1.00 24.04 ? 75  VAL A C   1 
ATOM   589 O O   . VAL A 1 75 ? -7.950  1.821   -1.754  1.00 26.33 ? 75  VAL A O   1 
ATOM   590 C CB  . VAL A 1 75 ? -5.102  2.714   -2.890  1.00 22.10 ? 75  VAL A CB  1 
ATOM   591 C CG1 . VAL A 1 75 ? -4.635  3.392   -1.717  1.00 23.46 ? 75  VAL A CG1 1 
ATOM   592 C CG2 . VAL A 1 75 ? -3.949  2.486   -3.838  1.00 26.05 ? 75  VAL A CG2 1 
ATOM   593 N N   . LEU A 1 76 ? -6.473  0.927   -0.323  1.00 24.88 ? 76  LEU A N   1 
ATOM   594 C CA  . LEU A 1 76 ? -7.343  0.988   0.842   1.00 25.10 ? 76  LEU A CA  1 
ATOM   595 C C   . LEU A 1 76 ? -6.827  2.092   1.793   1.00 24.94 ? 76  LEU A C   1 
ATOM   596 O O   . LEU A 1 76 ? -5.614  2.363   1.928   1.00 25.02 ? 76  LEU A O   1 
ATOM   597 C CB  . LEU A 1 76 ? -7.317  -0.391  1.550   1.00 22.31 ? 76  LEU A CB  1 
ATOM   598 C CG  . LEU A 1 76 ? -7.536  -1.615  0.720   1.00 24.57 ? 76  LEU A CG  1 
ATOM   599 C CD1 . LEU A 1 76 ? -7.400  -2.747  1.735   1.00 23.59 ? 76  LEU A CD1 1 
ATOM   600 C CD2 . LEU A 1 76 ? -8.940  -1.613  0.106   1.00 22.59 ? 76  LEU A CD2 1 
ATOM   601 N N   . VAL A 1 77 ? -7.758  2.754   2.466   1.00 24.79 ? 77  VAL A N   1 
ATOM   602 C CA  . VAL A 1 77 ? -7.389  3.836   3.350   1.00 26.45 ? 77  VAL A CA  1 
ATOM   603 C C   . VAL A 1 77 ? -8.125  3.590   4.648   1.00 27.16 ? 77  VAL A C   1 
ATOM   604 O O   . VAL A 1 77 ? -9.317  3.312   4.639   1.00 28.70 ? 77  VAL A O   1 
ATOM   605 C CB  . VAL A 1 77 ? -7.903  5.181   2.759   1.00 25.88 ? 77  VAL A CB  1 
ATOM   606 C CG1 . VAL A 1 77 ? -7.692  6.337   3.745   1.00 28.32 ? 77  VAL A CG1 1 
ATOM   607 C CG2 . VAL A 1 77 ? -7.319  5.425   1.343   1.00 27.24 ? 77  VAL A CG2 1 
ATOM   608 N N   . GLY A 1 78 ? -7.432  3.693   5.761   1.00 27.55 ? 78  GLY A N   1 
ATOM   609 C CA  . GLY A 1 78 ? -8.051  3.431   7.011   1.00 27.28 ? 78  GLY A CA  1 
ATOM   610 C C   . GLY A 1 78 ? -7.038  3.558   8.116   1.00 29.77 ? 78  GLY A C   1 
ATOM   611 O O   . GLY A 1 78 ? -5.887  4.058   7.880   1.00 30.63 ? 78  GLY A O   1 
ATOM   612 N N   . PRO A 1 79 ? -7.423  3.122   9.331   1.00 29.86 ? 79  PRO A N   1 
ATOM   613 C CA  . PRO A 1 79 ? -6.592  3.344   10.519  1.00 31.02 ? 79  PRO A CA  1 
ATOM   614 C C   . PRO A 1 79 ? -5.447  2.381   10.639  1.00 30.74 ? 79  PRO A C   1 
ATOM   615 O O   . PRO A 1 79 ? -5.337  1.731   11.642  1.00 32.19 ? 79  PRO A O   1 
ATOM   616 C CB  . PRO A 1 79 ? -7.569  3.093   11.710  1.00 29.77 ? 79  PRO A CB  1 
ATOM   617 C CG  . PRO A 1 79 ? -8.816  2.513   11.122  1.00 30.04 ? 79  PRO A CG  1 
ATOM   618 C CD  . PRO A 1 79 ? -8.691  2.407   9.649   1.00 28.41 ? 79  PRO A CD  1 
ATOM   619 N N   . THR A 1 80 ? -4.625  2.271   9.597   1.00 30.69 ? 80  THR A N   1 
ATOM   620 C CA  . THR A 1 80 ? -3.312  1.605   9.708   1.00 27.84 ? 80  THR A CA  1 
ATOM   621 C C   . THR A 1 80 ? -2.273  2.566   10.261  1.00 28.49 ? 80  THR A C   1 
ATOM   622 O O   . THR A 1 80 ? -2.310  3.698   9.957   1.00 28.96 ? 80  THR A O   1 
ATOM   623 C CB  . THR A 1 80 ? -2.788  1.142   8.332   1.00 27.15 ? 80  THR A CB  1 
ATOM   624 O OG1 . THR A 1 80 ? -1.514  0.543   8.560   1.00 24.53 ? 80  THR A OG1 1 
ATOM   625 C CG2 . THR A 1 80 ? -2.647  2.316   7.342   1.00 21.07 ? 80  THR A CG2 1 
ATOM   626 N N   . PRO A 1 81 ? -1.346  2.096   11.089  1.00 29.78 ? 81  PRO A N   1 
ATOM   627 C CA  . PRO A 1 81 ? -0.306  2.997   11.599  1.00 30.14 ? 81  PRO A CA  1 
ATOM   628 C C   . PRO A 1 81 ? 0.871   3.295   10.657  1.00 30.87 ? 81  PRO A C   1 
ATOM   629 O O   . PRO A 1 81 ? 1.649   4.257   10.935  1.00 30.16 ? 81  PRO A O   1 
ATOM   630 C CB  . PRO A 1 81 ? 0.200   2.251   12.834  1.00 30.55 ? 81  PRO A CB  1 
ATOM   631 C CG  . PRO A 1 81 ? -0.051  0.775   12.478  1.00 31.89 ? 81  PRO A CG  1 
ATOM   632 C CD  . PRO A 1 81 ? -1.270  0.728   11.660  1.00 30.09 ? 81  PRO A CD  1 
ATOM   633 N N   . VAL A 1 82 ? 1.017   2.478   9.591   1.00 29.06 ? 82  VAL A N   1 
ATOM   634 C CA  . VAL A 1 82 ? 2.042   2.641   8.576   1.00 27.35 ? 82  VAL A CA  1 
ATOM   635 C C   . VAL A 1 82 ? 1.391   2.488   7.265   1.00 24.67 ? 82  VAL A C   1 
ATOM   636 O O   . VAL A 1 82 ? 0.413   1.700   7.138   1.00 26.71 ? 82  VAL A O   1 
ATOM   637 C CB  . VAL A 1 82 ? 3.191   1.550   8.646   1.00 27.69 ? 82  VAL A CB  1 
ATOM   638 C CG1 . VAL A 1 82 ? 4.006   1.815   9.773   1.00 32.00 ? 82  VAL A CG1 1 
ATOM   639 C CG2 . VAL A 1 82 ? 2.663   0.178   8.853   1.00 31.02 ? 82  VAL A CG2 1 
ATOM   640 N N   . ASN A 1 83 ? 1.898   3.198   6.265   1.00 22.89 ? 83  ASN A N   1 
ATOM   641 C CA  . ASN A 1 83 ? 1.411   3.054   4.879   1.00 22.96 ? 83  ASN A CA  1 
ATOM   642 C C   . ASN A 1 83 ? 2.013   1.728   4.393   1.00 19.03 ? 83  ASN A C   1 
ATOM   643 O O   . ASN A 1 83 ? 3.157   1.488   4.571   1.00 19.22 ? 83  ASN A O   1 
ATOM   644 C CB  . ASN A 1 83 ? 1.869   4.201   3.944   1.00 21.15 ? 83  ASN A CB  1 
ATOM   645 C CG  . ASN A 1 83 ? 1.241   5.554   4.306   1.00 26.42 ? 83  ASN A CG  1 
ATOM   646 O OD1 . ASN A 1 83 ? 0.059   5.649   4.598   1.00 25.33 ? 83  ASN A OD1 1 
ATOM   647 N ND2 . ASN A 1 83 ? 2.076   6.563   4.416   1.00 26.38 ? 83  ASN A ND2 1 
ATOM   648 N N   . ILE A 1 84 ? 1.198   0.870   3.825   1.00 19.92 ? 84  ILE A N   1 
ATOM   649 C CA  . ILE A 1 84 ? 1.699   -0.459  3.409   1.00 19.81 ? 84  ILE A CA  1 
ATOM   650 C C   . ILE A 1 84 ? 1.477   -0.678  1.908   1.00 19.04 ? 84  ILE A C   1 
ATOM   651 O O   . ILE A 1 84 ? 0.354   -0.514  1.394   1.00 18.55 ? 84  ILE A O   1 
ATOM   652 C CB  . ILE A 1 84 ? 1.007   -1.544  4.239   1.00 21.61 ? 84  ILE A CB  1 
ATOM   653 C CG1 . ILE A 1 84 ? 1.492   -1.460  5.707   1.00 19.18 ? 84  ILE A CG1 1 
ATOM   654 C CG2 . ILE A 1 84 ? 1.113   -2.943  3.492   1.00 18.54 ? 84  ILE A CG2 1 
ATOM   655 C CD1 . ILE A 1 84 ? 0.531   -1.999  6.677   1.00 26.03 ? 84  ILE A CD1 1 
ATOM   656 N N   . ILE A 1 85 ? 2.546   -1.061  1.204   1.00 18.29 ? 85  ILE A N   1 
ATOM   657 C CA  . ILE A 1 85 ? 2.431   -1.361  -0.161  1.00 18.63 ? 85  ILE A CA  1 
ATOM   658 C C   . ILE A 1 85 ? 2.344   -2.899  -0.200  1.00 19.89 ? 85  ILE A C   1 
ATOM   659 O O   . ILE A 1 85 ? 3.280   -3.565  0.197   1.00 18.13 ? 85  ILE A O   1 
ATOM   660 C CB  . ILE A 1 85 ? 3.596   -0.818  -1.022  1.00 19.46 ? 85  ILE A CB  1 
ATOM   661 C CG1 . ILE A 1 85 ? 3.778   0.698   -0.871  1.00 17.42 ? 85  ILE A CG1 1 
ATOM   662 C CG2 . ILE A 1 85 ? 3.294   -1.088  -2.515  1.00 15.87 ? 85  ILE A CG2 1 
ATOM   663 C CD1 . ILE A 1 85 ? 2.464   1.521   -1.175  1.00 19.60 ? 85  ILE A CD1 1 
ATOM   664 N N   . GLY A 1 86 ? 1.205   -3.426  -0.656  1.00 21.53 ? 86  GLY A N   1 
ATOM   665 C CA  . GLY A 1 86 ? 0.968   -4.893  -0.615  1.00 20.26 ? 86  GLY A CA  1 
ATOM   666 C C   . GLY A 1 86 ? 1.177   -5.443  -1.989  1.00 19.73 ? 86  GLY A C   1 
ATOM   667 O O   . GLY A 1 86 ? 1.562   -4.736  -2.911  1.00 22.23 ? 86  GLY A O   1 
ATOM   668 N N   . ARG A 1 87 ? 0.894   -6.737  -2.133  1.00 21.28 ? 87  ARG A N   1 
ATOM   669 C CA  . ARG A 1 87 ? 1.295   -7.553  -3.314  1.00 20.18 ? 87  ARG A CA  1 
ATOM   670 C C   . ARG A 1 87 ? 0.561   -7.143  -4.587  1.00 18.64 ? 87  ARG A C   1 
ATOM   671 O O   . ARG A 1 87 ? 1.091   -7.284  -5.683  1.00 21.50 ? 87  ARG A O   1 
ATOM   672 C CB  . ARG A 1 87 ? 0.998   -9.040  -3.015  1.00 20.45 ? 87  ARG A CB  1 
ATOM   673 C CG  . ARG A 1 87 ? 2.007   -9.678  -2.011  1.00 25.51 ? 87  ARG A CG  1 
ATOM   674 C CD  . ARG A 1 87 ? 1.803   -11.248 -1.887  1.00 19.50 ? 87  ARG A CD  1 
ATOM   675 N NE  . ARG A 1 87 ? 0.450   -11.491 -1.341  1.00 17.59 ? 87  ARG A NE  1 
ATOM   676 C CZ  . ARG A 1 87 ? -0.575  -11.948 -2.093  1.00 21.10 ? 87  ARG A CZ  1 
ATOM   677 N NH1 . ARG A 1 87 ? -0.410  -12.124 -3.403  1.00 20.09 ? 87  ARG A NH1 1 
ATOM   678 N NH2 . ARG A 1 87 ? -1.758  -12.088 -1.545  1.00 22.13 ? 87  ARG A NH2 1 
ATOM   679 N N   . ASN A 1 88 ? -0.643  -6.611  -4.419  1.00 20.23 ? 88  ASN A N   1 
ATOM   680 C CA  . ASN A 1 88 ? -1.432  -6.024  -5.546  1.00 20.97 ? 88  ASN A CA  1 
ATOM   681 C C   . ASN A 1 88 ? -0.659  -5.021  -6.388  1.00 22.07 ? 88  ASN A C   1 
ATOM   682 O O   . ASN A 1 88 ? -0.681  -5.036  -7.637  1.00 22.10 ? 88  ASN A O   1 
ATOM   683 C CB  . ASN A 1 88 ? -2.793  -5.541  -5.018  1.00 22.53 ? 88  ASN A CB  1 
ATOM   684 C CG  . ASN A 1 88 ? -2.762  -4.178  -4.329  1.00 23.87 ? 88  ASN A CG  1 
ATOM   685 O OD1 . ASN A 1 88 ? -3.478  -3.285  -4.755  1.00 30.46 ? 88  ASN A OD1 1 
ATOM   686 N ND2 . ASN A 1 88 ? -2.032  -4.031  -3.295  1.00 17.68 ? 88  ASN A ND2 1 
ATOM   687 N N   . LEU A 1 89 ? 0.076   -4.151  -5.697  1.00 21.90 ? 89  LEU A N   1 
ATOM   688 C CA  . LEU A 1 89 ? 0.980   -3.195  -6.360  1.00 21.43 ? 89  LEU A CA  1 
ATOM   689 C C   . LEU A 1 89 ? 2.465   -3.684  -6.574  1.00 21.40 ? 89  LEU A C   1 
ATOM   690 O O   . LEU A 1 89 ? 3.095   -3.339  -7.573  1.00 20.48 ? 89  LEU A O   1 
ATOM   691 C CB  . LEU A 1 89 ? 0.916   -1.779  -5.644  1.00 20.08 ? 89  LEU A CB  1 
ATOM   692 C CG  . LEU A 1 89 ? -0.463  -1.198  -5.490  1.00 21.08 ? 89  LEU A CG  1 
ATOM   693 C CD1 . LEU A 1 89 ? -0.397  0.082   -4.862  1.00 21.33 ? 89  LEU A CD1 1 
ATOM   694 C CD2 . LEU A 1 89 ? -1.155  -1.131  -6.848  1.00 23.95 ? 89  LEU A CD2 1 
ATOM   695 N N   . LEU A 1 90 ? 2.993   -4.478  -5.625  1.00 21.46 ? 90  LEU A N   1 
ATOM   696 C CA  . LEU A 1 90 ? 4.312   -5.039  -5.745  1.00 20.19 ? 90  LEU A CA  1 
ATOM   697 C C   . LEU A 1 90 ? 4.429   -5.859  -7.049  1.00 21.17 ? 90  LEU A C   1 
ATOM   698 O O   . LEU A 1 90 ? 5.467   -5.812  -7.704  1.00 21.14 ? 90  LEU A O   1 
ATOM   699 C CB  . LEU A 1 90 ? 4.721   -5.892  -4.514  1.00 19.41 ? 90  LEU A CB  1 
ATOM   700 C CG  . LEU A 1 90 ? 4.811   -5.187  -3.117  1.00 18.47 ? 90  LEU A CG  1 
ATOM   701 C CD1 . LEU A 1 90 ? 5.042   -6.196  -1.899  1.00 19.76 ? 90  LEU A CD1 1 
ATOM   702 C CD2 . LEU A 1 90 ? 5.829   -4.081  -3.101  1.00 18.33 ? 90  LEU A CD2 1 
ATOM   703 N N   . THR A 1 91 ? 3.374   -6.587  -7.421  1.00 23.28 ? 91  THR A N   1 
ATOM   704 C CA  . THR A 1 91 ? 3.426   -7.380  -8.681  1.00 25.93 ? 91  THR A CA  1 
ATOM   705 C C   . THR A 1 91 ? 3.566   -6.442  -9.881  1.00 28.92 ? 91  THR A C   1 
ATOM   706 O O   . THR A 1 91 ? 4.307   -6.724  -10.804 1.00 30.41 ? 91  THR A O   1 
ATOM   707 C CB  . THR A 1 91 ? 2.246   -8.323  -8.856  1.00 25.74 ? 91  THR A CB  1 
ATOM   708 O OG1 . THR A 1 91 ? 1.021   -7.611  -8.656  1.00 26.91 ? 91  THR A OG1 1 
ATOM   709 C CG2 . THR A 1 91 ? 2.242   -9.443  -7.784  1.00 24.41 ? 91  THR A CG2 1 
ATOM   710 N N   . GLN A 1 92 ? 2.873   -5.309  -9.841  1.00 30.45 ? 92  GLN A N   1 
ATOM   711 C CA  . GLN A 1 92 ? 2.881   -4.365  -10.936 1.00 32.33 ? 92  GLN A CA  1 
ATOM   712 C C   . GLN A 1 92 ? 4.209   -3.731  -11.194 1.00 31.68 ? 92  GLN A C   1 
ATOM   713 O O   . GLN A 1 92 ? 4.560   -3.471  -12.344 1.00 32.70 ? 92  GLN A O   1 
ATOM   714 C CB  . GLN A 1 92 ? 1.910   -3.215  -10.641 1.00 34.15 ? 92  GLN A CB  1 
ATOM   715 C CG  . GLN A 1 92 ? 0.448   -3.577  -10.714 1.00 37.57 ? 92  GLN A CG  1 
ATOM   716 C CD  . GLN A 1 92 ? -0.386  -2.392  -11.138 1.00 42.13 ? 92  GLN A CD  1 
ATOM   717 O OE1 . GLN A 1 92 ? -0.015  -1.574  -12.037 1.00 44.08 ? 92  GLN A OE1 1 
ATOM   718 N NE2 . GLN A 1 92 ? -1.524  -2.275  -10.496 1.00 42.77 ? 92  GLN A NE2 1 
ATOM   719 N N   . ILE A 1 93 ? 4.966   -3.460  -10.134 1.00 28.87 ? 93  ILE A N   1 
ATOM   720 C CA  . ILE A 1 93 ? 6.248   -2.822  -10.287 1.00 26.71 ? 93  ILE A CA  1 
ATOM   721 C C   . ILE A 1 93 ? 7.325   -3.880  -10.467 1.00 27.44 ? 93  ILE A C   1 
ATOM   722 O O   . ILE A 1 93 ? 8.462   -3.555  -10.560 1.00 29.69 ? 93  ILE A O   1 
ATOM   723 C CB  . ILE A 1 93 ? 6.587   -1.793  -9.129  1.00 27.32 ? 93  ILE A CB  1 
ATOM   724 C CG1 . ILE A 1 93 ? 6.637   -2.505  -7.734  1.00 28.32 ? 93  ILE A CG1 1 
ATOM   725 C CG2 . ILE A 1 93 ? 5.572   -0.597  -9.176  1.00 24.31 ? 93  ILE A CG2 1 
ATOM   726 C CD1 . ILE A 1 93 ? 7.127   -1.652  -6.498  1.00 26.00 ? 93  ILE A CD1 1 
ATOM   727 N N   . GLY A 1 94 ? 6.953   -5.146  -10.489 1.00 27.96 ? 94  GLY A N   1 
ATOM   728 C CA  . GLY A 1 94 ? 7.913   -6.207  -10.837 1.00 30.92 ? 94  GLY A CA  1 
ATOM   729 C C   . GLY A 1 94 ? 8.725   -6.664  -9.639  1.00 32.54 ? 94  GLY A C   1 
ATOM   730 O O   . GLY A 1 94 ? 9.882   -7.102  -9.794  1.00 33.48 ? 94  GLY A O   1 
ATOM   731 N N   . CYS A 1 95 ? 8.140   -6.575  -8.440  1.00 31.81 ? 95  CYS A N   1 
ATOM   732 C CA  . CYS A 1 95 ? 8.932   -6.736  -7.254  1.00 30.67 ? 95  CYS A CA  1 
ATOM   733 C C   . CYS A 1 95 ? 9.049   -8.221  -6.923  1.00 29.32 ? 95  CYS A C   1 
ATOM   734 O O   . CYS A 1 95 ? 8.069   -8.932  -6.946  1.00 29.18 ? 95  CYS A O   1 
ATOM   735 C CB  . CYS A 1 95 ? 8.415   -5.803  -6.110  1.00 30.66 ? 95  CYS A CB  1 
ATOM   736 S SG  . CYS A 1 95 ? 9.362   -5.918  -4.614  1.00 33.01 ? 95  CYS A SG  1 
ATOM   737 N N   . THR A 1 96 ? 10.271  -8.681  -6.648  1.00 30.77 ? 96  THR A N   1 
ATOM   738 C CA  . THR A 1 96 ? 10.512  -10.105 -6.260  1.00 31.30 ? 96  THR A CA  1 
ATOM   739 C C   . THR A 1 96 ? 11.348  -10.212 -4.947  1.00 29.95 ? 96  THR A C   1 
ATOM   740 O O   . THR A 1 96 ? 12.077  -9.311  -4.619  1.00 30.49 ? 96  THR A O   1 
ATOM   741 C CB  . THR A 1 96 ? 11.268  -10.918 -7.352  1.00 29.72 ? 96  THR A CB  1 
ATOM   742 O OG1 . THR A 1 96 ? 12.539  -10.321 -7.569  1.00 33.35 ? 96  THR A OG1 1 
ATOM   743 C CG2 . THR A 1 96 ? 10.520  -10.877 -8.706  1.00 32.27 ? 96  THR A CG2 1 
ATOM   744 N N   . LEU A 1 97 ? 11.228  -11.333 -4.252  1.00 30.03 ? 97  LEU A N   1 
ATOM   745 C CA  . LEU A 1 97 ? 12.070  -11.599 -3.104  1.00 31.51 ? 97  LEU A CA  1 
ATOM   746 C C   . LEU A 1 97 ? 13.167  -12.525 -3.584  1.00 32.89 ? 97  LEU A C   1 
ATOM   747 O O   . LEU A 1 97 ? 12.877  -13.503 -4.278  1.00 35.08 ? 97  LEU A O   1 
ATOM   748 C CB  . LEU A 1 97 ? 11.266  -12.328 -2.041  1.00 29.10 ? 97  LEU A CB  1 
ATOM   749 C CG  . LEU A 1 97 ? 10.405  -11.545 -1.099  1.00 30.69 ? 97  LEU A CG  1 
ATOM   750 C CD1 . LEU A 1 97 ? 9.389   -12.509 -0.420  1.00 26.66 ? 97  LEU A CD1 1 
ATOM   751 C CD2 . LEU A 1 97 ? 11.347  -10.851 -0.051  1.00 27.60 ? 97  LEU A CD2 1 
ATOM   752 N N   . ASN A 1 98 ? 14.411  -12.246 -3.196  1.00 34.83 ? 98  ASN A N   1 
ATOM   753 C CA  . ASN A 1 98 ? 15.538  -13.089 -3.644  1.00 35.71 ? 98  ASN A CA  1 
ATOM   754 C C   . ASN A 1 98 ? 16.500  -13.463 -2.528  1.00 34.49 ? 98  ASN A C   1 
ATOM   755 O O   . ASN A 1 98 ? 16.877  -12.610 -1.742  1.00 35.38 ? 98  ASN A O   1 
ATOM   756 C CB  . ASN A 1 98 ? 16.313  -12.432 -4.816  1.00 36.65 ? 98  ASN A CB  1 
ATOM   757 C CG  . ASN A 1 98 ? 15.390  -12.068 -6.021  1.00 40.36 ? 98  ASN A CG  1 
ATOM   758 O OD1 . ASN A 1 98 ? 15.069  -12.906 -6.878  1.00 43.60 ? 98  ASN A OD1 1 
ATOM   759 N ND2 . ASN A 1 98 ? 14.921  -10.829 -6.029  1.00 42.97 ? 98  ASN A ND2 1 
ATOM   760 N N   . PHE A 1 99 ? 16.909  -14.733 -2.474  1.00 34.54 ? 99  PHE A N   1 
ATOM   761 C CA  . PHE A 1 99 ? 17.912  -15.158 -1.467  1.00 34.48 ? 99  PHE A CA  1 
ATOM   762 C C   . PHE A 1 99 ? 18.774  -16.388 -1.852  1.00 34.96 ? 99  PHE A C   1 
ATOM   763 O O   . PHE A 1 99 ? 18.505  -16.989 -2.893  1.00 37.06 ? 99  PHE A O   1 
ATOM   764 C CB  . PHE A 1 99 ? 17.269  -15.317 -0.084  1.00 32.42 ? 99  PHE A CB  1 
ATOM   765 C CG  . PHE A 1 99 ? 16.228  -16.448 0.022   1.00 34.56 ? 99  PHE A CG  1 
ATOM   766 C CD1 . PHE A 1 99 ? 16.580  -17.687 0.555   1.00 29.96 ? 99  PHE A CD1 1 
ATOM   767 C CD2 . PHE A 1 99 ? 14.858  -16.215 -0.272  1.00 32.77 ? 99  PHE A CD2 1 
ATOM   768 C CE1 . PHE A 1 99 ? 15.618  -18.688 0.743   1.00 33.51 ? 99  PHE A CE1 1 
ATOM   769 C CE2 . PHE A 1 99 ? 13.913  -17.231 -0.113  1.00 32.25 ? 99  PHE A CE2 1 
ATOM   770 C CZ  . PHE A 1 99 ? 14.293  -18.454 0.382   1.00 34.54 ? 99  PHE A CZ  1 
HETATM 771 C C31 . 3TL B 2 .  ? -6.682  -9.575  4.343   1.00 26.16 ? 101 3TL A C31 1 
HETATM 772 O O8  . 3TL B 2 .  ? -7.226  -9.144  5.417   1.00 30.60 ? 101 3TL A O8  1 
HETATM 773 O O9  . 3TL B 2 .  ? -7.663  -9.507  3.429   1.00 28.47 ? 101 3TL A O9  1 
HETATM 774 C CA  . 3TL B 2 .  ? -9.102  -9.496  3.677   1.00 30.26 ? 101 3TL A CA  1 
HETATM 775 C C   . 3TL B 2 .  ? -9.779  -10.682 4.358   1.00 30.46 ? 101 3TL A C   1 
HETATM 776 C C13 . 3TL B 2 .  ? -11.125 -10.545 4.652   1.00 27.31 ? 101 3TL A C13 1 
HETATM 777 C C14 . 3TL B 2 .  ? -11.824 -11.609 5.252   1.00 23.01 ? 101 3TL A C14 1 
HETATM 778 C C15 . 3TL B 2 .  ? -11.065 -12.716 5.513   1.00 27.47 ? 101 3TL A C15 1 
HETATM 779 C C16 . 3TL B 2 .  ? -9.677  -12.814 5.291   1.00 32.23 ? 101 3TL A C16 1 
HETATM 780 C C17 . 3TL B 2 .  ? -9.000  -11.776 4.626   1.00 31.31 ? 101 3TL A C17 1 
HETATM 781 N N4  . 3TL B 2 .  ? -5.514  -10.121 4.050   1.00 24.11 ? 101 3TL A N4  1 
HETATM 782 C C18 . 3TL B 2 .  ? -4.599  -10.160 5.172   1.00 24.08 ? 101 3TL A C18 1 
HETATM 783 C C19 . 3TL B 2 .  ? -3.434  -9.193  5.016   1.00 22.55 ? 101 3TL A C19 1 
HETATM 784 O O4  . 3TL B 2 .  ? -2.788  -9.172  3.923   1.00 20.04 ? 101 3TL A O4  1 
HETATM 785 C C20 . 3TL B 2 .  ? -4.278  -11.662 5.255   1.00 20.44 ? 101 3TL A C20 1 
HETATM 786 N N2  . 3TL B 2 .  ? -3.072  -8.465  5.996   1.00 24.85 ? 101 3TL A N2  1 
HETATM 787 C C10 . 3TL B 2 .  ? -2.026  -7.481  6.256   1.00 22.94 ? 101 3TL A C10 1 
HETATM 788 C C11 . 3TL B 2 .  ? -1.172  -7.836  7.420   1.00 21.63 ? 101 3TL A C11 1 
HETATM 789 O O2  . 3TL B 2 .  ? -1.562  -7.502  8.607   1.00 24.25 ? 101 3TL A O2  1 
HETATM 790 C C12 . 3TL B 2 .  ? -2.524  -6.061  6.020   1.00 25.73 ? 101 3TL A C12 1 
HETATM 791 C CG2 . 3TL B 2 .  ? -1.335  -5.135  6.215   1.00 24.20 ? 101 3TL A CG2 1 
HETATM 792 C CG1 . 3TL B 2 .  ? -3.106  -5.801  4.642   1.00 23.66 ? 101 3TL A CG1 1 
HETATM 793 C C2  . 3TL B 2 .  ? 2.227   -8.996  8.329   1.00 37.30 ? 101 3TL A C2  1 
HETATM 794 O O1  . 3TL B 2 .  ? 2.633   -8.735  6.975   1.00 46.06 ? 101 3TL A O1  1 
HETATM 795 C C1  . 3TL B 2 .  ? 0.762   -9.305  8.318   1.00 33.95 ? 101 3TL A C1  1 
HETATM 796 N N1  . 3TL B 2 .  ? -0.016  -8.515  7.297   1.00 25.98 ? 101 3TL A N1  1 
HETATM 797 C C3  . 3TL B 2 .  ? 0.813   -10.838 8.406   1.00 34.81 ? 101 3TL A C3  1 
HETATM 798 C C4  . 3TL B 2 .  ? -0.512  -11.436 8.740   1.00 35.56 ? 101 3TL A C4  1 
HETATM 799 C C5  . 3TL B 2 .  ? -1.391  -12.045 7.860   1.00 40.71 ? 101 3TL A C5  1 
HETATM 800 C C9  . 3TL B 2 .  ? -0.680  -11.367 10.105  1.00 37.68 ? 101 3TL A C9  1 
HETATM 801 C C6  . 3TL B 2 .  ? -2.575  -12.563 8.364   1.00 38.76 ? 101 3TL A C6  1 
HETATM 802 C C8  . 3TL B 2 .  ? -1.849  -11.877 10.633  1.00 39.02 ? 101 3TL A C8  1 
HETATM 803 C C7  . 3TL B 2 .  ? -2.745  -12.418 9.730   1.00 39.19 ? 101 3TL A C7  1 
HETATM 804 C C8  . 9AY C 3 .  ? -11.298 6.736   -8.200  1.00 80.46 ? 102 9AY A C8  1 
HETATM 805 C C2  . 9AY C 3 .  ? -9.663  8.165   -9.280  1.00 80.22 ? 102 9AY A C2  1 
HETATM 806 C C9  . 9AY C 3 .  ? -10.521 7.891   -8.211  1.00 80.08 ? 102 9AY A C9  1 
HETATM 807 C C3  . 9AY C 3 .  ? -9.568  7.296   -10.359 1.00 79.76 ? 102 9AY A C3  1 
HETATM 808 C C1  . 9AY C 3 .  ? -8.828  9.423   -9.293  1.00 80.15 ? 102 9AY A C1  1 
HETATM 809 C C6  . 9AY C 3 .  ? -11.209 5.860   -9.282  1.00 80.47 ? 102 9AY A C6  1 
HETATM 810 C C4  . 9AY C 3 .  ? -10.332 6.140   -10.369 1.00 80.31 ? 102 9AY A C4  1 
HETATM 811 N N5  . 9AY C 3 .  ? -10.171 5.357   -11.451 1.00 80.66 ? 102 9AY A N5  1 
HETATM 812 N N7  . 9AY C 3 .  ? -11.991 4.768   -9.207  1.00 80.00 ? 102 9AY A N7  1 
HETATM 813 S S   . DMS D 4 .  ? 8.189   8.492   -5.917  1.00 43.57 ? 103 DMS A S   1 
HETATM 814 O O   . DMS D 4 .  ? 7.522   6.983   -5.836  1.00 41.93 ? 103 DMS A O   1 
HETATM 815 C C1  . DMS D 4 .  ? 7.424   10.018  -5.397  1.00 42.92 ? 103 DMS A C1  1 
HETATM 816 C C2  . DMS D 4 .  ? 9.972   8.677   -5.647  1.00 41.03 ? 103 DMS A C2  1 
HETATM 817 S S   . DMS E 4 .  ? -5.210  8.896   -8.636  1.00 67.78 ? 104 DMS A S   1 
HETATM 818 O O   . DMS E 4 .  ? -5.673  9.412   -7.060  1.00 67.89 ? 104 DMS A O   1 
HETATM 819 C C1  . DMS E 4 .  ? -6.420  7.853   -9.440  1.00 68.15 ? 104 DMS A C1  1 
HETATM 820 C C2  . DMS E 4 .  ? -5.336  10.258  -9.809  1.00 68.83 ? 104 DMS A C2  1 
HETATM 821 S S   . DMS F 4 .  ? -17.129 -5.119  4.285   1.00 71.88 ? 105 DMS A S   1 
HETATM 822 O O   . DMS F 4 .  ? -18.257 -5.028  2.998   1.00 72.08 ? 105 DMS A O   1 
HETATM 823 C C1  . DMS F 4 .  ? -17.952 -4.738  5.836   1.00 72.25 ? 105 DMS A C1  1 
HETATM 824 C C2  . DMS F 4 .  ? -16.622 -6.820  4.524   1.00 72.55 ? 105 DMS A C2  1 
HETATM 825 O O   . HOH G 5 .  ? 15.102  -2.578  3.845   1.00 35.12 ? 201 HOH A O   1 
HETATM 826 O O   . HOH G 5 .  ? 12.129  7.080   1.601   1.00 39.53 ? 202 HOH A O   1 
HETATM 827 O O   . HOH G 5 .  ? -13.358 3.238   -6.683  1.00 39.02 ? 203 HOH A O   1 
HETATM 828 O O   . HOH G 5 .  ? -5.964  -5.671  -3.236  1.00 40.65 ? 204 HOH A O   1 
HETATM 829 O O   . HOH G 5 .  ? -0.655  -7.225  10.937  0.50 23.38 ? 205 HOH A O   1 
HETATM 830 O O   . HOH G 5 .  ? 6.227   -10.145 -8.340  1.00 39.07 ? 206 HOH A O   1 
HETATM 831 O O   . HOH G 5 .  ? 18.981  -2.738  4.265   1.00 34.19 ? 207 HOH A O   1 
HETATM 832 O O   . HOH G 5 .  ? -5.894  13.760  1.995   1.00 53.02 ? 208 HOH A O   1 
HETATM 833 O O   . HOH G 5 .  ? -2.678  9.532   -7.325  1.00 32.93 ? 209 HOH A O   1 
HETATM 834 O O   . HOH G 5 .  ? -15.394 0.241   -5.734  1.00 46.32 ? 210 HOH A O   1 
HETATM 835 O O   . HOH G 5 .  ? -14.476 -6.419  -4.640  1.00 48.63 ? 211 HOH A O   1 
HETATM 836 O O   . HOH G 5 .  ? -8.111  -10.090 13.505  1.00 47.78 ? 212 HOH A O   1 
HETATM 837 O O   . HOH G 5 .  ? -0.649  -12.044 3.086   1.00 28.89 ? 213 HOH A O   1 
HETATM 838 O O   . HOH G 5 .  ? -14.800 -4.168  -0.797  1.00 51.94 ? 214 HOH A O   1 
HETATM 839 O O   . HOH G 5 .  ? -1.067  -6.487  -10.117 1.00 44.82 ? 215 HOH A O   1 
HETATM 840 O O   . HOH G 5 .  ? -8.272  -1.310  -8.995  1.00 34.29 ? 216 HOH A O   1 
HETATM 841 O O   . HOH G 5 .  ? -5.346  -2.611  -1.927  1.00 29.60 ? 217 HOH A O   1 
HETATM 842 O O   . HOH G 5 .  ? -3.264  -9.324  -3.986  1.00 34.55 ? 218 HOH A O   1 
HETATM 843 O O   . HOH G 5 .  ? 12.445  -8.333  -9.747  1.00 41.53 ? 219 HOH A O   1 
HETATM 844 O O   . HOH G 5 .  ? 4.413   9.376   4.948   1.00 34.53 ? 220 HOH A O   1 
HETATM 845 O O   . HOH G 5 .  ? 7.416   -0.974  -12.813 1.00 40.82 ? 221 HOH A O   1 
HETATM 846 O O   . HOH G 5 .  ? 3.882   5.273   6.955   1.00 35.21 ? 222 HOH A O   1 
HETATM 847 O O   . HOH G 5 .  ? 5.277   0.745   12.996  1.00 48.89 ? 223 HOH A O   1 
HETATM 848 O O   . HOH G 5 .  ? 14.927  1.325   2.911   1.00 48.81 ? 224 HOH A O   1 
HETATM 849 O O   . HOH G 5 .  ? 0.903   9.167   5.526   1.00 44.00 ? 225 HOH A O   1 
HETATM 850 O O   . HOH G 5 .  ? 0.617   11.808  -7.657  1.00 34.15 ? 226 HOH A O   1 
HETATM 851 O O   . HOH G 5 .  ? -7.141  -11.135 0.146   1.00 41.68 ? 227 HOH A O   1 
HETATM 852 O O   . HOH G 5 .  ? 20.155  -19.643 -2.683  1.00 45.28 ? 228 HOH A O   1 
HETATM 853 O O   . HOH G 5 .  ? 3.627   16.433  -0.347  1.00 35.81 ? 229 HOH A O   1 
HETATM 854 O O   . HOH G 5 .  ? 1.081   9.572   -8.477  1.00 36.17 ? 230 HOH A O   1 
HETATM 855 O O   . HOH G 5 .  ? 6.830   3.693   -14.405 1.00 29.00 ? 231 HOH A O   1 
HETATM 856 O O   . HOH G 5 .  ? -5.004  -3.886  -7.666  1.00 23.47 ? 232 HOH A O   1 
HETATM 857 O O   . HOH G 5 .  ? 4.326   9.683   -16.927 1.00 42.40 ? 233 HOH A O   1 
HETATM 858 O O   . HOH G 5 .  ? 18.528  -0.065  8.934   1.00 43.86 ? 234 HOH A O   1 
HETATM 859 O O   . HOH G 5 .  ? 12.547  5.160   -2.885  1.00 37.90 ? 235 HOH A O   1 
HETATM 860 O O   . HOH G 5 .  ? 2.487   -1.018  -14.372 1.00 38.57 ? 236 HOH A O   1 
HETATM 861 O O   . HOH G 5 .  ? 1.873   13.423  3.727   1.00 47.32 ? 237 HOH A O   1 
HETATM 862 O O   . HOH G 5 .  ? 17.108  -6.989  11.261  1.00 54.46 ? 238 HOH A O   1 
HETATM 863 O O   . HOH G 5 .  ? -13.768 -7.857  3.236   1.00 52.11 ? 239 HOH A O   1 
HETATM 864 O O   . HOH G 5 .  ? -11.360 0.099   12.764  1.00 47.62 ? 240 HOH A O   1 
HETATM 865 O O   . HOH G 5 .  ? 13.329  0.183   11.129  1.00 44.56 ? 241 HOH A O   1 
HETATM 866 O O   . HOH G 5 .  ? 8.032   2.612   9.568   1.00 38.65 ? 242 HOH A O   1 
HETATM 867 O O   . HOH G 5 .  ? -7.883  17.175  0.181   1.00 64.59 ? 243 HOH A O   1 
HETATM 868 O O   . HOH G 5 .  ? 20.325  -0.699  -6.441  1.00 40.43 ? 244 HOH A O   1 
HETATM 869 O O   . HOH G 5 .  ? -13.434 4.931   7.102   1.00 47.02 ? 245 HOH A O   1 
HETATM 870 O O   . HOH G 5 .  ? -15.275 -1.378  13.309  1.00 64.92 ? 246 HOH A O   1 
HETATM 871 O O   . HOH G 5 .  ? 20.435  0.908   -3.026  1.00 48.13 ? 247 HOH A O   1 
# 
loop_
_pdbx_poly_seq_scheme.asym_id 
_pdbx_poly_seq_scheme.entity_id 
_pdbx_poly_seq_scheme.seq_id 
_pdbx_poly_seq_scheme.mon_id 
_pdbx_poly_seq_scheme.ndb_seq_num 
_pdbx_poly_seq_scheme.pdb_seq_num 
_pdbx_poly_seq_scheme.auth_seq_num 
_pdbx_poly_seq_scheme.pdb_mon_id 
_pdbx_poly_seq_scheme.auth_mon_id 
_pdbx_poly_seq_scheme.pdb_strand_id 
_pdbx_poly_seq_scheme.pdb_ins_code 
_pdbx_poly_seq_scheme.hetero 
A 1 1  PRO 1  1  1  PRO PRO A . n 
A 1 2  GLN 2  2  2  GLN GLN A . n 
A 1 3  ILE 3  3  3  ILE ILE A . n 
A 1 4  THR 4  4  4  THR THR A . n 
A 1 5  LEU 5  5  5  LEU LEU A . n 
A 1 6  TRP 6  6  6  TRP TRP A . n 
A 1 7  LYS 7  7  7  LYS LYS A . n 
A 1 8  ARG 8  8  8  ARG ARG A . n 
A 1 9  PRO 9  9  9  PRO PRO A . n 
A 1 10 LEU 10 10 10 LEU LEU A . n 
A 1 11 VAL 11 11 11 VAL VAL A . n 
A 1 12 THR 12 12 12 THR THR A . n 
A 1 13 ILE 13 13 13 ILE ILE A . n 
A 1 14 LYS 14 14 14 LYS LYS A . n 
A 1 15 ILE 15 15 15 ILE ILE A . n 
A 1 16 GLY 16 16 16 GLY GLY A . n 
A 1 17 GLY 17 17 17 GLY GLY A . n 
A 1 18 GLN 18 18 18 GLN GLN A . n 
A 1 19 LEU 19 19 19 LEU LEU A . n 
A 1 20 LYS 20 20 20 LYS LYS A . n 
A 1 21 GLU 21 21 21 GLU GLU A . n 
A 1 22 ALA 22 22 22 ALA ALA A . n 
A 1 23 LEU 23 23 23 LEU LEU A . n 
A 1 24 LEU 24 24 24 LEU LEU A . n 
A 1 25 ASP 25 25 25 ASP ASP A . n 
A 1 26 THR 26 26 26 THR THR A . n 
A 1 27 GLY 27 27 27 GLY GLY A . n 
A 1 28 ALA 28 28 28 ALA ALA A . n 
A 1 29 ASP 29 29 29 ASP ASP A . n 
A 1 30 ASP 30 30 30 ASP ASP A . n 
A 1 31 THR 31 31 31 THR THR A . n 
A 1 32 VAL 32 32 32 VAL VAL A . n 
A 1 33 LEU 33 33 33 LEU LEU A . n 
A 1 34 GLU 34 34 34 GLU GLU A . n 
A 1 35 GLU 35 35 35 GLU GLU A . n 
A 1 36 MET 36 36 36 MET MET A . n 
A 1 37 ASN 37 37 37 ASN ASN A . n 
A 1 38 LEU 38 38 38 LEU LEU A . n 
A 1 39 PRO 39 39 39 PRO PRO A . n 
A 1 40 GLY 40 40 40 GLY GLY A . n 
A 1 41 ARG 41 41 41 ARG ARG A . n 
A 1 42 TRP 42 42 42 TRP TRP A . n 
A 1 43 LYS 43 43 43 LYS LYS A . n 
A 1 44 PRO 44 44 44 PRO PRO A . n 
A 1 45 LYS 45 45 45 LYS LYS A . n 
A 1 46 MET 46 46 46 MET MET A . n 
A 1 47 ILE 47 47 47 ILE ILE A . n 
A 1 48 GLY 48 48 48 GLY GLY A . n 
A 1 49 GLY 49 49 49 GLY GLY A . n 
A 1 50 ILE 50 50 50 ILE ILE A . n 
A 1 51 GLY 51 51 51 GLY GLY A . n 
A 1 52 GLY 52 52 52 GLY GLY A . n 
A 1 53 PHE 53 53 53 PHE PHE A . n 
A 1 54 ILE 54 54 54 ILE ILE A . n 
A 1 55 LYS 55 55 55 LYS LYS A . n 
A 1 56 VAL 56 56 56 VAL VAL A . n 
A 1 57 ARG 57 57 57 ARG ARG A . n 
A 1 58 GLN 58 58 58 GLN GLN A . n 
A 1 59 TYR 59 59 59 TYR TYR A . n 
A 1 60 ASP 60 60 60 ASP ASP A . n 
A 1 61 GLN 61 61 61 GLN GLN A . n 
A 1 62 ILE 62 62 62 ILE ILE A . n 
A 1 63 LEU 63 63 63 LEU LEU A . n 
A 1 64 ILE 64 64 64 ILE ILE A . n 
A 1 65 GLU 65 65 65 GLU GLU A . n 
A 1 66 ILE 66 66 66 ILE ILE A . n 
A 1 67 CYS 67 67 67 CYS CYS A . n 
A 1 68 GLY 68 68 68 GLY GLY A . n 
A 1 69 HIS 69 69 69 HIS HIS A . n 
A 1 70 LYS 70 70 70 LYS LYS A . n 
A 1 71 ALA 71 71 71 ALA ALA A . n 
A 1 72 ILE 72 72 72 ILE ILE A . n 
A 1 73 GLY 73 73 73 GLY GLY A . n 
A 1 74 THR 74 74 74 THR THR A . n 
A 1 75 VAL 75 75 75 VAL VAL A . n 
A 1 76 LEU 76 76 76 LEU LEU A . n 
A 1 77 VAL 77 77 77 VAL VAL A . n 
A 1 78 GLY 78 78 78 GLY GLY A . n 
A 1 79 PRO 79 79 79 PRO PRO A . n 
A 1 80 THR 80 80 80 THR THR A . n 
A 1 81 PRO 81 81 81 PRO PRO A . n 
A 1 82 VAL 82 82 82 VAL VAL A . n 
A 1 83 ASN 83 83 83 ASN ASN A . n 
A 1 84 ILE 84 84 84 ILE ILE A . n 
A 1 85 ILE 85 85 85 ILE ILE A . n 
A 1 86 GLY 86 86 86 GLY GLY A . n 
A 1 87 ARG 87 87 87 ARG ARG A . n 
A 1 88 ASN 88 88 88 ASN ASN A . n 
A 1 89 LEU 89 89 89 LEU LEU A . n 
A 1 90 LEU 90 90 90 LEU LEU A . n 
A 1 91 THR 91 91 91 THR THR A . n 
A 1 92 GLN 92 92 92 GLN GLN A . n 
A 1 93 ILE 93 93 93 ILE ILE A . n 
A 1 94 GLY 94 94 94 GLY GLY A . n 
A 1 95 CYS 95 95 95 CYS CYS A . n 
A 1 96 THR 96 96 96 THR THR A . n 
A 1 97 LEU 97 97 97 LEU LEU A . n 
A 1 98 ASN 98 98 98 ASN ASN A . n 
A 1 99 PHE 99 99 99 PHE PHE A . n 
# 
loop_
_pdbx_nonpoly_scheme.asym_id 
_pdbx_nonpoly_scheme.entity_id 
_pdbx_nonpoly_scheme.mon_id 
_pdbx_nonpoly_scheme.ndb_seq_num 
_pdbx_nonpoly_scheme.pdb_seq_num 
_pdbx_nonpoly_scheme.auth_seq_num 
_pdbx_nonpoly_scheme.pdb_mon_id 
_pdbx_nonpoly_scheme.auth_mon_id 
_pdbx_nonpoly_scheme.pdb_strand_id 
_pdbx_nonpoly_scheme.pdb_ins_code 
B 2 3TL 1  101 200 3TL TL3 A . 
C 3 9AY 1  102 201 9AY 4G3 A . 
D 4 DMS 1  103 300 DMS DMS A . 
E 4 DMS 1  104 301 DMS DMS A . 
F 4 DMS 1  105 303 DMS DMS A . 
G 5 HOH 1  201 215 HOH HOH A . 
G 5 HOH 2  202 227 HOH HOH A . 
G 5 HOH 3  203 236 HOH HOH A . 
G 5 HOH 4  204 247 HOH HOH A . 
G 5 HOH 5  205 240 HOH HOH A . 
G 5 HOH 6  206 232 HOH HOH A . 
G 5 HOH 7  207 209 HOH HOH A . 
G 5 HOH 8  208 257 HOH HOH A . 
G 5 HOH 9  209 231 HOH HOH A . 
G 5 HOH 10 210 214 HOH HOH A . 
G 5 HOH 11 211 255 HOH HOH A . 
G 5 HOH 12 212 221 HOH HOH A . 
G 5 HOH 13 213 243 HOH HOH A . 
G 5 HOH 14 214 216 HOH HOH A . 
G 5 HOH 15 215 251 HOH HOH A . 
G 5 HOH 16 216 217 HOH HOH A . 
G 5 HOH 17 217 242 HOH HOH A . 
G 5 HOH 18 218 213 HOH HOH A . 
G 5 HOH 19 219 252 HOH HOH A . 
G 5 HOH 20 220 235 HOH HOH A . 
G 5 HOH 21 221 224 HOH HOH A . 
G 5 HOH 22 222 205 HOH HOH A . 
G 5 HOH 23 223 229 HOH HOH A . 
G 5 HOH 24 224 256 HOH HOH A . 
G 5 HOH 25 225 250 HOH HOH A . 
G 5 HOH 26 226 244 HOH HOH A . 
G 5 HOH 27 227 233 HOH HOH A . 
G 5 HOH 28 228 223 HOH HOH A . 
G 5 HOH 29 229 248 HOH HOH A . 
G 5 HOH 30 230 246 HOH HOH A . 
G 5 HOH 31 231 206 HOH HOH A . 
G 5 HOH 32 232 241 HOH HOH A . 
G 5 HOH 33 233 218 HOH HOH A . 
G 5 HOH 34 234 226 HOH HOH A . 
G 5 HOH 35 235 210 HOH HOH A . 
G 5 HOH 36 236 228 HOH HOH A . 
G 5 HOH 37 237 258 HOH HOH A . 
G 5 HOH 38 238 237 HOH HOH A . 
G 5 HOH 39 239 239 HOH HOH A . 
G 5 HOH 40 240 238 HOH HOH A . 
G 5 HOH 41 241 212 HOH HOH A . 
G 5 HOH 42 242 234 HOH HOH A . 
G 5 HOH 43 243 254 HOH HOH A . 
G 5 HOH 44 244 230 HOH HOH A . 
G 5 HOH 45 245 249 HOH HOH A . 
G 5 HOH 46 246 225 HOH HOH A . 
G 5 HOH 47 247 253 HOH HOH A . 
# 
_pdbx_molecule_features.prd_id    PRD_000434 
_pdbx_molecule_features.name      'N-[(benzyloxy)carbonyl]-L-alanyl-N-[(1R)-1-benzyl-2-oxoethyl]-L-valinamide' 
_pdbx_molecule_features.type      Peptide-like 
_pdbx_molecule_features.class     Inhibitor 
_pdbx_molecule_features.details   ? 
# 
_pdbx_molecule.instance_id   1 
_pdbx_molecule.prd_id        PRD_000434 
_pdbx_molecule.asym_id       B 
# 
_pdbx_struct_assembly.id                   1 
_pdbx_struct_assembly.details              author_and_software_defined_assembly 
_pdbx_struct_assembly.method_details       PISA 
_pdbx_struct_assembly.oligomeric_details   dimeric 
_pdbx_struct_assembly.oligomeric_count     2 
# 
_pdbx_struct_assembly_gen.assembly_id       1 
_pdbx_struct_assembly_gen.oper_expression   1,2 
_pdbx_struct_assembly_gen.asym_id_list      A,B,C,D,E,F,G 
# 
loop_
_pdbx_struct_assembly_prop.biol_id 
_pdbx_struct_assembly_prop.type 
_pdbx_struct_assembly_prop.value 
_pdbx_struct_assembly_prop.details 
1 'ABSA (A^2)' 6200 ? 
1 MORE         -14  ? 
1 'SSA (A^2)'  9900 ? 
# 
loop_
_pdbx_struct_oper_list.id 
_pdbx_struct_oper_list.type 
_pdbx_struct_oper_list.name 
_pdbx_struct_oper_list.symmetry_operation 
_pdbx_struct_oper_list.matrix[1][1] 
_pdbx_struct_oper_list.matrix[1][2] 
_pdbx_struct_oper_list.matrix[1][3] 
_pdbx_struct_oper_list.vector[1] 
_pdbx_struct_oper_list.matrix[2][1] 
_pdbx_struct_oper_list.matrix[2][2] 
_pdbx_struct_oper_list.matrix[2][3] 
_pdbx_struct_oper_list.vector[2] 
_pdbx_struct_oper_list.matrix[3][1] 
_pdbx_struct_oper_list.matrix[3][2] 
_pdbx_struct_oper_list.matrix[3][3] 
_pdbx_struct_oper_list.vector[3] 
1 'identity operation'         1_555 x,y,z      1.0000000000  0.0000000000  0.0000000000  0.0000000000 0.0000000000  1.0000000000  0.0000000000 0.0000000000   0.0000000000  0.0000000000 1.0000000000 0.0000000000  
2 'crystal symmetry operation' 7_555 y,x,-z+1/3 -0.0315721460 -0.1596210240 -0.9866733646 8.9633569875 -0.1596210240 -0.9736904807 0.1626283384 -16.1346693743 -0.9866733646 0.1626283384 0.0052626267 11.4078249430 
# 
_pdbx_struct_special_symmetry.id              1 
_pdbx_struct_special_symmetry.PDB_model_num   1 
_pdbx_struct_special_symmetry.auth_asym_id    A 
_pdbx_struct_special_symmetry.auth_comp_id    HOH 
_pdbx_struct_special_symmetry.auth_seq_id     205 
_pdbx_struct_special_symmetry.PDB_ins_code    ? 
_pdbx_struct_special_symmetry.label_asym_id   G 
_pdbx_struct_special_symmetry.label_comp_id   HOH 
_pdbx_struct_special_symmetry.label_seq_id    . 
# 
loop_
_pdbx_audit_revision_history.ordinal 
_pdbx_audit_revision_history.data_content_type 
_pdbx_audit_revision_history.major_revision 
_pdbx_audit_revision_history.minor_revision 
_pdbx_audit_revision_history.revision_date 
1 'Structure model' 1 0 2018-04-25 
2 'Structure model' 1 1 2023-10-04 
# 
_pdbx_audit_revision_details.ordinal             1 
_pdbx_audit_revision_details.revision_ordinal    1 
_pdbx_audit_revision_details.data_content_type   'Structure model' 
_pdbx_audit_revision_details.provider            repository 
_pdbx_audit_revision_details.type                'Initial release' 
_pdbx_audit_revision_details.description         ? 
_pdbx_audit_revision_details.details             ? 
# 
loop_
_pdbx_audit_revision_group.ordinal 
_pdbx_audit_revision_group.revision_ordinal 
_pdbx_audit_revision_group.data_content_type 
_pdbx_audit_revision_group.group 
1 2 'Structure model' 'Data collection'        
2 2 'Structure model' 'Database references'    
3 2 'Structure model' 'Refinement description' 
# 
loop_
_pdbx_audit_revision_category.ordinal 
_pdbx_audit_revision_category.revision_ordinal 
_pdbx_audit_revision_category.data_content_type 
_pdbx_audit_revision_category.category 
1 2 'Structure model' chem_comp_atom                
2 2 'Structure model' chem_comp_bond                
3 2 'Structure model' database_2                    
4 2 'Structure model' pdbx_initial_refinement_model 
# 
loop_
_pdbx_audit_revision_item.ordinal 
_pdbx_audit_revision_item.revision_ordinal 
_pdbx_audit_revision_item.data_content_type 
_pdbx_audit_revision_item.item 
1 2 'Structure model' '_database_2.pdbx_DOI'                
2 2 'Structure model' '_database_2.pdbx_database_accession' 
# 
_pdbx_phasing_MR.entry_id                     5VEA 
_pdbx_phasing_MR.method_rotation              ? 
_pdbx_phasing_MR.method_translation           ? 
_pdbx_phasing_MR.model_details                ? 
_pdbx_phasing_MR.R_factor                     ? 
_pdbx_phasing_MR.R_rigid_body                 ? 
_pdbx_phasing_MR.correlation_coeff_Fo_to_Fc   ? 
_pdbx_phasing_MR.correlation_coeff_Io_to_Ic   ? 
_pdbx_phasing_MR.d_res_high_rotation          3.000 
_pdbx_phasing_MR.d_res_low_rotation           32.790 
_pdbx_phasing_MR.d_res_high_translation       3.000 
_pdbx_phasing_MR.d_res_low_translation        32.790 
_pdbx_phasing_MR.packing                      ? 
_pdbx_phasing_MR.reflns_percent_rotation      ? 
_pdbx_phasing_MR.reflns_percent_translation   ? 
_pdbx_phasing_MR.sigma_F_rotation             ? 
_pdbx_phasing_MR.sigma_F_translation          ? 
_pdbx_phasing_MR.sigma_I_rotation             ? 
_pdbx_phasing_MR.sigma_I_translation          ? 
# 
_phasing.method   MR 
# 
loop_
_software.citation_id 
_software.classification 
_software.compiler_name 
_software.compiler_version 
_software.contact_author 
_software.contact_author_email 
_software.date 
_software.description 
_software.dependencies 
_software.hardware 
_software.language 
_software.location 
_software.mods 
_software.name 
_software.os 
_software.os_version 
_software.type 
_software.version 
_software.pdbx_ordinal 
? 'data collection' ? ? ? ? ? ? ? ? ? ? ? MOSFLM      ? ? ? .        1 
? 'data scaling'    ? ? ? ? ? ? ? ? ? ? ? SCALA       ? ? ? 3.2.25   2 
? 'data processing' ? ? ? ? ? ? ? ? ? ? ? MOLREP      ? ? ? 6.0      3 
? refinement        ? ? ? ? ? ? ? ? ? ? ? REFMAC      ? ? ? 5.2.0019 4 
? 'data extraction' ? ? ? ? ? ? ? ? ? ? ? PDB_EXTRACT ? ? ? 3.22     5 
? 'data reduction'  ? ? ? ? ? ? ? ? ? ? ? MOSFLM      ? ? ? .        6 
? phasing           ? ? ? ? ? ? ? ? ? ? ? MOLREP      ? ? ? .        7 
# 
_pdbx_validate_close_contact.id               1 
_pdbx_validate_close_contact.PDB_model_num    1 
_pdbx_validate_close_contact.auth_atom_id_1   O 
_pdbx_validate_close_contact.auth_asym_id_1   A 
_pdbx_validate_close_contact.auth_comp_id_1   THR 
_pdbx_validate_close_contact.auth_seq_id_1    4 
_pdbx_validate_close_contact.PDB_ins_code_1   ? 
_pdbx_validate_close_contact.label_alt_id_1   ? 
_pdbx_validate_close_contact.auth_atom_id_2   O 
_pdbx_validate_close_contact.auth_asym_id_2   A 
_pdbx_validate_close_contact.auth_comp_id_2   HOH 
_pdbx_validate_close_contact.auth_seq_id_2    201 
_pdbx_validate_close_contact.PDB_ins_code_2   ? 
_pdbx_validate_close_contact.label_alt_id_2   ? 
_pdbx_validate_close_contact.dist             2.12 
# 
loop_
_pdbx_validate_symm_contact.id 
_pdbx_validate_symm_contact.PDB_model_num 
_pdbx_validate_symm_contact.auth_atom_id_1 
_pdbx_validate_symm_contact.auth_asym_id_1 
_pdbx_validate_symm_contact.auth_comp_id_1 
_pdbx_validate_symm_contact.auth_seq_id_1 
_pdbx_validate_symm_contact.PDB_ins_code_1 
_pdbx_validate_symm_contact.label_alt_id_1 
_pdbx_validate_symm_contact.site_symmetry_1 
_pdbx_validate_symm_contact.auth_atom_id_2 
_pdbx_validate_symm_contact.auth_asym_id_2 
_pdbx_validate_symm_contact.auth_comp_id_2 
_pdbx_validate_symm_contact.auth_seq_id_2 
_pdbx_validate_symm_contact.PDB_ins_code_2 
_pdbx_validate_symm_contact.label_alt_id_2 
_pdbx_validate_symm_contact.site_symmetry_2 
_pdbx_validate_symm_contact.dist 
1 1 O1 A 3TL 101 ? ? 1_555 O1 A 3TL 101 ? ? 7_555  2.02 
2 1 C2 A DMS 104 ? ? 1_555 O  A HOH 233 ? ? 10_664 2.12 
# 
_pdbx_validate_rmsd_bond.id                        1 
_pdbx_validate_rmsd_bond.PDB_model_num             1 
_pdbx_validate_rmsd_bond.auth_atom_id_1            CB 
_pdbx_validate_rmsd_bond.auth_asym_id_1            A 
_pdbx_validate_rmsd_bond.auth_comp_id_1            CYS 
_pdbx_validate_rmsd_bond.auth_seq_id_1             67 
_pdbx_validate_rmsd_bond.PDB_ins_code_1            ? 
_pdbx_validate_rmsd_bond.label_alt_id_1            ? 
_pdbx_validate_rmsd_bond.auth_atom_id_2            SG 
_pdbx_validate_rmsd_bond.auth_asym_id_2            A 
_pdbx_validate_rmsd_bond.auth_comp_id_2            CYS 
_pdbx_validate_rmsd_bond.auth_seq_id_2             67 
_pdbx_validate_rmsd_bond.PDB_ins_code_2            ? 
_pdbx_validate_rmsd_bond.label_alt_id_2            ? 
_pdbx_validate_rmsd_bond.bond_value                1.698 
_pdbx_validate_rmsd_bond.bond_target_value         1.812 
_pdbx_validate_rmsd_bond.bond_deviation            -0.114 
_pdbx_validate_rmsd_bond.bond_standard_deviation   0.016 
_pdbx_validate_rmsd_bond.linker_flag               N 
# 
loop_
_pdbx_validate_torsion.id 
_pdbx_validate_torsion.PDB_model_num 
_pdbx_validate_torsion.auth_comp_id 
_pdbx_validate_torsion.auth_asym_id 
_pdbx_validate_torsion.auth_seq_id 
_pdbx_validate_torsion.PDB_ins_code 
_pdbx_validate_torsion.label_alt_id 
_pdbx_validate_torsion.phi 
_pdbx_validate_torsion.psi 
1 1 GLU A 34 ? ? -46.28 150.96 
2 1 GLU A 35 ? ? -30.86 128.98 
# 
loop_
_pdbx_unobs_or_zero_occ_atoms.id 
_pdbx_unobs_or_zero_occ_atoms.PDB_model_num 
_pdbx_unobs_or_zero_occ_atoms.polymer_flag 
_pdbx_unobs_or_zero_occ_atoms.occupancy_flag 
_pdbx_unobs_or_zero_occ_atoms.auth_asym_id 
_pdbx_unobs_or_zero_occ_atoms.auth_comp_id 
_pdbx_unobs_or_zero_occ_atoms.auth_seq_id 
_pdbx_unobs_or_zero_occ_atoms.PDB_ins_code 
_pdbx_unobs_or_zero_occ_atoms.auth_atom_id 
_pdbx_unobs_or_zero_occ_atoms.label_alt_id 
_pdbx_unobs_or_zero_occ_atoms.label_asym_id 
_pdbx_unobs_or_zero_occ_atoms.label_comp_id 
_pdbx_unobs_or_zero_occ_atoms.label_seq_id 
_pdbx_unobs_or_zero_occ_atoms.label_atom_id 
1  1 N 1 A 3TL 101 ? N51 ? B 3TL 1 N51 
2  1 N 1 A 3TL 101 ? C51 ? B 3TL 1 C51 
3  1 N 1 A 3TL 101 ? C52 ? B 3TL 1 C52 
4  1 N 1 A 3TL 101 ? O51 ? B 3TL 1 O51 
5  1 N 1 A 3TL 101 ? C53 ? B 3TL 1 C53 
6  1 N 1 A 3TL 101 ? C54 ? B 3TL 1 C54 
7  1 N 1 A 3TL 101 ? C55 ? B 3TL 1 C55 
8  1 N 1 A 3TL 101 ? C59 ? B 3TL 1 C59 
9  1 N 1 A 3TL 101 ? C56 ? B 3TL 1 C56 
10 1 N 1 A 3TL 101 ? C58 ? B 3TL 1 C58 
11 1 N 1 A 3TL 101 ? C57 ? B 3TL 1 C57 
12 1 N 1 A 3TL 101 ? N52 ? B 3TL 1 N52 
13 1 N 1 A 3TL 101 ? C60 ? B 3TL 1 C60 
14 1 N 1 A 3TL 101 ? C61 ? B 3TL 1 C61 
15 1 N 1 A 3TL 101 ? O52 ? B 3TL 1 O52 
16 1 N 1 A 3TL 101 ? C62 ? B 3TL 1 C62 
17 1 N 1 A 3TL 101 ? CG6 ? B 3TL 1 CG6 
18 1 N 1 A 3TL 101 ? CG5 ? B 3TL 1 CG5 
19 1 N 1 A 3TL 101 ? N54 ? B 3TL 1 N54 
20 1 N 1 A 3TL 101 ? C68 ? B 3TL 1 C68 
21 1 N 1 A 3TL 101 ? C69 ? B 3TL 1 C69 
22 1 N 1 A 3TL 101 ? O54 ? B 3TL 1 O54 
23 1 N 1 A 3TL 101 ? C70 ? B 3TL 1 C70 
24 1 N 1 A 3TL 101 ? C81 ? B 3TL 1 C81 
25 1 N 1 A 3TL 101 ? O58 ? B 3TL 1 O58 
26 1 N 1 A 3TL 101 ? O59 ? B 3TL 1 O59 
27 1 N 1 A 3TL 101 ? CA5 ? B 3TL 1 CA5 
28 1 N 1 A 3TL 101 ? C50 ? B 3TL 1 C50 
29 1 N 1 A 3TL 101 ? C63 ? B 3TL 1 C63 
30 1 N 1 A 3TL 101 ? C64 ? B 3TL 1 C64 
31 1 N 1 A 3TL 101 ? C65 ? B 3TL 1 C65 
32 1 N 1 A 3TL 101 ? C66 ? B 3TL 1 C66 
33 1 N 1 A 3TL 101 ? C67 ? B 3TL 1 C67 
# 
loop_
_chem_comp_atom.comp_id 
_chem_comp_atom.atom_id 
_chem_comp_atom.type_symbol 
_chem_comp_atom.pdbx_aromatic_flag 
_chem_comp_atom.pdbx_stereo_config 
_chem_comp_atom.pdbx_ordinal 
3TL C31  C N N 1   
3TL O8   O N N 2   
3TL O9   O N N 3   
3TL CA   C N N 4   
3TL C    C Y N 5   
3TL C13  C Y N 6   
3TL C14  C Y N 7   
3TL C15  C Y N 8   
3TL C16  C Y N 9   
3TL C17  C Y N 10  
3TL N4   N N N 11  
3TL C18  C N S 12  
3TL C19  C N N 13  
3TL O4   O N N 14  
3TL C20  C N N 15  
3TL N2   N N N 16  
3TL C10  C N S 17  
3TL C11  C N N 18  
3TL O2   O N N 19  
3TL C12  C N N 20  
3TL CG2  C N N 21  
3TL CG1  C N N 22  
3TL C2   C N R 23  
3TL O1   O N N 24  
3TL C1   C N S 25  
3TL N1   N N N 26  
3TL C3   C N N 27  
3TL C4   C Y N 28  
3TL C5   C Y N 29  
3TL C9   C Y N 30  
3TL C6   C Y N 31  
3TL C8   C Y N 32  
3TL C7   C Y N 33  
3TL N51  N N N 34  
3TL C51  C N S 35  
3TL C52  C N R 36  
3TL O51  O N N 37  
3TL C53  C N N 38  
3TL C54  C Y N 39  
3TL C55  C Y N 40  
3TL C59  C Y N 41  
3TL C56  C Y N 42  
3TL C58  C Y N 43  
3TL C57  C Y N 44  
3TL N52  N N N 45  
3TL C60  C N S 46  
3TL C61  C N N 47  
3TL O52  O N N 48  
3TL C62  C N N 49  
3TL CG6  C N N 50  
3TL CG5  C N N 51  
3TL N54  N N N 52  
3TL C68  C N S 53  
3TL C69  C N N 54  
3TL O54  O N N 55  
3TL C70  C N N 56  
3TL C81  C N N 57  
3TL O58  O N N 58  
3TL O59  O N N 59  
3TL CA5  C N N 60  
3TL C50  C Y N 61  
3TL C63  C Y N 62  
3TL C64  C Y N 63  
3TL C65  C Y N 64  
3TL C66  C Y N 65  
3TL C67  C Y N 66  
3TL HA1  H N N 67  
3TL HA2  H N N 68  
3TL H13  H N N 69  
3TL H14  H N N 70  
3TL H15  H N N 71  
3TL H16  H N N 72  
3TL H17  H N N 73  
3TL HN4  H N N 74  
3TL H18  H N N 75  
3TL H201 H N N 76  
3TL H202 H N N 77  
3TL H203 H N N 78  
3TL HN2  H N N 79  
3TL H10  H N N 80  
3TL H12  H N N 81  
3TL HG21 H N N 82  
3TL HG22 H N N 83  
3TL HG23 H N N 84  
3TL HG11 H N N 85  
3TL HG12 H N N 86  
3TL HG13 H N N 87  
3TL H2   H N N 88  
3TL HO1  H N N 89  
3TL H1   H N N 90  
3TL HN1  H N N 91  
3TL H31  H N N 92  
3TL H32  H N N 93  
3TL H5   H N N 94  
3TL H9   H N N 95  
3TL H6   H N N 96  
3TL H8   H N N 97  
3TL H7   H N N 98  
3TL HN51 H N N 99  
3TL H51  H N N 100 
3TL H52  H N N 101 
3TL HO51 H N N 102 
3TL H531 H N N 103 
3TL H532 H N N 104 
3TL H55  H N N 105 
3TL H59  H N N 106 
3TL H56  H N N 107 
3TL H58  H N N 108 
3TL H57  H N N 109 
3TL HN52 H N N 110 
3TL H60  H N N 111 
3TL H62  H N N 112 
3TL HG61 H N N 113 
3TL HG62 H N N 114 
3TL HG63 H N N 115 
3TL HG51 H N N 116 
3TL HG52 H N N 117 
3TL HG53 H N N 118 
3TL HN54 H N N 119 
3TL H68  H N N 120 
3TL H701 H N N 121 
3TL H702 H N N 122 
3TL H703 H N N 123 
3TL HA51 H N N 124 
3TL HA52 H N N 125 
3TL H63  H N N 126 
3TL H64  H N N 127 
3TL H65  H N N 128 
3TL H66  H N N 129 
3TL H67  H N N 130 
9AY C8   C Y N 131 
9AY C2   C Y N 132 
9AY C9   C Y N 133 
9AY C3   C Y N 134 
9AY C1   C N N 135 
9AY C6   C Y N 136 
9AY C4   C Y N 137 
9AY N5   N N N 138 
9AY N7   N N N 139 
9AY H1   H N N 140 
9AY H2   H N N 141 
9AY H3   H N N 142 
9AY H4   H N N 143 
9AY H5   H N N 144 
9AY H6   H N N 145 
9AY H7   H N N 146 
9AY H8   H N N 147 
9AY H9   H N N 148 
9AY H10  H N N 149 
ALA N    N N N 150 
ALA CA   C N S 151 
ALA C    C N N 152 
ALA O    O N N 153 
ALA CB   C N N 154 
ALA OXT  O N N 155 
ALA H    H N N 156 
ALA H2   H N N 157 
ALA HA   H N N 158 
ALA HB1  H N N 159 
ALA HB2  H N N 160 
ALA HB3  H N N 161 
ALA HXT  H N N 162 
ARG N    N N N 163 
ARG CA   C N S 164 
ARG C    C N N 165 
ARG O    O N N 166 
ARG CB   C N N 167 
ARG CG   C N N 168 
ARG CD   C N N 169 
ARG NE   N N N 170 
ARG CZ   C N N 171 
ARG NH1  N N N 172 
ARG NH2  N N N 173 
ARG OXT  O N N 174 
ARG H    H N N 175 
ARG H2   H N N 176 
ARG HA   H N N 177 
ARG HB2  H N N 178 
ARG HB3  H N N 179 
ARG HG2  H N N 180 
ARG HG3  H N N 181 
ARG HD2  H N N 182 
ARG HD3  H N N 183 
ARG HE   H N N 184 
ARG HH11 H N N 185 
ARG HH12 H N N 186 
ARG HH21 H N N 187 
ARG HH22 H N N 188 
ARG HXT  H N N 189 
ASN N    N N N 190 
ASN CA   C N S 191 
ASN C    C N N 192 
ASN O    O N N 193 
ASN CB   C N N 194 
ASN CG   C N N 195 
ASN OD1  O N N 196 
ASN ND2  N N N 197 
ASN OXT  O N N 198 
ASN H    H N N 199 
ASN H2   H N N 200 
ASN HA   H N N 201 
ASN HB2  H N N 202 
ASN HB3  H N N 203 
ASN HD21 H N N 204 
ASN HD22 H N N 205 
ASN HXT  H N N 206 
ASP N    N N N 207 
ASP CA   C N S 208 
ASP C    C N N 209 
ASP O    O N N 210 
ASP CB   C N N 211 
ASP CG   C N N 212 
ASP OD1  O N N 213 
ASP OD2  O N N 214 
ASP OXT  O N N 215 
ASP H    H N N 216 
ASP H2   H N N 217 
ASP HA   H N N 218 
ASP HB2  H N N 219 
ASP HB3  H N N 220 
ASP HD2  H N N 221 
ASP HXT  H N N 222 
CYS N    N N N 223 
CYS CA   C N R 224 
CYS C    C N N 225 
CYS O    O N N 226 
CYS CB   C N N 227 
CYS SG   S N N 228 
CYS OXT  O N N 229 
CYS H    H N N 230 
CYS H2   H N N 231 
CYS HA   H N N 232 
CYS HB2  H N N 233 
CYS HB3  H N N 234 
CYS HG   H N N 235 
CYS HXT  H N N 236 
DMS S    S N N 237 
DMS O    O N N 238 
DMS C1   C N N 239 
DMS C2   C N N 240 
DMS H11  H N N 241 
DMS H12  H N N 242 
DMS H13  H N N 243 
DMS H21  H N N 244 
DMS H22  H N N 245 
DMS H23  H N N 246 
GLN N    N N N 247 
GLN CA   C N S 248 
GLN C    C N N 249 
GLN O    O N N 250 
GLN CB   C N N 251 
GLN CG   C N N 252 
GLN CD   C N N 253 
GLN OE1  O N N 254 
GLN NE2  N N N 255 
GLN OXT  O N N 256 
GLN H    H N N 257 
GLN H2   H N N 258 
GLN HA   H N N 259 
GLN HB2  H N N 260 
GLN HB3  H N N 261 
GLN HG2  H N N 262 
GLN HG3  H N N 263 
GLN HE21 H N N 264 
GLN HE22 H N N 265 
GLN HXT  H N N 266 
GLU N    N N N 267 
GLU CA   C N S 268 
GLU C    C N N 269 
GLU O    O N N 270 
GLU CB   C N N 271 
GLU CG   C N N 272 
GLU CD   C N N 273 
GLU OE1  O N N 274 
GLU OE2  O N N 275 
GLU OXT  O N N 276 
GLU H    H N N 277 
GLU H2   H N N 278 
GLU HA   H N N 279 
GLU HB2  H N N 280 
GLU HB3  H N N 281 
GLU HG2  H N N 282 
GLU HG3  H N N 283 
GLU HE2  H N N 284 
GLU HXT  H N N 285 
GLY N    N N N 286 
GLY CA   C N N 287 
GLY C    C N N 288 
GLY O    O N N 289 
GLY OXT  O N N 290 
GLY H    H N N 291 
GLY H2   H N N 292 
GLY HA2  H N N 293 
GLY HA3  H N N 294 
GLY HXT  H N N 295 
HIS N    N N N 296 
HIS CA   C N S 297 
HIS C    C N N 298 
HIS O    O N N 299 
HIS CB   C N N 300 
HIS CG   C Y N 301 
HIS ND1  N Y N 302 
HIS CD2  C Y N 303 
HIS CE1  C Y N 304 
HIS NE2  N Y N 305 
HIS OXT  O N N 306 
HIS H    H N N 307 
HIS H2   H N N 308 
HIS HA   H N N 309 
HIS HB2  H N N 310 
HIS HB3  H N N 311 
HIS HD1  H N N 312 
HIS HD2  H N N 313 
HIS HE1  H N N 314 
HIS HE2  H N N 315 
HIS HXT  H N N 316 
HOH O    O N N 317 
HOH H1   H N N 318 
HOH H2   H N N 319 
ILE N    N N N 320 
ILE CA   C N S 321 
ILE C    C N N 322 
ILE O    O N N 323 
ILE CB   C N S 324 
ILE CG1  C N N 325 
ILE CG2  C N N 326 
ILE CD1  C N N 327 
ILE OXT  O N N 328 
ILE H    H N N 329 
ILE H2   H N N 330 
ILE HA   H N N 331 
ILE HB   H N N 332 
ILE HG12 H N N 333 
ILE HG13 H N N 334 
ILE HG21 H N N 335 
ILE HG22 H N N 336 
ILE HG23 H N N 337 
ILE HD11 H N N 338 
ILE HD12 H N N 339 
ILE HD13 H N N 340 
ILE HXT  H N N 341 
LEU N    N N N 342 
LEU CA   C N S 343 
LEU C    C N N 344 
LEU O    O N N 345 
LEU CB   C N N 346 
LEU CG   C N N 347 
LEU CD1  C N N 348 
LEU CD2  C N N 349 
LEU OXT  O N N 350 
LEU H    H N N 351 
LEU H2   H N N 352 
LEU HA   H N N 353 
LEU HB2  H N N 354 
LEU HB3  H N N 355 
LEU HG   H N N 356 
LEU HD11 H N N 357 
LEU HD12 H N N 358 
LEU HD13 H N N 359 
LEU HD21 H N N 360 
LEU HD22 H N N 361 
LEU HD23 H N N 362 
LEU HXT  H N N 363 
LYS N    N N N 364 
LYS CA   C N S 365 
LYS C    C N N 366 
LYS O    O N N 367 
LYS CB   C N N 368 
LYS CG   C N N 369 
LYS CD   C N N 370 
LYS CE   C N N 371 
LYS NZ   N N N 372 
LYS OXT  O N N 373 
LYS H    H N N 374 
LYS H2   H N N 375 
LYS HA   H N N 376 
LYS HB2  H N N 377 
LYS HB3  H N N 378 
LYS HG2  H N N 379 
LYS HG3  H N N 380 
LYS HD2  H N N 381 
LYS HD3  H N N 382 
LYS HE2  H N N 383 
LYS HE3  H N N 384 
LYS HZ1  H N N 385 
LYS HZ2  H N N 386 
LYS HZ3  H N N 387 
LYS HXT  H N N 388 
MET N    N N N 389 
MET CA   C N S 390 
MET C    C N N 391 
MET O    O N N 392 
MET CB   C N N 393 
MET CG   C N N 394 
MET SD   S N N 395 
MET CE   C N N 396 
MET OXT  O N N 397 
MET H    H N N 398 
MET H2   H N N 399 
MET HA   H N N 400 
MET HB2  H N N 401 
MET HB3  H N N 402 
MET HG2  H N N 403 
MET HG3  H N N 404 
MET HE1  H N N 405 
MET HE2  H N N 406 
MET HE3  H N N 407 
MET HXT  H N N 408 
PHE N    N N N 409 
PHE CA   C N S 410 
PHE C    C N N 411 
PHE O    O N N 412 
PHE CB   C N N 413 
PHE CG   C Y N 414 
PHE CD1  C Y N 415 
PHE CD2  C Y N 416 
PHE CE1  C Y N 417 
PHE CE2  C Y N 418 
PHE CZ   C Y N 419 
PHE OXT  O N N 420 
PHE H    H N N 421 
PHE H2   H N N 422 
PHE HA   H N N 423 
PHE HB2  H N N 424 
PHE HB3  H N N 425 
PHE HD1  H N N 426 
PHE HD2  H N N 427 
PHE HE1  H N N 428 
PHE HE2  H N N 429 
PHE HZ   H N N 430 
PHE HXT  H N N 431 
PRO N    N N N 432 
PRO CA   C N S 433 
PRO C    C N N 434 
PRO O    O N N 435 
PRO CB   C N N 436 
PRO CG   C N N 437 
PRO CD   C N N 438 
PRO OXT  O N N 439 
PRO H    H N N 440 
PRO HA   H N N 441 
PRO HB2  H N N 442 
PRO HB3  H N N 443 
PRO HG2  H N N 444 
PRO HG3  H N N 445 
PRO HD2  H N N 446 
PRO HD3  H N N 447 
PRO HXT  H N N 448 
THR N    N N N 449 
THR CA   C N S 450 
THR C    C N N 451 
THR O    O N N 452 
THR CB   C N R 453 
THR OG1  O N N 454 
THR CG2  C N N 455 
THR OXT  O N N 456 
THR H    H N N 457 
THR H2   H N N 458 
THR HA   H N N 459 
THR HB   H N N 460 
THR HG1  H N N 461 
THR HG21 H N N 462 
THR HG22 H N N 463 
THR HG23 H N N 464 
THR HXT  H N N 465 
TRP N    N N N 466 
TRP CA   C N S 467 
TRP C    C N N 468 
TRP O    O N N 469 
TRP CB   C N N 470 
TRP CG   C Y N 471 
TRP CD1  C Y N 472 
TRP CD2  C Y N 473 
TRP NE1  N Y N 474 
TRP CE2  C Y N 475 
TRP CE3  C Y N 476 
TRP CZ2  C Y N 477 
TRP CZ3  C Y N 478 
TRP CH2  C Y N 479 
TRP OXT  O N N 480 
TRP H    H N N 481 
TRP H2   H N N 482 
TRP HA   H N N 483 
TRP HB2  H N N 484 
TRP HB3  H N N 485 
TRP HD1  H N N 486 
TRP HE1  H N N 487 
TRP HE3  H N N 488 
TRP HZ2  H N N 489 
TRP HZ3  H N N 490 
TRP HH2  H N N 491 
TRP HXT  H N N 492 
TYR N    N N N 493 
TYR CA   C N S 494 
TYR C    C N N 495 
TYR O    O N N 496 
TYR CB   C N N 497 
TYR CG   C Y N 498 
TYR CD1  C Y N 499 
TYR CD2  C Y N 500 
TYR CE1  C Y N 501 
TYR CE2  C Y N 502 
TYR CZ   C Y N 503 
TYR OH   O N N 504 
TYR OXT  O N N 505 
TYR H    H N N 506 
TYR H2   H N N 507 
TYR HA   H N N 508 
TYR HB2  H N N 509 
TYR HB3  H N N 510 
TYR HD1  H N N 511 
TYR HD2  H N N 512 
TYR HE1  H N N 513 
TYR HE2  H N N 514 
TYR HH   H N N 515 
TYR HXT  H N N 516 
VAL N    N N N 517 
VAL CA   C N S 518 
VAL C    C N N 519 
VAL O    O N N 520 
VAL CB   C N N 521 
VAL CG1  C N N 522 
VAL CG2  C N N 523 
VAL OXT  O N N 524 
VAL H    H N N 525 
VAL H2   H N N 526 
VAL HA   H N N 527 
VAL HB   H N N 528 
VAL HG11 H N N 529 
VAL HG12 H N N 530 
VAL HG13 H N N 531 
VAL HG21 H N N 532 
VAL HG22 H N N 533 
VAL HG23 H N N 534 
VAL HXT  H N N 535 
# 
loop_
_chem_comp_bond.comp_id 
_chem_comp_bond.atom_id_1 
_chem_comp_bond.atom_id_2 
_chem_comp_bond.value_order 
_chem_comp_bond.pdbx_aromatic_flag 
_chem_comp_bond.pdbx_stereo_config 
_chem_comp_bond.pdbx_ordinal 
3TL C31 O8   doub N N 1   
3TL C31 O9   sing N N 2   
3TL C31 N4   sing N N 3   
3TL O9  CA   sing N N 4   
3TL CA  C    sing N N 5   
3TL CA  HA1  sing N N 6   
3TL CA  HA2  sing N N 7   
3TL C   C13  doub Y N 8   
3TL C   C17  sing Y N 9   
3TL C13 C14  sing Y N 10  
3TL C13 H13  sing N N 11  
3TL C14 C15  doub Y N 12  
3TL C14 H14  sing N N 13  
3TL C15 C16  sing Y N 14  
3TL C15 H15  sing N N 15  
3TL C16 C17  doub Y N 16  
3TL C16 H16  sing N N 17  
3TL C17 H17  sing N N 18  
3TL N4  C18  sing N N 19  
3TL N4  HN4  sing N N 20  
3TL C18 C19  sing N N 21  
3TL C18 C20  sing N N 22  
3TL C18 H18  sing N N 23  
3TL C19 O4   doub N N 24  
3TL C19 N2   sing N N 25  
3TL C20 H201 sing N N 26  
3TL C20 H202 sing N N 27  
3TL C20 H203 sing N N 28  
3TL N2  C10  sing N N 29  
3TL N2  HN2  sing N N 30  
3TL C10 C11  sing N N 31  
3TL C10 C12  sing N N 32  
3TL C10 H10  sing N N 33  
3TL C11 O2   doub N N 34  
3TL C11 N1   sing N N 35  
3TL C12 CG2  sing N N 36  
3TL C12 CG1  sing N N 37  
3TL C12 H12  sing N N 38  
3TL CG2 HG21 sing N N 39  
3TL CG2 HG22 sing N N 40  
3TL CG2 HG23 sing N N 41  
3TL CG1 HG11 sing N N 42  
3TL CG1 HG12 sing N N 43  
3TL CG1 HG13 sing N N 44  
3TL C2  O1   sing N N 45  
3TL C2  C1   sing N N 46  
3TL C2  H2   sing N N 47  
3TL C2  C52  sing N N 48  
3TL O1  HO1  sing N N 49  
3TL C1  N1   sing N N 50  
3TL C1  C3   sing N N 51  
3TL C1  H1   sing N N 52  
3TL N1  HN1  sing N N 53  
3TL C3  C4   sing N N 54  
3TL C3  H31  sing N N 55  
3TL C3  H32  sing N N 56  
3TL C4  C5   doub Y N 57  
3TL C4  C9   sing Y N 58  
3TL C5  C6   sing Y N 59  
3TL C5  H5   sing N N 60  
3TL C9  C8   doub Y N 61  
3TL C9  H9   sing N N 62  
3TL C6  C7   doub Y N 63  
3TL C6  H6   sing N N 64  
3TL C8  C7   sing Y N 65  
3TL C8  H8   sing N N 66  
3TL C7  H7   sing N N 67  
3TL N51 C51  sing N N 68  
3TL N51 HN51 sing N N 69  
3TL N51 C61  sing N N 70  
3TL C51 C52  sing N N 71  
3TL C51 C53  sing N N 72  
3TL C51 H51  sing N N 73  
3TL C52 O51  sing N N 74  
3TL C52 H52  sing N N 75  
3TL O51 HO51 sing N N 76  
3TL C53 C54  sing N N 77  
3TL C53 H531 sing N N 78  
3TL C53 H532 sing N N 79  
3TL C54 C55  doub Y N 80  
3TL C54 C59  sing Y N 81  
3TL C55 C56  sing Y N 82  
3TL C55 H55  sing N N 83  
3TL C59 C58  doub Y N 84  
3TL C59 H59  sing N N 85  
3TL C56 C57  doub Y N 86  
3TL C56 H56  sing N N 87  
3TL C58 C57  sing Y N 88  
3TL C58 H58  sing N N 89  
3TL C57 H57  sing N N 90  
3TL N52 C60  sing N N 91  
3TL N52 HN52 sing N N 92  
3TL N52 C69  sing N N 93  
3TL C60 C61  sing N N 94  
3TL C60 C62  sing N N 95  
3TL C60 H60  sing N N 96  
3TL C61 O52  doub N N 97  
3TL C62 CG6  sing N N 98  
3TL C62 CG5  sing N N 99  
3TL C62 H62  sing N N 100 
3TL CG6 HG61 sing N N 101 
3TL CG6 HG62 sing N N 102 
3TL CG6 HG63 sing N N 103 
3TL CG5 HG51 sing N N 104 
3TL CG5 HG52 sing N N 105 
3TL CG5 HG53 sing N N 106 
3TL N54 C68  sing N N 107 
3TL N54 HN54 sing N N 108 
3TL N54 C81  sing N N 109 
3TL C68 C69  sing N N 110 
3TL C68 C70  sing N N 111 
3TL C68 H68  sing N N 112 
3TL C69 O54  doub N N 113 
3TL C70 H701 sing N N 114 
3TL C70 H702 sing N N 115 
3TL C70 H703 sing N N 116 
3TL C81 O58  doub N N 117 
3TL C81 O59  sing N N 118 
3TL O59 CA5  sing N N 119 
3TL CA5 C50  sing N N 120 
3TL CA5 HA51 sing N N 121 
3TL CA5 HA52 sing N N 122 
3TL C50 C63  doub Y N 123 
3TL C50 C67  sing Y N 124 
3TL C63 C64  sing Y N 125 
3TL C63 H63  sing N N 126 
3TL C64 C65  doub Y N 127 
3TL C64 H64  sing N N 128 
3TL C65 C66  sing Y N 129 
3TL C65 H65  sing N N 130 
3TL C66 C67  doub Y N 131 
3TL C66 H66  sing N N 132 
3TL C67 H67  sing N N 133 
9AY N5  C4   sing N N 134 
9AY C4  C6   doub Y N 135 
9AY C4  C3   sing Y N 136 
9AY N7  C6   sing N N 137 
9AY C6  C8   sing Y N 138 
9AY C3  C2   doub Y N 139 
9AY C8  C9   doub Y N 140 
9AY C2  C9   sing Y N 141 
9AY C2  C1   sing N N 142 
9AY C8  H1   sing N N 143 
9AY C9  H2   sing N N 144 
9AY C3  H3   sing N N 145 
9AY C1  H4   sing N N 146 
9AY C1  H5   sing N N 147 
9AY C1  H6   sing N N 148 
9AY N5  H7   sing N N 149 
9AY N5  H8   sing N N 150 
9AY N7  H9   sing N N 151 
9AY N7  H10  sing N N 152 
ALA N   CA   sing N N 153 
ALA N   H    sing N N 154 
ALA N   H2   sing N N 155 
ALA CA  C    sing N N 156 
ALA CA  CB   sing N N 157 
ALA CA  HA   sing N N 158 
ALA C   O    doub N N 159 
ALA C   OXT  sing N N 160 
ALA CB  HB1  sing N N 161 
ALA CB  HB2  sing N N 162 
ALA CB  HB3  sing N N 163 
ALA OXT HXT  sing N N 164 
ARG N   CA   sing N N 165 
ARG N   H    sing N N 166 
ARG N   H2   sing N N 167 
ARG CA  C    sing N N 168 
ARG CA  CB   sing N N 169 
ARG CA  HA   sing N N 170 
ARG C   O    doub N N 171 
ARG C   OXT  sing N N 172 
ARG CB  CG   sing N N 173 
ARG CB  HB2  sing N N 174 
ARG CB  HB3  sing N N 175 
ARG CG  CD   sing N N 176 
ARG CG  HG2  sing N N 177 
ARG CG  HG3  sing N N 178 
ARG CD  NE   sing N N 179 
ARG CD  HD2  sing N N 180 
ARG CD  HD3  sing N N 181 
ARG NE  CZ   sing N N 182 
ARG NE  HE   sing N N 183 
ARG CZ  NH1  sing N N 184 
ARG CZ  NH2  doub N N 185 
ARG NH1 HH11 sing N N 186 
ARG NH1 HH12 sing N N 187 
ARG NH2 HH21 sing N N 188 
ARG NH2 HH22 sing N N 189 
ARG OXT HXT  sing N N 190 
ASN N   CA   sing N N 191 
ASN N   H    sing N N 192 
ASN N   H2   sing N N 193 
ASN CA  C    sing N N 194 
ASN CA  CB   sing N N 195 
ASN CA  HA   sing N N 196 
ASN C   O    doub N N 197 
ASN C   OXT  sing N N 198 
ASN CB  CG   sing N N 199 
ASN CB  HB2  sing N N 200 
ASN CB  HB3  sing N N 201 
ASN CG  OD1  doub N N 202 
ASN CG  ND2  sing N N 203 
ASN ND2 HD21 sing N N 204 
ASN ND2 HD22 sing N N 205 
ASN OXT HXT  sing N N 206 
ASP N   CA   sing N N 207 
ASP N   H    sing N N 208 
ASP N   H2   sing N N 209 
ASP CA  C    sing N N 210 
ASP CA  CB   sing N N 211 
ASP CA  HA   sing N N 212 
ASP C   O    doub N N 213 
ASP C   OXT  sing N N 214 
ASP CB  CG   sing N N 215 
ASP CB  HB2  sing N N 216 
ASP CB  HB3  sing N N 217 
ASP CG  OD1  doub N N 218 
ASP CG  OD2  sing N N 219 
ASP OD2 HD2  sing N N 220 
ASP OXT HXT  sing N N 221 
CYS N   CA   sing N N 222 
CYS N   H    sing N N 223 
CYS N   H2   sing N N 224 
CYS CA  C    sing N N 225 
CYS CA  CB   sing N N 226 
CYS CA  HA   sing N N 227 
CYS C   O    doub N N 228 
CYS C   OXT  sing N N 229 
CYS CB  SG   sing N N 230 
CYS CB  HB2  sing N N 231 
CYS CB  HB3  sing N N 232 
CYS SG  HG   sing N N 233 
CYS OXT HXT  sing N N 234 
DMS S   O    doub N N 235 
DMS S   C1   sing N N 236 
DMS S   C2   sing N N 237 
DMS C1  H11  sing N N 238 
DMS C1  H12  sing N N 239 
DMS C1  H13  sing N N 240 
DMS C2  H21  sing N N 241 
DMS C2  H22  sing N N 242 
DMS C2  H23  sing N N 243 
GLN N   CA   sing N N 244 
GLN N   H    sing N N 245 
GLN N   H2   sing N N 246 
GLN CA  C    sing N N 247 
GLN CA  CB   sing N N 248 
GLN CA  HA   sing N N 249 
GLN C   O    doub N N 250 
GLN C   OXT  sing N N 251 
GLN CB  CG   sing N N 252 
GLN CB  HB2  sing N N 253 
GLN CB  HB3  sing N N 254 
GLN CG  CD   sing N N 255 
GLN CG  HG2  sing N N 256 
GLN CG  HG3  sing N N 257 
GLN CD  OE1  doub N N 258 
GLN CD  NE2  sing N N 259 
GLN NE2 HE21 sing N N 260 
GLN NE2 HE22 sing N N 261 
GLN OXT HXT  sing N N 262 
GLU N   CA   sing N N 263 
GLU N   H    sing N N 264 
GLU N   H2   sing N N 265 
GLU CA  C    sing N N 266 
GLU CA  CB   sing N N 267 
GLU CA  HA   sing N N 268 
GLU C   O    doub N N 269 
GLU C   OXT  sing N N 270 
GLU CB  CG   sing N N 271 
GLU CB  HB2  sing N N 272 
GLU CB  HB3  sing N N 273 
GLU CG  CD   sing N N 274 
GLU CG  HG2  sing N N 275 
GLU CG  HG3  sing N N 276 
GLU CD  OE1  doub N N 277 
GLU CD  OE2  sing N N 278 
GLU OE2 HE2  sing N N 279 
GLU OXT HXT  sing N N 280 
GLY N   CA   sing N N 281 
GLY N   H    sing N N 282 
GLY N   H2   sing N N 283 
GLY CA  C    sing N N 284 
GLY CA  HA2  sing N N 285 
GLY CA  HA3  sing N N 286 
GLY C   O    doub N N 287 
GLY C   OXT  sing N N 288 
GLY OXT HXT  sing N N 289 
HIS N   CA   sing N N 290 
HIS N   H    sing N N 291 
HIS N   H2   sing N N 292 
HIS CA  C    sing N N 293 
HIS CA  CB   sing N N 294 
HIS CA  HA   sing N N 295 
HIS C   O    doub N N 296 
HIS C   OXT  sing N N 297 
HIS CB  CG   sing N N 298 
HIS CB  HB2  sing N N 299 
HIS CB  HB3  sing N N 300 
HIS CG  ND1  sing Y N 301 
HIS CG  CD2  doub Y N 302 
HIS ND1 CE1  doub Y N 303 
HIS ND1 HD1  sing N N 304 
HIS CD2 NE2  sing Y N 305 
HIS CD2 HD2  sing N N 306 
HIS CE1 NE2  sing Y N 307 
HIS CE1 HE1  sing N N 308 
HIS NE2 HE2  sing N N 309 
HIS OXT HXT  sing N N 310 
HOH O   H1   sing N N 311 
HOH O   H2   sing N N 312 
ILE N   CA   sing N N 313 
ILE N   H    sing N N 314 
ILE N   H2   sing N N 315 
ILE CA  C    sing N N 316 
ILE CA  CB   sing N N 317 
ILE CA  HA   sing N N 318 
ILE C   O    doub N N 319 
ILE C   OXT  sing N N 320 
ILE CB  CG1  sing N N 321 
ILE CB  CG2  sing N N 322 
ILE CB  HB   sing N N 323 
ILE CG1 CD1  sing N N 324 
ILE CG1 HG12 sing N N 325 
ILE CG1 HG13 sing N N 326 
ILE CG2 HG21 sing N N 327 
ILE CG2 HG22 sing N N 328 
ILE CG2 HG23 sing N N 329 
ILE CD1 HD11 sing N N 330 
ILE CD1 HD12 sing N N 331 
ILE CD1 HD13 sing N N 332 
ILE OXT HXT  sing N N 333 
LEU N   CA   sing N N 334 
LEU N   H    sing N N 335 
LEU N   H2   sing N N 336 
LEU CA  C    sing N N 337 
LEU CA  CB   sing N N 338 
LEU CA  HA   sing N N 339 
LEU C   O    doub N N 340 
LEU C   OXT  sing N N 341 
LEU CB  CG   sing N N 342 
LEU CB  HB2  sing N N 343 
LEU CB  HB3  sing N N 344 
LEU CG  CD1  sing N N 345 
LEU CG  CD2  sing N N 346 
LEU CG  HG   sing N N 347 
LEU CD1 HD11 sing N N 348 
LEU CD1 HD12 sing N N 349 
LEU CD1 HD13 sing N N 350 
LEU CD2 HD21 sing N N 351 
LEU CD2 HD22 sing N N 352 
LEU CD2 HD23 sing N N 353 
LEU OXT HXT  sing N N 354 
LYS N   CA   sing N N 355 
LYS N   H    sing N N 356 
LYS N   H2   sing N N 357 
LYS CA  C    sing N N 358 
LYS CA  CB   sing N N 359 
LYS CA  HA   sing N N 360 
LYS C   O    doub N N 361 
LYS C   OXT  sing N N 362 
LYS CB  CG   sing N N 363 
LYS CB  HB2  sing N N 364 
LYS CB  HB3  sing N N 365 
LYS CG  CD   sing N N 366 
LYS CG  HG2  sing N N 367 
LYS CG  HG3  sing N N 368 
LYS CD  CE   sing N N 369 
LYS CD  HD2  sing N N 370 
LYS CD  HD3  sing N N 371 
LYS CE  NZ   sing N N 372 
LYS CE  HE2  sing N N 373 
LYS CE  HE3  sing N N 374 
LYS NZ  HZ1  sing N N 375 
LYS NZ  HZ2  sing N N 376 
LYS NZ  HZ3  sing N N 377 
LYS OXT HXT  sing N N 378 
MET N   CA   sing N N 379 
MET N   H    sing N N 380 
MET N   H2   sing N N 381 
MET CA  C    sing N N 382 
MET CA  CB   sing N N 383 
MET CA  HA   sing N N 384 
MET C   O    doub N N 385 
MET C   OXT  sing N N 386 
MET CB  CG   sing N N 387 
MET CB  HB2  sing N N 388 
MET CB  HB3  sing N N 389 
MET CG  SD   sing N N 390 
MET CG  HG2  sing N N 391 
MET CG  HG3  sing N N 392 
MET SD  CE   sing N N 393 
MET CE  HE1  sing N N 394 
MET CE  HE2  sing N N 395 
MET CE  HE3  sing N N 396 
MET OXT HXT  sing N N 397 
PHE N   CA   sing N N 398 
PHE N   H    sing N N 399 
PHE N   H2   sing N N 400 
PHE CA  C    sing N N 401 
PHE CA  CB   sing N N 402 
PHE CA  HA   sing N N 403 
PHE C   O    doub N N 404 
PHE C   OXT  sing N N 405 
PHE CB  CG   sing N N 406 
PHE CB  HB2  sing N N 407 
PHE CB  HB3  sing N N 408 
PHE CG  CD1  doub Y N 409 
PHE CG  CD2  sing Y N 410 
PHE CD1 CE1  sing Y N 411 
PHE CD1 HD1  sing N N 412 
PHE CD2 CE2  doub Y N 413 
PHE CD2 HD2  sing N N 414 
PHE CE1 CZ   doub Y N 415 
PHE CE1 HE1  sing N N 416 
PHE CE2 CZ   sing Y N 417 
PHE CE2 HE2  sing N N 418 
PHE CZ  HZ   sing N N 419 
PHE OXT HXT  sing N N 420 
PRO N   CA   sing N N 421 
PRO N   CD   sing N N 422 
PRO N   H    sing N N 423 
PRO CA  C    sing N N 424 
PRO CA  CB   sing N N 425 
PRO CA  HA   sing N N 426 
PRO C   O    doub N N 427 
PRO C   OXT  sing N N 428 
PRO CB  CG   sing N N 429 
PRO CB  HB2  sing N N 430 
PRO CB  HB3  sing N N 431 
PRO CG  CD   sing N N 432 
PRO CG  HG2  sing N N 433 
PRO CG  HG3  sing N N 434 
PRO CD  HD2  sing N N 435 
PRO CD  HD3  sing N N 436 
PRO OXT HXT  sing N N 437 
THR N   CA   sing N N 438 
THR N   H    sing N N 439 
THR N   H2   sing N N 440 
THR CA  C    sing N N 441 
THR CA  CB   sing N N 442 
THR CA  HA   sing N N 443 
THR C   O    doub N N 444 
THR C   OXT  sing N N 445 
THR CB  OG1  sing N N 446 
THR CB  CG2  sing N N 447 
THR CB  HB   sing N N 448 
THR OG1 HG1  sing N N 449 
THR CG2 HG21 sing N N 450 
THR CG2 HG22 sing N N 451 
THR CG2 HG23 sing N N 452 
THR OXT HXT  sing N N 453 
TRP N   CA   sing N N 454 
TRP N   H    sing N N 455 
TRP N   H2   sing N N 456 
TRP CA  C    sing N N 457 
TRP CA  CB   sing N N 458 
TRP CA  HA   sing N N 459 
TRP C   O    doub N N 460 
TRP C   OXT  sing N N 461 
TRP CB  CG   sing N N 462 
TRP CB  HB2  sing N N 463 
TRP CB  HB3  sing N N 464 
TRP CG  CD1  doub Y N 465 
TRP CG  CD2  sing Y N 466 
TRP CD1 NE1  sing Y N 467 
TRP CD1 HD1  sing N N 468 
TRP CD2 CE2  doub Y N 469 
TRP CD2 CE3  sing Y N 470 
TRP NE1 CE2  sing Y N 471 
TRP NE1 HE1  sing N N 472 
TRP CE2 CZ2  sing Y N 473 
TRP CE3 CZ3  doub Y N 474 
TRP CE3 HE3  sing N N 475 
TRP CZ2 CH2  doub Y N 476 
TRP CZ2 HZ2  sing N N 477 
TRP CZ3 CH2  sing Y N 478 
TRP CZ3 HZ3  sing N N 479 
TRP CH2 HH2  sing N N 480 
TRP OXT HXT  sing N N 481 
TYR N   CA   sing N N 482 
TYR N   H    sing N N 483 
TYR N   H2   sing N N 484 
TYR CA  C    sing N N 485 
TYR CA  CB   sing N N 486 
TYR CA  HA   sing N N 487 
TYR C   O    doub N N 488 
TYR C   OXT  sing N N 489 
TYR CB  CG   sing N N 490 
TYR CB  HB2  sing N N 491 
TYR CB  HB3  sing N N 492 
TYR CG  CD1  doub Y N 493 
TYR CG  CD2  sing Y N 494 
TYR CD1 CE1  sing Y N 495 
TYR CD1 HD1  sing N N 496 
TYR CD2 CE2  doub Y N 497 
TYR CD2 HD2  sing N N 498 
TYR CE1 CZ   doub Y N 499 
TYR CE1 HE1  sing N N 500 
TYR CE2 CZ   sing Y N 501 
TYR CE2 HE2  sing N N 502 
TYR CZ  OH   sing N N 503 
TYR OH  HH   sing N N 504 
TYR OXT HXT  sing N N 505 
VAL N   CA   sing N N 506 
VAL N   H    sing N N 507 
VAL N   H2   sing N N 508 
VAL CA  C    sing N N 509 
VAL CA  CB   sing N N 510 
VAL CA  HA   sing N N 511 
VAL C   O    doub N N 512 
VAL C   OXT  sing N N 513 
VAL CB  CG1  sing N N 514 
VAL CB  CG2  sing N N 515 
VAL CB  HB   sing N N 516 
VAL CG1 HG11 sing N N 517 
VAL CG1 HG12 sing N N 518 
VAL CG1 HG13 sing N N 519 
VAL CG2 HG21 sing N N 520 
VAL CG2 HG22 sing N N 521 
VAL CG2 HG23 sing N N 522 
VAL OXT HXT  sing N N 523 
# 
loop_
_pdbx_entity_nonpoly.entity_id 
_pdbx_entity_nonpoly.name 
_pdbx_entity_nonpoly.comp_id 
2 
;benzyl [(1S,4S,7S,8R,9R,10S,13S,16S)-7,10-dibenzyl-8,9-dihydroxy-1,16-dimethyl-4,13-bis(1-methylethyl)-2,5,12,15,18-pentaoxo-20-phenyl-19-oxa-3,6,11,14,17-pentaazaicos-1-yl]carbamate
;
3TL 
3 4-methylbenzene-1,2-diamine 9AY 
4 'DIMETHYL SULFOXIDE' DMS 
5 water HOH 
# 
_pdbx_initial_refinement_model.id               1 
_pdbx_initial_refinement_model.entity_id_list   ? 
_pdbx_initial_refinement_model.type             'experimental model' 
_pdbx_initial_refinement_model.source_name      PDB 
_pdbx_initial_refinement_model.accession_code   2AZ8 
_pdbx_initial_refinement_model.details          ? 
# 
_pdbx_struct_assembly_auth_evidence.id                     1 
_pdbx_struct_assembly_auth_evidence.assembly_id            1 
_pdbx_struct_assembly_auth_evidence.experimental_support   none 
_pdbx_struct_assembly_auth_evidence.details                ? 
# 
